data_6FE8
#
_entry.id   6FE8
#
_cell.length_a   1.000
_cell.length_b   1.000
_cell.length_c   1.000
_cell.angle_alpha   90.00
_cell.angle_beta   90.00
_cell.angle_gamma   90.00
#
_symmetry.space_group_name_H-M   'P 1'
#
loop_
_entity.id
_entity.type
_entity.pdbx_description
1 polymer 'Centromere DNA-binding protein complex CBF3 subunit B'
2 polymer 'Suppressor of kinetochore protein 1'
3 polymer 'Centromere DNA-binding protein complex CBF3 subunit C'
#
loop_
_entity_poly.entity_id
_entity_poly.type
_entity_poly.pdbx_seq_one_letter_code
_entity_poly.pdbx_strand_id
1 'polypeptide(L)'
;MGGSSHHHHHHSSGLVPRGSHMKLITASSSKEYLPDLLLFWQNYEYWITNIGLYKTKQRDLTRTPANLDTDTEECMFWMN
YLQKDQSFQLMNFAMENLGALYFGSIGDISELYLRVEQYWDRRADKNHSVDGKYWDALIWSVFTMCIYYMPVEKLAEIFS
VYPLHEYLGSNKRLNWEDGMQLVMCQNFARCSLFQLKQCDFMAHPDIRLVQAYLILATTTFPYDEPLLANSLLTQCIHTF
KNFHVDDFRPLLNDDPVESIAKVTLGRIFYRLCGCDYLQSGPRKPIALHTEVSSLLQHAAYLQDLPNVDVYREENSTEVL
YWKIISLDRDLDQYLNKSSKPPLKTLDAIRRELDIFQYKVDSLEEDFRSNNSRFQKFIALFQISTVSWKLFKMYLIYYDT
ADSLLKVIHYSKVIISLIVNNFHAKSEFFNRHPMVMQTITRVVSFISFYQIFVESAAVKQLLVDLTELTANLPTIFGSKL
DKLVYLTERLSKLKLLWDKVQLLDSGDSFYHPVFKILQNDIKIIELKNDEMFSLIKGLGSLVPLNKLRQESLLEEEDENN
TEPSDFRTIVEEFQSEYNISDILS
;
A,B
2 'polypeptide(L)'
;MGVTSNVVLVSGEGERFTVDKKIAERSLLLKNYLNDMHDSNLQNNSDSESDSDSETNHKSKDNNNGDDDDEDDDEIVMPV
PNVRSSVLQKVIEWAEHHRDSNFPDEDDDDSRKSAPVDSWDREFLKVDQEMLYEIILAANYLNIKPLLDAGCKVVAEMIR
GRSPEEIRRTFNIVNDFTPEEEAAIRRENEWAEDRGS
;
C
3 'polypeptide(L)'
;MGPSFNPVRFLELPIDIRKEVYFHLDGNFCGAHPYPIDILYKSNDVELPGKPSYKRSKRSKKLLRYMYPVFATYLNIFEY
SPQLIEKWLEYAFWLRYDCLVLDCFKVNHLYDGTLIDALEWTYLDNELRLAYFNKASMLEVWYTFKEYKKWVIDSVAFDE
LDLLNVSNIQFNIDNLTPQLVDKCLSILEQKDLFATIGEVQFGQDEEVGEEKDVDVSGANSDENSSPSSTIKNKKRSASK
RSHSDNGNVGATHNQLTSISVIRTIRSMESMKSLRKITVRGEKLYELLINFHGFRDNPGKTISYIVKRRINEIRLSRMNQ
ISRTGLADFTRWDNLQKLVLSRVAYIDLNSIVFPKNFKSLTMKRVSKIKWWNIEENILKELKVDKRTFKSLYIKEDDSKF
TKFFNLRHTRIKELDKSEINQITYLRCQAIVWLSFRTLNHIKLQNVSEVFNNIIVPRALFDSKRVEIYRCEKISQVLVIG
SRSGSENLYFQGSKRRWKKNFIAVSAANRFKKISSSGAL
;
D
#
# COMPACT_ATOMS: atom_id res chain seq x y z
N SER A 30 -38.88 25.52 0.82
CA SER A 30 -37.48 25.59 0.44
C SER A 30 -36.97 24.24 0.00
N LYS A 31 -36.00 24.24 -0.92
CA LYS A 31 -35.37 23.05 -1.45
C LYS A 31 -33.86 23.13 -1.29
N GLU A 32 -33.42 23.53 -0.10
CA GLU A 32 -32.00 23.64 0.22
C GLU A 32 -31.52 22.53 1.15
N TYR A 33 -32.34 21.52 1.40
CA TYR A 33 -31.92 20.35 2.17
C TYR A 33 -31.07 19.39 1.36
N LEU A 34 -30.97 19.61 0.06
CA LEU A 34 -30.32 18.68 -0.87
C LEU A 34 -28.79 18.57 -0.76
N PRO A 35 -27.99 19.65 -0.63
CA PRO A 35 -26.52 19.44 -0.63
C PRO A 35 -25.99 18.70 0.59
N ASP A 36 -26.52 18.99 1.78
CA ASP A 36 -26.12 18.24 2.97
C ASP A 36 -26.54 16.79 2.89
N LEU A 37 -27.66 16.52 2.21
CA LEU A 37 -28.12 15.15 2.06
C LEU A 37 -27.27 14.39 1.04
N LEU A 38 -26.82 15.08 -0.01
CA LEU A 38 -25.90 14.46 -0.95
C LEU A 38 -24.54 14.20 -0.30
N LEU A 39 -24.10 15.08 0.58
CA LEU A 39 -22.89 14.80 1.35
C LEU A 39 -23.09 13.66 2.33
N PHE A 40 -24.30 13.47 2.84
CA PHE A 40 -24.61 12.31 3.68
C PHE A 40 -24.65 11.01 2.88
N TRP A 41 -24.91 11.10 1.58
CA TRP A 41 -24.84 9.92 0.73
C TRP A 41 -23.46 9.27 0.72
N GLN A 42 -22.39 10.05 0.86
CA GLN A 42 -21.04 9.47 0.89
C GLN A 42 -20.84 8.58 2.11
N ASN A 43 -21.33 9.04 3.26
CA ASN A 43 -21.27 8.25 4.48
C ASN A 43 -22.15 7.00 4.36
N TYR A 44 -23.33 7.15 3.75
CA TYR A 44 -24.25 6.03 3.60
C TYR A 44 -23.70 5.01 2.60
N GLU A 45 -23.02 5.49 1.56
CA GLU A 45 -22.45 4.60 0.55
C GLU A 45 -21.24 3.86 1.10
N TYR A 46 -20.47 4.50 1.98
CA TYR A 46 -19.36 3.80 2.61
C TYR A 46 -19.86 2.71 3.55
N TRP A 47 -20.85 3.01 4.39
CA TRP A 47 -21.17 2.04 5.42
C TRP A 47 -22.24 1.01 5.04
N ILE A 48 -23.15 1.33 4.12
CA ILE A 48 -24.20 0.37 3.78
C ILE A 48 -23.80 -0.46 2.57
N THR A 49 -23.48 0.22 1.46
CA THR A 49 -23.24 -0.47 0.21
C THR A 49 -21.88 -1.16 0.17
N ASN A 50 -20.85 -0.54 0.75
CA ASN A 50 -19.50 -1.07 0.64
C ASN A 50 -19.17 -2.03 1.79
N ILE A 51 -19.22 -1.54 3.03
CA ILE A 51 -18.75 -2.35 4.15
C ILE A 51 -19.83 -3.33 4.59
N GLY A 52 -21.03 -2.83 4.87
CA GLY A 52 -22.06 -3.63 5.49
C GLY A 52 -22.71 -4.67 4.61
N LEU A 53 -22.51 -4.61 3.30
CA LEU A 53 -23.14 -5.56 2.41
C LEU A 53 -22.21 -6.71 2.02
N TYR A 54 -20.92 -6.42 1.87
CA TYR A 54 -19.95 -7.43 1.46
C TYR A 54 -19.00 -7.85 2.57
N LYS A 55 -18.57 -6.91 3.41
CA LYS A 55 -17.37 -7.06 4.21
C LYS A 55 -17.67 -7.12 5.71
N THR A 56 -18.88 -7.56 6.06
CA THR A 56 -19.30 -7.66 7.45
C THR A 56 -19.92 -9.03 7.67
N LYS A 57 -19.39 -9.77 8.64
CA LYS A 57 -19.92 -11.09 8.98
C LYS A 57 -20.20 -11.13 10.47
N GLN A 58 -21.48 -11.34 10.81
CA GLN A 58 -21.89 -11.50 12.20
C GLN A 58 -21.37 -12.83 12.75
N ARG A 59 -20.36 -12.78 13.60
CA ARG A 59 -19.83 -13.98 14.20
C ARG A 59 -20.28 -14.07 15.65
N ASP A 60 -20.35 -15.30 16.16
CA ASP A 60 -20.66 -15.52 17.57
C ASP A 60 -19.95 -16.82 17.95
N LEU A 61 -18.89 -16.69 18.74
CA LEU A 61 -17.96 -17.79 18.92
C LEU A 61 -18.48 -18.85 19.90
N THR A 62 -19.54 -18.56 20.64
CA THR A 62 -20.18 -19.58 21.46
C THR A 62 -21.22 -20.39 20.70
N ARG A 63 -21.39 -20.14 19.40
CA ARG A 63 -22.41 -20.81 18.60
C ARG A 63 -21.90 -21.40 17.30
N THR A 64 -20.72 -21.00 16.83
CA THR A 64 -20.16 -21.63 15.64
C THR A 64 -19.67 -23.03 15.99
N PRO A 65 -20.03 -24.05 15.20
CA PRO A 65 -19.47 -25.38 15.43
C PRO A 65 -17.99 -25.42 15.11
N ALA A 66 -17.24 -26.15 15.92
CA ALA A 66 -15.81 -26.28 15.71
C ALA A 66 -15.54 -27.18 14.50
N ASN A 67 -14.32 -27.09 13.98
CA ASN A 67 -13.95 -27.79 12.75
C ASN A 67 -13.37 -29.17 13.08
N LEU A 68 -14.21 -29.98 13.73
CA LEU A 68 -13.78 -31.33 14.12
C LEU A 68 -13.77 -32.27 12.94
N ASP A 69 -14.54 -31.97 11.89
CA ASP A 69 -14.45 -32.71 10.64
C ASP A 69 -13.12 -32.41 9.93
N THR A 70 -12.54 -31.23 10.19
CA THR A 70 -11.31 -30.71 9.59
C THR A 70 -11.37 -30.63 8.07
N ASP A 71 -12.58 -30.57 7.50
CA ASP A 71 -12.87 -30.60 6.06
C ASP A 71 -12.22 -31.79 5.36
N THR A 72 -12.09 -32.92 6.07
CA THR A 72 -11.38 -34.06 5.51
C THR A 72 -12.31 -34.95 4.71
N GLU A 73 -13.46 -35.32 5.29
CA GLU A 73 -14.45 -36.13 4.58
C GLU A 73 -15.05 -35.36 3.41
N GLU A 74 -15.33 -34.07 3.64
CA GLU A 74 -16.02 -33.24 2.64
C GLU A 74 -15.13 -33.01 1.43
N CYS A 75 -13.90 -32.54 1.65
CA CYS A 75 -13.00 -32.37 0.53
C CYS A 75 -12.44 -33.68 0.00
N MET A 76 -12.47 -34.76 0.78
CA MET A 76 -12.17 -36.08 0.23
C MET A 76 -13.19 -36.45 -0.84
N PHE A 77 -14.47 -36.19 -0.55
CA PHE A 77 -15.51 -36.43 -1.55
C PHE A 77 -15.37 -35.48 -2.74
N TRP A 78 -15.19 -34.18 -2.49
CA TRP A 78 -15.12 -33.24 -3.60
C TRP A 78 -13.77 -33.27 -4.34
N MET A 79 -12.81 -34.08 -3.88
CA MET A 79 -11.60 -34.37 -4.65
C MET A 79 -11.71 -35.67 -5.45
N ASN A 80 -12.32 -36.72 -4.90
CA ASN A 80 -12.45 -37.92 -5.73
C ASN A 80 -13.72 -37.93 -6.58
N TYR A 81 -14.58 -36.91 -6.45
CA TYR A 81 -15.72 -36.78 -7.35
C TYR A 81 -15.26 -36.48 -8.78
N LEU A 82 -14.23 -35.65 -8.92
CA LEU A 82 -13.72 -35.28 -10.23
C LEU A 82 -13.03 -36.47 -10.90
N GLN A 83 -13.08 -36.50 -12.22
CA GLN A 83 -12.37 -37.47 -13.02
C GLN A 83 -11.36 -36.76 -13.90
N LYS A 84 -10.68 -37.53 -14.75
CA LYS A 84 -9.53 -37.00 -15.48
C LYS A 84 -9.97 -36.21 -16.71
N ASP A 85 -10.89 -36.80 -17.51
CA ASP A 85 -11.36 -36.15 -18.73
C ASP A 85 -12.12 -34.86 -18.43
N GLN A 86 -12.88 -34.84 -17.33
CA GLN A 86 -13.54 -33.62 -16.89
C GLN A 86 -12.53 -32.53 -16.56
N SER A 87 -11.43 -32.92 -15.92
CA SER A 87 -10.38 -31.96 -15.57
C SER A 87 -9.72 -31.38 -16.81
N PHE A 88 -9.43 -32.24 -17.81
CA PHE A 88 -8.81 -31.72 -19.03
C PHE A 88 -9.78 -30.90 -19.86
N GLN A 89 -11.08 -31.18 -19.80
CA GLN A 89 -12.03 -30.31 -20.47
C GLN A 89 -12.15 -28.95 -19.79
N LEU A 90 -12.09 -28.91 -18.46
CA LEU A 90 -12.04 -27.64 -17.74
C LEU A 90 -10.78 -26.85 -18.10
N MET A 91 -9.65 -27.55 -18.22
CA MET A 91 -8.40 -26.90 -18.61
C MET A 91 -8.44 -26.40 -20.04
N ASN A 92 -9.12 -27.11 -20.94
CA ASN A 92 -9.24 -26.63 -22.32
C ASN A 92 -10.15 -25.41 -22.41
N PHE A 93 -11.24 -25.41 -21.63
CA PHE A 93 -12.14 -24.26 -21.54
C PHE A 93 -11.39 -23.02 -21.04
N ALA A 94 -10.59 -23.18 -19.99
CA ALA A 94 -9.81 -22.06 -19.48
C ALA A 94 -8.67 -21.70 -20.44
N MET A 95 -8.19 -22.68 -21.21
CA MET A 95 -7.09 -22.41 -22.12
C MET A 95 -7.55 -21.58 -23.30
N GLU A 96 -8.79 -21.77 -23.74
CA GLU A 96 -9.27 -21.04 -24.90
C GLU A 96 -10.20 -19.88 -24.56
N ASN A 97 -10.55 -19.69 -23.29
CA ASN A 97 -11.38 -18.53 -22.96
C ASN A 97 -10.77 -17.56 -21.96
N LEU A 98 -10.35 -18.05 -20.79
CA LEU A 98 -10.20 -17.24 -19.60
C LEU A 98 -8.79 -16.70 -19.39
N GLY A 99 -8.01 -16.52 -20.46
CA GLY A 99 -6.59 -16.29 -20.32
C GLY A 99 -6.24 -14.93 -19.73
N ALA A 100 -7.15 -13.96 -19.82
CA ALA A 100 -6.87 -12.62 -19.32
C ALA A 100 -6.87 -12.58 -17.79
N LEU A 101 -7.41 -13.60 -17.14
CA LEU A 101 -7.45 -13.63 -15.68
C LEU A 101 -6.19 -14.26 -15.10
N TYR A 102 -5.79 -15.43 -15.61
CA TYR A 102 -4.66 -16.14 -15.03
C TYR A 102 -3.34 -15.86 -15.72
N PHE A 103 -3.34 -15.17 -16.87
CA PHE A 103 -2.13 -15.09 -17.69
C PHE A 103 -1.05 -14.24 -17.01
N GLY A 104 -1.45 -13.27 -16.19
CA GLY A 104 -0.47 -12.56 -15.40
C GLY A 104 -0.05 -13.31 -14.15
N SER A 105 -0.96 -14.11 -13.59
CA SER A 105 -0.68 -14.80 -12.34
C SER A 105 0.25 -15.99 -12.55
N ILE A 106 -0.20 -16.99 -13.31
CA ILE A 106 0.58 -18.21 -13.45
C ILE A 106 1.44 -18.18 -14.70
N GLY A 107 1.04 -17.39 -15.69
CA GLY A 107 1.78 -17.34 -16.94
C GLY A 107 1.04 -18.04 -18.07
N ASP A 108 1.73 -18.91 -18.80
CA ASP A 108 1.13 -19.66 -19.89
C ASP A 108 0.71 -21.03 -19.38
N ILE A 109 -0.53 -21.42 -19.69
CA ILE A 109 -1.13 -22.60 -19.09
C ILE A 109 -0.73 -23.90 -19.79
N SER A 110 -0.03 -23.81 -20.93
CA SER A 110 0.47 -25.02 -21.59
C SER A 110 1.57 -25.68 -20.78
N GLU A 111 2.23 -24.91 -19.91
CA GLU A 111 3.16 -25.48 -18.94
C GLU A 111 2.43 -26.30 -17.89
N LEU A 112 1.16 -26.01 -17.65
CA LEU A 112 0.43 -26.60 -16.52
C LEU A 112 -0.23 -27.93 -16.87
N TYR A 113 -0.28 -28.30 -18.16
CA TYR A 113 -0.77 -29.62 -18.54
C TYR A 113 0.14 -30.72 -17.99
N LEU A 114 1.44 -30.46 -17.94
CA LEU A 114 2.37 -31.36 -17.29
C LEU A 114 2.07 -31.49 -15.80
N ARG A 115 1.68 -30.39 -15.16
CA ARG A 115 1.36 -30.44 -13.73
C ARG A 115 0.06 -31.20 -13.48
N VAL A 116 -0.89 -31.09 -14.40
CA VAL A 116 -2.12 -31.87 -14.27
C VAL A 116 -1.84 -33.36 -14.46
N GLU A 117 -0.97 -33.70 -15.43
CA GLU A 117 -0.52 -35.07 -15.62
C GLU A 117 0.20 -35.61 -14.38
N GLN A 118 1.05 -34.77 -13.77
CA GLN A 118 1.76 -35.17 -12.56
C GLN A 118 0.82 -35.35 -11.38
N TYR A 119 -0.26 -34.56 -11.31
CA TYR A 119 -1.24 -34.76 -10.26
C TYR A 119 -1.99 -36.08 -10.45
N TRP A 120 -2.39 -36.37 -11.68
CA TRP A 120 -3.12 -37.62 -11.89
C TRP A 120 -2.23 -38.84 -11.86
N ASP A 121 -0.90 -38.67 -11.94
CA ASP A 121 0.01 -39.78 -11.69
C ASP A 121 0.38 -39.91 -10.21
N ARG A 122 0.50 -38.79 -9.50
CA ARG A 122 0.90 -38.74 -8.10
C ARG A 122 -0.29 -38.91 -7.16
N ARG A 123 -1.50 -39.01 -7.70
CA ARG A 123 -2.69 -39.28 -6.91
C ARG A 123 -2.61 -40.63 -6.20
N ALA A 124 -1.97 -41.61 -6.83
CA ALA A 124 -1.85 -42.93 -6.23
C ALA A 124 -0.74 -43.02 -5.18
N ASP A 125 0.10 -42.00 -5.06
CA ASP A 125 1.22 -42.06 -4.13
C ASP A 125 0.75 -41.85 -2.70
N LYS A 126 1.34 -42.60 -1.78
CA LYS A 126 0.96 -42.51 -0.37
C LYS A 126 1.84 -41.54 0.41
N ASN A 127 2.96 -41.13 -0.16
CA ASN A 127 3.82 -40.09 0.42
C ASN A 127 3.93 -38.94 -0.57
N HIS A 128 3.44 -37.78 -0.18
CA HIS A 128 3.55 -36.57 -0.98
C HIS A 128 4.63 -35.65 -0.42
N SER A 129 5.09 -34.75 -1.28
CA SER A 129 6.01 -33.70 -0.88
C SER A 129 5.25 -32.38 -0.75
N VAL A 130 5.93 -31.39 -0.19
CA VAL A 130 5.31 -30.07 0.00
C VAL A 130 5.13 -29.38 -1.35
N ASP A 131 6.12 -29.53 -2.24
CA ASP A 131 6.08 -28.89 -3.55
C ASP A 131 4.96 -29.46 -4.41
N GLY A 132 4.78 -30.78 -4.38
CA GLY A 132 3.71 -31.39 -5.14
C GLY A 132 2.32 -30.97 -4.67
N LYS A 133 2.15 -30.88 -3.35
CA LYS A 133 0.87 -30.41 -2.82
C LYS A 133 0.65 -28.93 -3.12
N TYR A 134 1.72 -28.14 -3.23
CA TYR A 134 1.56 -26.76 -3.70
C TYR A 134 1.07 -26.70 -5.14
N TRP A 135 1.63 -27.53 -6.02
CA TRP A 135 1.14 -27.57 -7.40
C TRP A 135 -0.30 -28.07 -7.47
N ASP A 136 -0.67 -29.00 -6.58
CA ASP A 136 -2.03 -29.50 -6.56
C ASP A 136 -3.02 -28.46 -6.06
N ALA A 137 -2.62 -27.66 -5.06
CA ALA A 137 -3.48 -26.56 -4.61
C ALA A 137 -3.65 -25.50 -5.68
N LEU A 138 -2.58 -25.24 -6.45
CA LEU A 138 -2.69 -24.27 -7.54
C LEU A 138 -3.64 -24.75 -8.62
N ILE A 139 -3.55 -26.01 -9.02
CA ILE A 139 -4.45 -26.49 -10.08
C ILE A 139 -5.88 -26.70 -9.57
N TRP A 140 -6.08 -26.93 -8.28
CA TRP A 140 -7.44 -26.95 -7.76
C TRP A 140 -8.05 -25.55 -7.71
N SER A 141 -7.23 -24.53 -7.46
CA SER A 141 -7.74 -23.16 -7.58
C SER A 141 -8.09 -22.82 -9.03
N VAL A 142 -7.28 -23.30 -9.97
CA VAL A 142 -7.59 -23.12 -11.39
C VAL A 142 -8.89 -23.83 -11.76
N PHE A 143 -9.12 -25.02 -11.20
CA PHE A 143 -10.39 -25.72 -11.42
C PHE A 143 -11.57 -24.97 -10.81
N THR A 144 -11.35 -24.29 -9.68
CA THR A 144 -12.42 -23.48 -9.08
C THR A 144 -12.80 -22.31 -9.99
N MET A 145 -11.82 -21.66 -10.59
CA MET A 145 -12.10 -20.60 -11.56
C MET A 145 -12.80 -21.15 -12.81
N CYS A 146 -12.41 -22.37 -13.23
CA CYS A 146 -13.05 -23.03 -14.36
C CYS A 146 -14.53 -23.31 -14.09
N ILE A 147 -14.83 -23.76 -12.88
CA ILE A 147 -16.23 -23.99 -12.50
C ILE A 147 -17.00 -22.68 -12.40
N TYR A 148 -16.32 -21.62 -11.94
CA TYR A 148 -17.04 -20.35 -11.76
C TYR A 148 -17.37 -19.68 -13.07
N TYR A 149 -16.50 -19.75 -14.08
CA TYR A 149 -16.75 -19.05 -15.34
C TYR A 149 -17.27 -19.93 -16.47
N MET A 150 -17.87 -21.08 -16.15
CA MET A 150 -18.41 -21.88 -17.26
C MET A 150 -19.93 -21.69 -17.34
N PRO A 151 -20.48 -21.51 -18.54
CA PRO A 151 -21.94 -21.40 -18.67
C PRO A 151 -22.64 -22.71 -18.34
N VAL A 152 -23.96 -22.61 -18.14
CA VAL A 152 -24.73 -23.72 -17.59
C VAL A 152 -24.89 -24.86 -18.61
N GLU A 153 -24.85 -24.55 -19.92
CA GLU A 153 -25.01 -25.59 -20.93
C GLU A 153 -23.78 -26.48 -21.00
N LYS A 154 -22.60 -25.87 -21.09
CA LYS A 154 -21.36 -26.66 -21.10
C LYS A 154 -21.15 -27.39 -19.78
N LEU A 155 -21.57 -26.77 -18.67
CA LEU A 155 -21.38 -27.41 -17.37
C LEU A 155 -22.32 -28.59 -17.20
N ALA A 156 -23.51 -28.52 -17.80
CA ALA A 156 -24.41 -29.67 -17.77
C ALA A 156 -23.97 -30.76 -18.75
N GLU A 157 -23.33 -30.38 -19.85
CA GLU A 157 -22.82 -31.39 -20.78
C GLU A 157 -21.57 -32.09 -20.25
N ILE A 158 -20.81 -31.45 -19.37
CA ILE A 158 -19.60 -32.07 -18.83
C ILE A 158 -19.91 -32.82 -17.54
N PHE A 159 -20.43 -32.11 -16.55
CA PHE A 159 -20.63 -32.65 -15.22
C PHE A 159 -22.05 -33.21 -15.06
N SER A 160 -22.23 -33.96 -13.97
CA SER A 160 -23.51 -34.57 -13.66
C SER A 160 -24.10 -33.95 -12.39
N VAL A 161 -25.41 -33.70 -12.42
CA VAL A 161 -26.10 -33.13 -11.27
C VAL A 161 -26.29 -34.19 -10.19
N TYR A 162 -26.35 -35.46 -10.58
CA TYR A 162 -26.98 -36.48 -9.74
C TYR A 162 -26.16 -36.90 -8.51
N PRO A 163 -24.84 -37.22 -8.58
CA PRO A 163 -24.16 -37.69 -7.36
C PRO A 163 -24.00 -36.64 -6.29
N LEU A 164 -24.12 -35.36 -6.61
CA LEU A 164 -24.06 -34.33 -5.57
C LEU A 164 -25.33 -34.36 -4.73
N HIS A 165 -26.49 -34.51 -5.38
CA HIS A 165 -27.73 -34.71 -4.63
C HIS A 165 -27.76 -36.07 -3.95
N GLU A 166 -27.04 -37.05 -4.48
CA GLU A 166 -26.84 -38.29 -3.75
C GLU A 166 -26.02 -38.06 -2.49
N TYR A 167 -25.12 -37.09 -2.50
CA TYR A 167 -24.23 -36.83 -1.37
C TYR A 167 -24.77 -35.74 -0.44
N LEU A 168 -25.05 -34.54 -0.98
CA LEU A 168 -25.31 -33.37 -0.16
C LEU A 168 -26.65 -33.42 0.58
N GLY A 169 -27.56 -34.32 0.19
CA GLY A 169 -28.81 -34.47 0.90
C GLY A 169 -29.78 -33.32 0.70
N SER A 170 -29.63 -32.56 -0.38
CA SER A 170 -30.52 -31.44 -0.65
C SER A 170 -31.70 -31.94 -1.48
N ASN A 171 -32.49 -31.01 -2.02
CA ASN A 171 -33.65 -31.37 -2.81
C ASN A 171 -33.20 -31.86 -4.19
N LYS A 172 -33.73 -33.02 -4.59
CA LYS A 172 -33.28 -33.70 -5.80
C LYS A 172 -33.89 -33.15 -7.09
N ARG A 173 -34.53 -31.97 -7.04
CA ARG A 173 -35.08 -31.36 -8.24
C ARG A 173 -34.22 -30.22 -8.78
N LEU A 174 -33.16 -29.85 -8.07
CA LEU A 174 -32.34 -28.73 -8.47
C LEU A 174 -31.45 -29.10 -9.65
N ASN A 175 -31.12 -28.10 -10.47
CA ASN A 175 -30.24 -28.25 -11.62
C ASN A 175 -29.06 -27.30 -11.41
N TRP A 176 -28.21 -27.17 -12.44
CA TRP A 176 -27.07 -26.27 -12.33
C TRP A 176 -27.52 -24.82 -12.34
N GLU A 177 -28.55 -24.49 -13.12
CA GLU A 177 -29.08 -23.14 -13.16
C GLU A 177 -29.98 -22.82 -11.97
N ASP A 178 -30.22 -23.78 -11.08
CA ASP A 178 -31.09 -23.58 -9.94
C ASP A 178 -30.33 -23.24 -8.66
N GLY A 179 -29.01 -23.24 -8.68
CA GLY A 179 -28.24 -22.81 -7.53
C GLY A 179 -27.26 -23.82 -6.98
N MET A 180 -26.88 -24.81 -7.78
CA MET A 180 -25.90 -25.80 -7.37
C MET A 180 -24.55 -25.64 -8.02
N GLN A 181 -24.39 -24.71 -8.96
CA GLN A 181 -23.07 -24.43 -9.50
C GLN A 181 -22.21 -23.68 -8.48
N LEU A 182 -22.84 -22.76 -7.74
CA LEU A 182 -22.12 -21.98 -6.74
C LEU A 182 -21.67 -22.86 -5.57
N VAL A 183 -22.44 -23.89 -5.26
CA VAL A 183 -22.08 -24.80 -4.17
C VAL A 183 -20.84 -25.60 -4.54
N MET A 184 -20.79 -26.11 -5.78
CA MET A 184 -19.62 -26.83 -6.26
C MET A 184 -18.40 -25.91 -6.38
N CYS A 185 -18.62 -24.65 -6.76
CA CYS A 185 -17.52 -23.68 -6.83
C CYS A 185 -16.94 -23.39 -5.46
N GLN A 186 -17.81 -23.17 -4.46
CA GLN A 186 -17.35 -22.86 -3.12
C GLN A 186 -16.69 -24.07 -2.47
N ASN A 187 -17.18 -25.28 -2.76
CA ASN A 187 -16.54 -26.46 -2.21
C ASN A 187 -15.21 -26.74 -2.89
N PHE A 188 -15.04 -26.39 -4.17
CA PHE A 188 -13.72 -26.52 -4.78
C PHE A 188 -12.75 -25.49 -4.21
N ALA A 189 -13.24 -24.29 -3.87
CA ALA A 189 -12.39 -23.31 -3.19
C ALA A 189 -11.97 -23.81 -1.81
N ARG A 190 -12.92 -24.42 -1.07
CA ARG A 190 -12.61 -25.00 0.22
C ARG A 190 -11.62 -26.17 0.10
N CYS A 191 -11.68 -26.91 -1.01
CA CYS A 191 -10.74 -28.02 -1.18
C CYS A 191 -9.35 -27.52 -1.56
N SER A 192 -9.27 -26.41 -2.31
CA SER A 192 -7.99 -25.76 -2.53
C SER A 192 -7.39 -25.27 -1.21
N LEU A 193 -8.23 -24.70 -0.34
CA LEU A 193 -7.73 -24.26 0.96
C LEU A 193 -7.37 -25.44 1.86
N PHE A 194 -8.05 -26.58 1.70
CA PHE A 194 -7.70 -27.76 2.48
C PHE A 194 -6.37 -28.34 2.04
N GLN A 195 -6.10 -28.33 0.74
CA GLN A 195 -4.79 -28.76 0.28
C GLN A 195 -3.71 -27.76 0.65
N LEU A 196 -4.08 -26.49 0.86
CA LEU A 196 -3.14 -25.56 1.49
C LEU A 196 -2.91 -25.89 2.96
N LYS A 197 -3.95 -26.35 3.67
CA LYS A 197 -3.80 -26.72 5.07
C LYS A 197 -2.90 -27.94 5.25
N GLN A 198 -2.93 -28.88 4.29
CA GLN A 198 -2.06 -30.05 4.41
C GLN A 198 -0.58 -29.75 4.16
N CYS A 199 -0.25 -28.59 3.61
CA CYS A 199 1.14 -28.28 3.34
C CYS A 199 1.89 -27.79 4.57
N ASP A 200 1.18 -27.44 5.64
CA ASP A 200 1.65 -26.52 6.68
C ASP A 200 2.22 -25.26 6.05
N PHE A 201 1.32 -24.53 5.39
CA PHE A 201 1.67 -23.36 4.58
C PHE A 201 2.19 -22.19 5.40
N MET A 202 2.00 -22.22 6.72
CA MET A 202 2.58 -21.21 7.58
C MET A 202 4.02 -21.54 7.91
N ALA A 203 4.37 -22.82 7.91
CA ALA A 203 5.74 -23.26 8.19
C ALA A 203 6.61 -23.31 6.94
N HIS A 204 6.02 -23.18 5.75
CA HIS A 204 6.78 -23.23 4.49
C HIS A 204 6.25 -22.14 3.57
N PRO A 205 6.81 -20.94 3.66
CA PRO A 205 6.36 -19.86 2.76
C PRO A 205 6.86 -20.06 1.34
N ASP A 206 5.92 -20.14 0.40
CA ASP A 206 6.26 -20.33 -1.00
C ASP A 206 5.23 -19.59 -1.84
N ILE A 207 5.60 -19.32 -3.10
CA ILE A 207 4.81 -18.43 -3.95
C ILE A 207 3.50 -19.07 -4.39
N ARG A 208 3.38 -20.40 -4.32
CA ARG A 208 2.18 -21.08 -4.82
C ARG A 208 0.98 -20.88 -3.92
N LEU A 209 1.18 -20.34 -2.71
CA LEU A 209 0.06 -19.78 -1.98
C LEU A 209 -0.53 -18.61 -2.72
N VAL A 210 0.31 -17.60 -3.02
CA VAL A 210 -0.13 -16.30 -3.50
C VAL A 210 -0.83 -16.43 -4.84
N GLN A 211 -0.21 -17.14 -5.79
CA GLN A 211 -0.81 -17.45 -7.09
C GLN A 211 -2.17 -18.11 -6.94
N ALA A 212 -2.28 -19.06 -6.00
CA ALA A 212 -3.55 -19.74 -5.77
C ALA A 212 -4.61 -18.77 -5.28
N TYR A 213 -4.22 -17.83 -4.41
CA TYR A 213 -5.19 -16.85 -3.95
C TYR A 213 -5.57 -15.91 -5.07
N LEU A 214 -4.65 -15.64 -6.00
CA LEU A 214 -4.99 -14.78 -7.12
C LEU A 214 -5.87 -15.50 -8.13
N ILE A 215 -6.04 -16.81 -8.00
CA ILE A 215 -7.06 -17.49 -8.78
C ILE A 215 -8.35 -17.54 -7.99
N LEU A 216 -8.25 -17.60 -6.66
CA LEU A 216 -9.44 -17.59 -5.83
C LEU A 216 -10.02 -16.20 -5.62
N ALA A 217 -9.28 -15.15 -5.96
CA ALA A 217 -9.78 -13.79 -5.85
C ALA A 217 -10.50 -13.33 -7.11
N THR A 218 -10.83 -14.26 -8.00
CA THR A 218 -11.63 -13.96 -9.17
C THR A 218 -13.05 -14.50 -9.07
N THR A 219 -13.31 -15.41 -8.14
CA THR A 219 -14.65 -15.88 -7.85
C THR A 219 -15.28 -14.94 -6.82
N THR A 220 -16.39 -15.36 -6.21
CA THR A 220 -16.97 -14.65 -5.08
C THR A 220 -16.48 -15.20 -3.75
N PHE A 221 -15.31 -15.83 -3.74
CA PHE A 221 -14.69 -16.25 -2.48
C PHE A 221 -14.33 -15.11 -1.52
N PRO A 222 -13.80 -13.95 -1.94
CA PRO A 222 -13.60 -12.86 -0.96
C PRO A 222 -14.89 -12.24 -0.45
N TYR A 223 -16.05 -12.58 -1.03
CA TYR A 223 -17.32 -12.06 -0.57
C TYR A 223 -18.12 -13.12 0.20
N ASP A 224 -17.73 -14.39 0.08
CA ASP A 224 -18.31 -15.44 0.91
C ASP A 224 -17.75 -15.37 2.33
N GLU A 225 -16.44 -15.52 2.46
CA GLU A 225 -15.75 -15.50 3.75
C GLU A 225 -14.74 -14.37 3.74
N PRO A 226 -15.13 -13.16 4.16
CA PRO A 226 -14.20 -12.02 4.11
C PRO A 226 -13.14 -12.12 5.19
N LEU A 227 -13.45 -12.80 6.30
CA LEU A 227 -12.48 -12.99 7.36
C LEU A 227 -11.38 -13.95 6.92
N LEU A 228 -11.76 -15.06 6.30
CA LEU A 228 -10.79 -16.01 5.80
C LEU A 228 -10.00 -15.44 4.62
N ALA A 229 -10.66 -14.63 3.80
CA ALA A 229 -9.96 -13.97 2.70
C ALA A 229 -8.97 -12.94 3.19
N ASN A 230 -9.30 -12.21 4.26
CA ASN A 230 -8.35 -11.27 4.83
C ASN A 230 -7.18 -11.99 5.51
N SER A 231 -7.44 -13.14 6.11
CA SER A 231 -6.35 -13.89 6.75
C SER A 231 -5.40 -14.48 5.71
N LEU A 232 -5.96 -15.07 4.66
CA LEU A 232 -5.14 -15.57 3.55
C LEU A 232 -4.41 -14.44 2.84
N LEU A 233 -5.02 -13.26 2.78
CA LEU A 233 -4.37 -12.14 2.11
C LEU A 233 -3.26 -11.56 2.97
N THR A 234 -3.41 -11.59 4.29
CA THR A 234 -2.30 -11.22 5.17
C THR A 234 -1.15 -12.21 5.06
N GLN A 235 -1.49 -13.50 4.93
CA GLN A 235 -0.45 -14.51 4.68
C GLN A 235 0.22 -14.30 3.32
N CYS A 236 -0.53 -13.86 2.32
CA CYS A 236 0.07 -13.58 1.01
C CYS A 236 0.96 -12.35 1.05
N ILE A 237 0.59 -11.35 1.83
CA ILE A 237 1.43 -10.15 1.99
C ILE A 237 2.73 -10.52 2.71
N HIS A 238 2.62 -11.34 3.76
CA HIS A 238 3.81 -11.80 4.47
C HIS A 238 4.67 -12.70 3.60
N THR A 239 4.04 -13.51 2.75
CA THR A 239 4.79 -14.40 1.86
C THR A 239 5.49 -13.62 0.76
N PHE A 240 4.86 -12.56 0.25
CA PHE A 240 5.50 -11.74 -0.76
C PHE A 240 6.66 -10.93 -0.17
N LYS A 241 6.42 -10.25 0.95
CA LYS A 241 7.47 -9.43 1.54
C LYS A 241 8.62 -10.24 2.12
N ASN A 242 8.47 -11.57 2.22
CA ASN A 242 9.57 -12.44 2.58
C ASN A 242 10.66 -12.43 1.51
N PHE A 243 10.29 -12.24 0.24
CA PHE A 243 11.28 -12.32 -0.83
C PHE A 243 12.16 -11.07 -0.92
N HIS A 244 11.73 -9.97 -0.28
CA HIS A 244 12.47 -8.70 -0.20
C HIS A 244 12.82 -8.13 -1.58
N VAL A 245 11.92 -8.30 -2.55
CA VAL A 245 12.10 -7.74 -3.88
C VAL A 245 11.27 -6.47 -3.98
N ASP A 246 11.90 -5.37 -4.37
CA ASP A 246 11.23 -4.09 -4.53
C ASP A 246 11.14 -3.65 -5.98
N ASP A 247 12.25 -3.67 -6.71
CA ASP A 247 12.30 -3.28 -8.10
C ASP A 247 12.27 -4.55 -8.95
N PHE A 248 11.31 -4.63 -9.87
CA PHE A 248 11.16 -5.78 -10.73
C PHE A 248 11.80 -5.58 -12.10
N ARG A 249 12.40 -4.43 -12.33
CA ARG A 249 13.24 -4.22 -13.49
C ARG A 249 14.52 -5.00 -13.25
N PRO A 250 14.86 -5.98 -14.09
CA PRO A 250 16.07 -6.77 -13.85
C PRO A 250 17.33 -5.96 -14.09
N LEU A 251 18.43 -6.45 -13.54
CA LEU A 251 19.71 -5.80 -13.70
C LEU A 251 20.54 -6.51 -14.76
N LEU A 252 21.76 -6.04 -14.95
CA LEU A 252 22.63 -6.59 -15.98
C LEU A 252 23.49 -7.74 -15.46
N ASN A 253 23.63 -7.89 -14.15
CA ASN A 253 24.44 -8.95 -13.55
C ASN A 253 23.61 -10.14 -13.08
N ASP A 254 22.55 -10.48 -13.80
CA ASP A 254 21.58 -11.47 -13.34
C ASP A 254 21.55 -12.69 -14.25
N ASP A 255 21.22 -13.82 -13.63
CA ASP A 255 20.80 -15.02 -14.36
C ASP A 255 19.59 -14.67 -15.24
N PRO A 256 19.52 -15.16 -16.49
CA PRO A 256 18.27 -15.09 -17.27
C PRO A 256 17.05 -15.66 -16.56
N VAL A 257 17.26 -16.77 -15.82
CA VAL A 257 16.19 -17.34 -15.00
C VAL A 257 15.79 -16.37 -13.90
N GLU A 258 16.75 -15.65 -13.34
CA GLU A 258 16.46 -14.66 -12.30
C GLU A 258 15.66 -13.49 -12.86
N SER A 259 15.93 -13.09 -14.10
CA SER A 259 15.20 -11.98 -14.71
C SER A 259 13.77 -12.38 -15.06
N ILE A 260 13.58 -13.60 -15.58
CA ILE A 260 12.23 -14.10 -15.83
C ILE A 260 11.46 -14.26 -14.52
N ALA A 261 12.18 -14.64 -13.45
CA ALA A 261 11.59 -14.74 -12.13
C ALA A 261 11.12 -13.39 -11.61
N LYS A 262 11.92 -12.34 -11.81
CA LYS A 262 11.52 -11.00 -11.38
C LYS A 262 10.33 -10.48 -12.19
N VAL A 263 10.27 -10.78 -13.49
CA VAL A 263 9.14 -10.32 -14.30
C VAL A 263 7.84 -10.98 -13.85
N THR A 264 7.89 -12.30 -13.64
CA THR A 264 6.69 -13.01 -13.19
C THR A 264 6.29 -12.59 -11.78
N LEU A 265 7.28 -12.30 -10.94
CA LEU A 265 6.99 -11.84 -9.59
C LEU A 265 6.37 -10.45 -9.59
N GLY A 266 6.76 -9.61 -10.54
CA GLY A 266 6.14 -8.29 -10.66
C GLY A 266 4.69 -8.36 -11.10
N ARG A 267 4.39 -9.26 -12.05
CA ARG A 267 3.00 -9.45 -12.46
C ARG A 267 2.15 -9.97 -11.30
N ILE A 268 2.69 -10.92 -10.53
CA ILE A 268 2.00 -11.44 -9.34
C ILE A 268 1.79 -10.32 -8.31
N PHE A 269 2.77 -9.43 -8.19
CA PHE A 269 2.68 -8.34 -7.21
C PHE A 269 1.59 -7.34 -7.55
N TYR A 270 1.50 -6.94 -8.82
CA TYR A 270 0.48 -5.94 -9.15
C TYR A 270 -0.92 -6.54 -9.16
N ARG A 271 -1.05 -7.81 -9.56
CA ARG A 271 -2.34 -8.48 -9.38
C ARG A 271 -2.71 -8.62 -7.90
N LEU A 272 -1.70 -8.84 -7.03
CA LEU A 272 -1.95 -8.92 -5.61
C LEU A 272 -2.36 -7.58 -5.02
N CYS A 273 -1.78 -6.47 -5.51
CA CYS A 273 -2.21 -5.15 -5.05
C CYS A 273 -3.64 -4.85 -5.47
N GLY A 274 -4.04 -5.26 -6.68
CA GLY A 274 -5.42 -5.08 -7.09
C GLY A 274 -6.41 -5.87 -6.23
N CYS A 275 -6.10 -7.16 -6.04
CA CYS A 275 -6.95 -8.01 -5.22
C CYS A 275 -6.87 -7.65 -3.74
N ASP A 276 -5.86 -6.87 -3.34
CA ASP A 276 -5.74 -6.34 -2.00
C ASP A 276 -6.59 -5.10 -1.78
N TYR A 277 -6.64 -4.19 -2.74
CA TYR A 277 -7.55 -3.05 -2.59
C TYR A 277 -9.01 -3.48 -2.68
N LEU A 278 -9.31 -4.52 -3.48
CA LEU A 278 -10.73 -4.93 -3.53
C LEU A 278 -11.28 -5.57 -2.20
N GLN A 279 -10.54 -5.60 -1.09
CA GLN A 279 -11.04 -6.13 0.18
C GLN A 279 -10.82 -5.20 1.36
N SER A 280 -10.56 -3.91 1.12
CA SER A 280 -10.22 -2.99 2.20
C SER A 280 -11.43 -2.69 3.08
N GLY A 281 -11.16 -2.10 4.23
CA GLY A 281 -12.19 -1.80 5.20
C GLY A 281 -11.67 -1.84 6.62
N PRO A 282 -12.58 -1.82 7.60
CA PRO A 282 -12.17 -1.79 9.00
C PRO A 282 -11.72 -3.13 9.56
N ARG A 283 -11.72 -4.20 8.78
CA ARG A 283 -11.22 -5.49 9.20
C ARG A 283 -9.93 -5.87 8.51
N LYS A 284 -9.38 -5.00 7.66
CA LYS A 284 -8.15 -5.26 6.93
C LYS A 284 -7.16 -4.16 7.29
N PRO A 285 -6.42 -4.33 8.39
CA PRO A 285 -5.52 -3.25 8.83
C PRO A 285 -4.15 -3.26 8.16
N ILE A 286 -3.63 -4.42 7.78
CA ILE A 286 -2.28 -4.51 7.23
C ILE A 286 -2.39 -4.29 5.73
N ALA A 287 -1.98 -3.11 5.28
CA ALA A 287 -2.05 -2.78 3.87
C ALA A 287 -0.77 -3.18 3.14
N LEU A 288 -0.94 -3.58 1.89
CA LEU A 288 0.16 -3.71 0.95
C LEU A 288 0.30 -2.46 0.08
N HIS A 289 -0.58 -1.48 0.28
CA HIS A 289 -0.65 -0.30 -0.58
C HIS A 289 0.53 0.63 -0.34
N THR A 290 1.68 0.27 -0.91
CA THR A 290 2.83 1.15 -0.98
C THR A 290 2.98 1.68 -2.40
N GLU A 291 1.99 1.40 -3.24
CA GLU A 291 1.99 1.80 -4.65
C GLU A 291 1.45 3.22 -4.71
N VAL A 292 2.27 4.14 -5.21
CA VAL A 292 1.90 5.55 -5.25
C VAL A 292 0.86 5.75 -6.36
N SER A 293 -0.20 6.48 -6.05
CA SER A 293 -1.23 6.77 -7.03
C SER A 293 -0.72 7.74 -8.08
N SER A 294 -1.48 7.88 -9.18
CA SER A 294 -1.03 8.67 -10.32
C SER A 294 -1.16 10.17 -10.02
N LEU A 295 -0.01 10.76 -9.65
CA LEU A 295 0.22 12.20 -9.52
C LEU A 295 -0.72 12.85 -8.50
N LEU A 296 -0.51 12.56 -7.22
CA LEU A 296 -1.19 13.30 -6.15
C LEU A 296 -0.76 14.77 -6.18
N PRO A 306 4.77 5.41 -0.34
CA PRO A 306 4.99 5.54 -1.78
C PRO A 306 6.38 5.10 -2.19
N ASN A 307 6.80 3.91 -1.76
CA ASN A 307 8.10 3.39 -2.12
C ASN A 307 8.10 2.69 -3.47
N VAL A 308 6.94 2.36 -4.01
CA VAL A 308 6.81 1.69 -5.31
C VAL A 308 6.01 2.64 -6.20
N ASP A 309 6.72 3.44 -7.01
CA ASP A 309 6.05 4.36 -7.92
C ASP A 309 5.62 3.62 -9.18
N VAL A 310 4.31 3.52 -9.40
CA VAL A 310 3.83 2.74 -10.54
C VAL A 310 3.76 3.65 -11.75
N TYR A 311 4.91 3.91 -12.36
CA TYR A 311 5.04 4.43 -13.72
C TYR A 311 6.23 3.76 -14.38
N ARG A 312 6.98 2.96 -13.62
CA ARG A 312 8.25 2.45 -14.10
C ARG A 312 8.13 1.10 -14.79
N GLU A 313 7.01 0.40 -14.61
CA GLU A 313 6.87 -0.93 -15.18
C GLU A 313 6.34 -0.84 -16.61
N GLU A 314 6.82 -1.74 -17.47
CA GLU A 314 6.29 -1.85 -18.83
C GLU A 314 4.87 -2.39 -18.75
N ASN A 315 3.92 -1.64 -19.28
CA ASN A 315 2.52 -1.86 -18.95
C ASN A 315 1.93 -3.07 -19.69
N SER A 316 1.78 -4.15 -18.95
CA SER A 316 1.06 -5.34 -19.38
C SER A 316 -0.40 -5.22 -18.96
N THR A 317 -1.12 -6.34 -19.00
CA THR A 317 -2.51 -6.36 -18.59
C THR A 317 -2.66 -6.08 -17.10
N GLU A 318 -1.70 -6.58 -16.30
CA GLU A 318 -1.89 -6.60 -14.85
C GLU A 318 -1.71 -5.22 -14.25
N VAL A 319 -0.66 -4.51 -14.65
CA VAL A 319 -0.49 -3.18 -14.09
C VAL A 319 -1.45 -2.19 -14.74
N LEU A 320 -2.02 -2.52 -15.90
CA LEU A 320 -3.09 -1.69 -16.45
C LEU A 320 -4.36 -1.81 -15.61
N TYR A 321 -4.71 -3.04 -15.23
CA TYR A 321 -5.79 -3.26 -14.28
C TYR A 321 -5.51 -2.60 -12.94
N TRP A 322 -4.25 -2.62 -12.49
CA TRP A 322 -3.90 -1.93 -11.25
C TRP A 322 -4.03 -0.41 -11.38
N LYS A 323 -3.68 0.15 -12.53
CA LYS A 323 -3.84 1.60 -12.72
C LYS A 323 -5.30 2.01 -12.68
N ILE A 324 -6.19 1.18 -13.25
CA ILE A 324 -7.60 1.53 -13.15
C ILE A 324 -8.12 1.37 -11.71
N ILE A 325 -7.64 0.35 -10.99
CA ILE A 325 -7.99 0.21 -9.58
C ILE A 325 -7.41 1.35 -8.74
N SER A 326 -6.28 1.91 -9.17
CA SER A 326 -5.69 3.04 -8.45
C SER A 326 -6.48 4.31 -8.66
N LEU A 327 -7.01 4.51 -9.87
CA LEU A 327 -7.96 5.60 -10.07
C LEU A 327 -9.21 5.42 -9.22
N ASP A 328 -9.67 4.17 -9.10
CA ASP A 328 -10.83 3.87 -8.25
C ASP A 328 -10.53 4.14 -6.78
N ARG A 329 -9.32 3.84 -6.32
CA ARG A 329 -9.01 4.02 -4.90
C ARG A 329 -8.73 5.48 -4.60
N ASP A 330 -8.28 6.24 -5.60
CA ASP A 330 -8.09 7.66 -5.41
C ASP A 330 -9.43 8.38 -5.39
N LEU A 331 -10.44 7.86 -6.08
CA LEU A 331 -11.78 8.43 -5.94
C LEU A 331 -12.42 8.08 -4.60
N ASP A 332 -12.38 6.81 -4.20
CA ASP A 332 -13.19 6.33 -3.09
C ASP A 332 -12.45 6.32 -1.75
N GLN A 333 -11.51 7.23 -1.54
CA GLN A 333 -11.00 7.43 -0.19
C GLN A 333 -11.73 8.55 0.54
N TYR A 334 -12.46 9.39 -0.18
CA TYR A 334 -13.20 10.50 0.40
C TYR A 334 -14.62 10.13 0.78
N LEU A 335 -14.91 8.84 0.94
CA LEU A 335 -16.25 8.42 1.35
C LEU A 335 -16.50 8.73 2.82
N ASN A 336 -15.68 8.15 3.70
CA ASN A 336 -15.87 8.32 5.13
C ASN A 336 -15.12 9.53 5.70
N LYS A 337 -14.20 10.11 4.95
CA LYS A 337 -13.51 11.31 5.40
C LYS A 337 -14.48 12.50 5.41
N SER A 338 -14.21 13.45 6.29
CA SER A 338 -15.05 14.63 6.40
C SER A 338 -14.65 15.73 5.42
N SER A 339 -13.43 15.71 4.91
CA SER A 339 -12.98 16.73 3.98
C SER A 339 -13.48 16.43 2.57
N LYS A 340 -13.48 17.47 1.73
CA LYS A 340 -13.92 17.42 0.36
C LYS A 340 -12.73 17.28 -0.58
N PRO A 341 -12.89 16.57 -1.70
CA PRO A 341 -11.75 16.39 -2.61
C PRO A 341 -11.53 17.62 -3.46
N PRO A 342 -10.27 17.96 -3.74
CA PRO A 342 -9.99 19.09 -4.62
C PRO A 342 -10.33 18.80 -6.07
N LEU A 343 -10.75 19.87 -6.77
CA LEU A 343 -11.11 19.72 -8.17
C LEU A 343 -9.90 19.50 -9.07
N LYS A 344 -8.71 19.91 -8.61
CA LYS A 344 -7.46 19.58 -9.28
C LYS A 344 -7.30 18.08 -9.43
N THR A 345 -7.59 17.34 -8.35
CA THR A 345 -7.47 15.88 -8.37
C THR A 345 -8.50 15.26 -9.32
N LEU A 346 -9.74 15.76 -9.30
CA LEU A 346 -10.78 15.17 -10.13
C LEU A 346 -10.54 15.47 -11.60
N ASP A 347 -9.95 16.63 -11.92
CA ASP A 347 -9.62 16.92 -13.31
C ASP A 347 -8.43 16.09 -13.79
N ALA A 348 -7.45 15.82 -12.91
CA ALA A 348 -6.37 14.92 -13.27
C ALA A 348 -6.90 13.50 -13.51
N ILE A 349 -7.88 13.09 -12.69
CA ILE A 349 -8.55 11.81 -12.87
C ILE A 349 -9.29 11.76 -14.21
N ARG A 350 -9.91 12.87 -14.62
CA ARG A 350 -10.59 12.95 -15.92
C ARG A 350 -9.60 12.80 -17.08
N ARG A 351 -8.48 13.53 -17.01
CA ARG A 351 -7.46 13.47 -18.06
C ARG A 351 -6.90 12.07 -18.21
N GLU A 352 -6.48 11.47 -17.09
CA GLU A 352 -5.91 10.13 -17.15
C GLU A 352 -6.95 9.08 -17.48
N LEU A 353 -8.22 9.36 -17.16
CA LEU A 353 -9.32 8.48 -17.55
C LEU A 353 -9.48 8.44 -19.06
N ASP A 354 -9.40 9.59 -19.71
CA ASP A 354 -9.44 9.61 -21.16
C ASP A 354 -8.20 8.97 -21.79
N ILE A 355 -7.03 9.12 -21.15
CA ILE A 355 -5.80 8.49 -21.66
C ILE A 355 -5.91 6.97 -21.65
N PHE A 356 -6.31 6.39 -20.52
CA PHE A 356 -6.44 4.93 -20.50
C PHE A 356 -7.65 4.47 -21.30
N GLN A 357 -8.67 5.32 -21.44
CA GLN A 357 -9.79 5.04 -22.34
C GLN A 357 -9.31 4.87 -23.78
N TYR A 358 -8.33 5.66 -24.19
CA TYR A 358 -7.84 5.56 -25.57
C TYR A 358 -6.84 4.43 -25.71
N LYS A 359 -6.13 4.09 -24.62
CA LYS A 359 -5.25 2.93 -24.66
C LYS A 359 -6.04 1.62 -24.78
N VAL A 360 -7.24 1.57 -24.19
CA VAL A 360 -8.11 0.41 -24.35
C VAL A 360 -8.53 0.24 -25.82
N ASP A 361 -8.82 1.36 -26.49
CA ASP A 361 -9.08 1.32 -27.93
C ASP A 361 -7.86 0.87 -28.70
N SER A 362 -6.67 1.29 -28.28
CA SER A 362 -5.45 0.92 -29.00
C SER A 362 -4.78 -0.30 -28.41
N LEU A 363 -5.55 -1.18 -27.76
CA LEU A 363 -4.99 -2.44 -27.26
C LEU A 363 -4.49 -3.34 -28.40
N GLU A 364 -5.29 -3.49 -29.46
CA GLU A 364 -4.89 -4.11 -30.74
C GLU A 364 -4.43 -5.56 -30.57
N GLU A 365 -5.38 -6.45 -30.30
CA GLU A 365 -5.07 -7.87 -30.37
C GLU A 365 -6.05 -8.59 -31.30
N ASP A 366 -5.79 -9.88 -31.53
CA ASP A 366 -6.58 -10.67 -32.47
C ASP A 366 -7.86 -11.17 -31.80
N PHE A 367 -9.01 -10.89 -32.43
CA PHE A 367 -10.29 -11.21 -31.81
C PHE A 367 -10.71 -12.65 -32.11
N ARG A 368 -9.96 -13.35 -32.97
CA ARG A 368 -10.30 -14.71 -33.34
C ARG A 368 -10.05 -15.68 -32.19
N SER A 369 -9.19 -15.30 -31.25
CA SER A 369 -8.92 -16.11 -30.08
C SER A 369 -9.82 -15.80 -28.90
N ASN A 370 -10.49 -14.64 -28.92
CA ASN A 370 -11.54 -14.12 -28.02
C ASN A 370 -11.11 -13.96 -26.56
N ASN A 371 -9.83 -14.20 -26.27
CA ASN A 371 -9.27 -13.83 -24.98
C ASN A 371 -9.18 -12.31 -24.86
N SER A 372 -8.80 -11.66 -25.96
CA SER A 372 -8.75 -10.21 -26.01
C SER A 372 -10.14 -9.59 -25.91
N ARG A 373 -11.17 -10.34 -26.28
CA ARG A 373 -12.55 -9.88 -26.12
C ARG A 373 -12.90 -9.72 -24.65
N PHE A 374 -12.56 -10.72 -23.83
CA PHE A 374 -12.86 -10.65 -22.40
C PHE A 374 -11.96 -9.65 -21.69
N GLN A 375 -10.70 -9.54 -22.14
CA GLN A 375 -9.82 -8.47 -21.62
C GLN A 375 -10.37 -7.08 -21.94
N LYS A 376 -10.86 -6.90 -23.17
CA LYS A 376 -11.44 -5.63 -23.59
C LYS A 376 -12.69 -5.30 -22.80
N PHE A 377 -13.51 -6.32 -22.52
CA PHE A 377 -14.70 -6.12 -21.69
C PHE A 377 -14.33 -5.71 -20.27
N ILE A 378 -13.30 -6.34 -19.69
CA ILE A 378 -12.88 -5.99 -18.33
C ILE A 378 -12.39 -4.56 -18.26
N ALA A 379 -11.51 -4.18 -19.20
CA ALA A 379 -10.95 -2.83 -19.17
C ALA A 379 -12.01 -1.77 -19.47
N LEU A 380 -12.95 -2.08 -20.35
CA LEU A 380 -13.97 -1.11 -20.72
C LEU A 380 -15.00 -0.96 -19.62
N PHE A 381 -15.33 -2.05 -18.92
CA PHE A 381 -16.28 -1.93 -17.83
C PHE A 381 -15.67 -1.22 -16.63
N GLN A 382 -14.39 -1.47 -16.36
CA GLN A 382 -13.72 -0.75 -15.27
C GLN A 382 -13.57 0.73 -15.59
N ILE A 383 -13.30 1.08 -16.84
CA ILE A 383 -13.12 2.49 -17.17
C ILE A 383 -14.46 3.22 -17.15
N SER A 384 -15.56 2.52 -17.47
CA SER A 384 -16.88 3.13 -17.33
C SER A 384 -17.28 3.28 -15.87
N THR A 385 -16.89 2.32 -15.02
CA THR A 385 -17.15 2.41 -13.59
C THR A 385 -16.44 3.61 -12.96
N VAL A 386 -15.15 3.79 -13.30
CA VAL A 386 -14.40 4.91 -12.75
C VAL A 386 -14.94 6.25 -13.27
N SER A 387 -15.38 6.29 -14.54
CA SER A 387 -16.04 7.48 -15.06
C SER A 387 -17.32 7.80 -14.30
N TRP A 388 -18.10 6.77 -13.97
CA TRP A 388 -19.35 6.97 -13.25
C TRP A 388 -19.10 7.50 -11.84
N LYS A 389 -18.08 6.97 -11.16
CA LYS A 389 -17.79 7.45 -9.80
C LYS A 389 -17.25 8.87 -9.83
N LEU A 390 -16.48 9.22 -10.86
CA LEU A 390 -16.00 10.59 -11.02
C LEU A 390 -17.16 11.56 -11.20
N PHE A 391 -18.13 11.23 -12.05
CA PHE A 391 -19.22 12.17 -12.23
C PHE A 391 -20.26 12.12 -11.11
N LYS A 392 -20.30 11.03 -10.33
CA LYS A 392 -21.09 11.05 -9.10
C LYS A 392 -20.50 12.00 -8.08
N MET A 393 -19.17 12.00 -7.93
CA MET A 393 -18.56 12.94 -7.00
C MET A 393 -18.63 14.38 -7.52
N TYR A 394 -18.59 14.56 -8.85
CA TYR A 394 -18.88 15.86 -9.45
C TYR A 394 -20.30 16.33 -9.12
N LEU A 395 -21.26 15.41 -9.13
CA LEU A 395 -22.64 15.78 -8.79
C LEU A 395 -22.76 16.14 -7.32
N ILE A 396 -22.08 15.40 -6.45
CA ILE A 396 -22.30 15.57 -5.02
C ILE A 396 -21.53 16.76 -4.48
N TYR A 397 -20.21 16.77 -4.66
CA TYR A 397 -19.39 17.73 -3.91
C TYR A 397 -19.41 19.14 -4.47
N TYR A 398 -19.62 19.32 -5.77
CA TYR A 398 -19.51 20.66 -6.36
C TYR A 398 -20.65 21.07 -7.26
N ASP A 399 -21.46 20.11 -7.77
CA ASP A 399 -22.68 20.36 -8.55
C ASP A 399 -22.38 21.18 -9.80
N THR A 400 -21.64 20.54 -10.71
CA THR A 400 -21.03 21.22 -11.84
C THR A 400 -21.93 20.99 -13.07
N ALA A 401 -21.44 21.40 -14.25
CA ALA A 401 -22.24 21.52 -15.47
C ALA A 401 -22.72 20.17 -15.97
N ASP A 402 -24.04 19.93 -15.82
CA ASP A 402 -24.74 18.74 -16.29
C ASP A 402 -24.14 17.46 -15.72
N SER A 403 -23.84 17.49 -14.43
CA SER A 403 -23.20 16.36 -13.79
C SER A 403 -24.17 15.19 -13.65
N LEU A 404 -25.43 15.50 -13.30
CA LEU A 404 -26.48 14.48 -13.24
C LEU A 404 -26.71 13.85 -14.61
N LEU A 405 -26.60 14.65 -15.67
CA LEU A 405 -26.81 14.14 -17.01
C LEU A 405 -25.67 13.22 -17.43
N LYS A 406 -24.44 13.52 -17.00
CA LYS A 406 -23.32 12.62 -17.26
C LYS A 406 -23.43 11.35 -16.43
N VAL A 407 -23.99 11.42 -15.23
CA VAL A 407 -24.25 10.22 -14.44
C VAL A 407 -25.26 9.32 -15.15
N ILE A 408 -26.32 9.92 -15.69
CA ILE A 408 -27.31 9.17 -16.47
C ILE A 408 -26.68 8.57 -17.72
N HIS A 409 -25.79 9.32 -18.38
CA HIS A 409 -25.14 8.84 -19.60
C HIS A 409 -24.24 7.64 -19.33
N TYR A 410 -23.37 7.74 -18.31
CA TYR A 410 -22.51 6.59 -18.02
C TYR A 410 -23.28 5.43 -17.40
N SER A 411 -24.41 5.69 -16.74
CA SER A 411 -25.26 4.59 -16.33
C SER A 411 -25.85 3.86 -17.52
N LYS A 412 -26.25 4.61 -18.55
CA LYS A 412 -26.71 3.98 -19.80
C LYS A 412 -25.58 3.25 -20.52
N VAL A 413 -24.35 3.73 -20.39
CA VAL A 413 -23.22 3.02 -20.99
C VAL A 413 -22.96 1.70 -20.28
N ILE A 414 -23.08 1.69 -18.94
CA ILE A 414 -22.94 0.44 -18.19
C ILE A 414 -24.09 -0.52 -18.53
N ILE A 415 -25.30 0.01 -18.69
CA ILE A 415 -26.44 -0.80 -19.12
C ILE A 415 -26.19 -1.39 -20.50
N SER A 416 -25.61 -0.61 -21.42
CA SER A 416 -25.28 -1.13 -22.75
C SER A 416 -24.22 -2.22 -22.67
N LEU A 417 -23.18 -2.02 -21.88
CA LEU A 417 -22.10 -3.00 -21.76
C LEU A 417 -22.51 -4.27 -21.03
N ILE A 418 -23.60 -4.26 -20.27
CA ILE A 418 -24.11 -5.47 -19.66
C ILE A 418 -25.17 -6.16 -20.53
N VAL A 419 -26.05 -5.37 -21.16
CA VAL A 419 -27.12 -5.95 -21.99
C VAL A 419 -26.55 -6.52 -23.29
N ASN A 420 -25.41 -5.97 -23.76
CA ASN A 420 -24.76 -6.48 -24.97
C ASN A 420 -24.24 -7.90 -24.77
N ASN A 421 -23.98 -8.29 -23.52
CA ASN A 421 -23.54 -9.65 -23.21
C ASN A 421 -24.68 -10.49 -22.62
N PHE A 422 -25.93 -10.14 -22.95
CA PHE A 422 -27.04 -11.05 -22.76
C PHE A 422 -27.23 -12.02 -23.91
N HIS A 423 -26.36 -11.94 -24.93
CA HIS A 423 -26.48 -12.76 -26.13
C HIS A 423 -25.90 -14.15 -25.86
N ALA A 424 -25.78 -14.95 -26.90
CA ALA A 424 -25.23 -16.29 -26.75
C ALA A 424 -23.71 -16.25 -26.68
N LYS A 425 -23.14 -17.33 -26.11
CA LYS A 425 -21.73 -17.71 -26.09
C LYS A 425 -20.91 -16.82 -25.15
N SER A 426 -21.50 -15.73 -24.64
CA SER A 426 -20.77 -14.79 -23.80
C SER A 426 -21.60 -14.30 -22.63
N GLU A 427 -22.53 -15.11 -22.13
CA GLU A 427 -23.31 -14.73 -20.96
C GLU A 427 -22.43 -14.71 -19.70
N PHE A 428 -21.44 -15.60 -19.64
CA PHE A 428 -20.55 -15.69 -18.49
C PHE A 428 -19.65 -14.48 -18.33
N PHE A 429 -19.57 -13.62 -19.36
CA PHE A 429 -18.90 -12.33 -19.23
C PHE A 429 -19.53 -11.47 -18.14
N ASN A 430 -20.82 -11.67 -17.87
CA ASN A 430 -21.50 -10.97 -16.78
C ASN A 430 -21.30 -11.65 -15.43
N ARG A 431 -20.27 -12.49 -15.29
CA ARG A 431 -19.99 -13.18 -14.05
C ARG A 431 -18.74 -12.66 -13.34
N HIS A 432 -17.98 -11.77 -13.94
CA HIS A 432 -16.81 -11.19 -13.28
C HIS A 432 -17.30 -10.26 -12.18
N PRO A 433 -16.75 -10.34 -10.96
CA PRO A 433 -17.43 -9.77 -9.78
C PRO A 433 -17.58 -8.25 -9.77
N MET A 434 -16.86 -7.53 -10.65
CA MET A 434 -17.00 -6.09 -10.72
C MET A 434 -18.36 -5.65 -11.27
N VAL A 435 -19.13 -6.54 -11.90
CA VAL A 435 -20.47 -6.16 -12.31
C VAL A 435 -21.42 -6.26 -11.12
N MET A 436 -20.99 -6.92 -10.04
CA MET A 436 -21.81 -6.93 -8.84
C MET A 436 -21.56 -5.68 -8.00
N GLN A 437 -20.32 -5.18 -8.02
CA GLN A 437 -20.00 -3.96 -7.28
C GLN A 437 -20.68 -2.74 -7.89
N THR A 438 -20.45 -2.51 -9.19
CA THR A 438 -20.78 -1.24 -9.83
C THR A 438 -22.28 -0.99 -9.85
N ILE A 439 -23.06 -2.01 -10.18
CA ILE A 439 -24.51 -1.93 -10.14
C ILE A 439 -24.99 -1.62 -8.73
N THR A 440 -24.32 -2.21 -7.72
CA THR A 440 -24.63 -1.92 -6.32
C THR A 440 -24.34 -0.46 -5.99
N ARG A 441 -23.34 0.12 -6.66
CA ARG A 441 -23.12 1.55 -6.50
C ARG A 441 -24.17 2.35 -7.26
N VAL A 442 -24.58 1.87 -8.44
CA VAL A 442 -25.48 2.65 -9.29
C VAL A 442 -26.92 2.58 -8.76
N VAL A 443 -27.45 1.36 -8.63
CA VAL A 443 -28.88 1.19 -8.38
C VAL A 443 -29.25 1.62 -6.97
N SER A 444 -28.28 1.78 -6.08
CA SER A 444 -28.56 2.45 -4.81
C SER A 444 -28.70 3.95 -5.03
N PHE A 445 -27.71 4.58 -5.66
CA PHE A 445 -27.62 6.04 -5.75
C PHE A 445 -28.79 6.63 -6.54
N ILE A 446 -29.07 6.05 -7.70
CA ILE A 446 -30.21 6.49 -8.52
C ILE A 446 -31.52 6.24 -7.79
N SER A 447 -31.55 5.26 -6.88
CA SER A 447 -32.70 5.14 -5.99
C SER A 447 -32.76 6.29 -5.00
N PHE A 448 -31.62 6.59 -4.36
CA PHE A 448 -31.57 7.58 -3.28
C PHE A 448 -31.95 8.96 -3.77
N TYR A 449 -31.39 9.36 -4.91
CA TYR A 449 -31.72 10.64 -5.54
C TYR A 449 -33.20 10.68 -5.95
N GLN A 450 -33.76 9.52 -6.32
CA GLN A 450 -35.18 9.46 -6.70
C GLN A 450 -36.08 9.68 -5.49
N ILE A 451 -35.56 9.52 -4.28
CA ILE A 451 -36.35 9.83 -3.09
C ILE A 451 -36.58 11.33 -2.99
N PHE A 452 -35.63 12.13 -3.45
CA PHE A 452 -35.67 13.54 -3.07
C PHE A 452 -35.80 14.51 -4.24
N VAL A 453 -35.38 14.14 -5.44
CA VAL A 453 -35.49 14.99 -6.61
C VAL A 453 -36.24 14.22 -7.69
N GLU A 454 -37.42 14.71 -8.04
CA GLU A 454 -38.25 14.08 -9.07
C GLU A 454 -37.83 14.59 -10.45
N SER A 455 -37.49 13.65 -11.34
CA SER A 455 -37.09 14.00 -12.69
C SER A 455 -37.67 12.97 -13.65
N ALA A 456 -37.56 13.27 -14.94
CA ALA A 456 -38.13 12.40 -15.97
C ALA A 456 -37.13 11.34 -16.44
N ALA A 457 -35.88 11.74 -16.69
CA ALA A 457 -34.89 10.78 -17.17
C ALA A 457 -34.45 9.84 -16.06
N VAL A 458 -34.47 10.32 -14.82
CA VAL A 458 -34.00 9.52 -13.68
C VAL A 458 -34.95 8.36 -13.41
N LYS A 459 -36.25 8.58 -13.61
CA LYS A 459 -37.21 7.50 -13.38
C LYS A 459 -37.09 6.41 -14.44
N GLN A 460 -36.88 6.80 -15.70
CA GLN A 460 -36.68 5.82 -16.76
C GLN A 460 -35.35 5.08 -16.58
N LEU A 461 -34.33 5.78 -16.09
CA LEU A 461 -33.06 5.14 -15.78
C LEU A 461 -33.21 4.14 -14.64
N LEU A 462 -34.02 4.47 -13.64
CA LEU A 462 -34.27 3.55 -12.53
C LEU A 462 -35.09 2.35 -12.98
N VAL A 463 -36.00 2.54 -13.94
CA VAL A 463 -36.72 1.41 -14.52
C VAL A 463 -35.76 0.50 -15.31
N ASP A 464 -34.80 1.11 -16.00
CA ASP A 464 -33.79 0.32 -16.72
C ASP A 464 -32.89 -0.46 -15.76
N LEU A 465 -32.52 0.16 -14.64
CA LEU A 465 -31.72 -0.54 -13.64
C LEU A 465 -32.51 -1.65 -12.96
N THR A 466 -33.81 -1.44 -12.74
CA THR A 466 -34.65 -2.49 -12.18
C THR A 466 -34.84 -3.65 -13.15
N GLU A 467 -34.86 -3.34 -14.45
CA GLU A 467 -34.88 -4.39 -15.47
C GLU A 467 -33.54 -5.14 -15.51
N LEU A 468 -32.44 -4.43 -15.28
CA LEU A 468 -31.12 -5.04 -15.40
C LEU A 468 -30.76 -5.87 -14.18
N THR A 469 -31.27 -5.48 -13.00
CA THR A 469 -30.84 -6.11 -11.75
C THR A 469 -31.35 -7.56 -11.65
N ALA A 470 -32.57 -7.82 -12.13
CA ALA A 470 -33.08 -9.18 -12.09
C ALA A 470 -32.44 -10.05 -13.16
N ASN A 471 -32.01 -9.45 -14.27
CA ASN A 471 -31.42 -10.18 -15.38
C ASN A 471 -29.93 -10.42 -15.23
N LEU A 472 -29.34 -10.04 -14.10
CA LEU A 472 -27.97 -10.41 -13.81
C LEU A 472 -27.88 -11.93 -13.57
N PRO A 473 -26.71 -12.55 -13.77
CA PRO A 473 -26.60 -14.00 -13.55
C PRO A 473 -26.81 -14.38 -12.10
N THR A 474 -27.34 -15.58 -11.90
CA THR A 474 -27.72 -16.07 -10.58
C THR A 474 -26.56 -16.61 -9.78
N ILE A 475 -25.32 -16.39 -10.21
CA ILE A 475 -24.17 -16.95 -9.50
C ILE A 475 -23.77 -16.09 -8.31
N PHE A 476 -24.25 -14.84 -8.23
CA PHE A 476 -24.03 -13.99 -7.08
C PHE A 476 -24.99 -14.32 -5.94
N GLY A 477 -25.98 -15.16 -6.23
CA GLY A 477 -26.88 -15.78 -5.28
C GLY A 477 -27.55 -14.84 -4.31
N SER A 478 -27.38 -15.16 -3.02
CA SER A 478 -27.99 -14.39 -1.94
C SER A 478 -27.53 -12.94 -1.96
N LYS A 479 -26.27 -12.70 -2.38
CA LYS A 479 -25.76 -11.33 -2.49
C LYS A 479 -26.60 -10.51 -3.44
N LEU A 480 -26.92 -11.07 -4.61
CA LEU A 480 -27.80 -10.41 -5.57
C LEU A 480 -29.16 -10.13 -4.97
N ASP A 481 -29.68 -11.12 -4.21
CA ASP A 481 -30.97 -10.98 -3.55
C ASP A 481 -30.97 -9.83 -2.58
N LYS A 482 -29.87 -9.69 -1.83
CA LYS A 482 -29.76 -8.62 -0.83
C LYS A 482 -29.80 -7.26 -1.48
N LEU A 483 -29.19 -7.14 -2.67
CA LEU A 483 -29.17 -5.87 -3.38
C LEU A 483 -30.58 -5.43 -3.73
N VAL A 484 -31.41 -6.38 -4.18
CA VAL A 484 -32.78 -6.06 -4.57
C VAL A 484 -33.55 -5.56 -3.36
N TYR A 485 -33.32 -6.20 -2.20
CA TYR A 485 -33.98 -5.81 -0.96
C TYR A 485 -33.63 -4.38 -0.60
N LEU A 486 -32.34 -4.02 -0.75
CA LEU A 486 -31.89 -2.68 -0.43
C LEU A 486 -32.58 -1.67 -1.32
N THR A 487 -32.66 -1.96 -2.62
CA THR A 487 -33.31 -1.05 -3.54
C THR A 487 -34.80 -0.94 -3.23
N GLU A 488 -35.40 -2.08 -2.85
CA GLU A 488 -36.82 -2.10 -2.51
C GLU A 488 -37.08 -1.25 -1.28
N ARG A 489 -36.15 -1.30 -0.31
CA ARG A 489 -36.31 -0.49 0.88
C ARG A 489 -36.22 0.99 0.53
N LEU A 490 -35.30 1.34 -0.38
CA LEU A 490 -35.18 2.73 -0.79
C LEU A 490 -36.40 3.17 -1.57
N SER A 491 -37.04 2.24 -2.29
CA SER A 491 -38.28 2.59 -2.99
C SER A 491 -39.37 2.91 -1.99
N LYS A 492 -39.44 2.15 -0.91
CA LYS A 492 -40.42 2.44 0.14
C LYS A 492 -40.06 3.74 0.85
N LEU A 493 -38.77 4.08 0.86
CA LEU A 493 -38.34 5.31 1.50
C LEU A 493 -38.74 6.53 0.68
N LYS A 494 -39.15 6.34 -0.58
CA LYS A 494 -39.77 7.46 -1.30
C LYS A 494 -41.13 7.78 -0.72
N LEU A 495 -41.91 6.74 -0.39
CA LEU A 495 -43.32 6.93 -0.02
C LEU A 495 -43.45 7.66 1.30
N LEU A 496 -42.59 7.30 2.27
CA LEU A 496 -42.58 7.99 3.56
C LEU A 496 -42.08 9.43 3.42
N TRP A 497 -41.32 9.72 2.36
CA TRP A 497 -40.96 11.11 2.10
C TRP A 497 -42.15 11.90 1.60
N ASP A 498 -43.09 11.24 0.93
CA ASP A 498 -44.19 11.98 0.31
C ASP A 498 -45.31 12.27 1.30
N LYS A 499 -45.66 11.30 2.14
CA LYS A 499 -46.83 11.44 3.00
C LYS A 499 -46.55 12.27 4.24
N VAL A 500 -45.29 12.59 4.53
CA VAL A 500 -44.91 13.29 5.75
C VAL A 500 -44.32 14.65 5.38
N GLN A 501 -44.83 15.69 6.02
CA GLN A 501 -44.39 17.05 5.73
C GLN A 501 -43.09 17.37 6.47
N LEU A 502 -42.19 18.08 5.78
CA LEU A 502 -40.91 18.48 6.36
C LEU A 502 -41.13 19.56 7.41
N LEU A 503 -40.65 19.31 8.63
CA LEU A 503 -40.70 20.30 9.69
C LEU A 503 -39.56 21.29 9.54
N ASP A 504 -39.52 22.29 10.42
CA ASP A 504 -38.51 23.33 10.34
C ASP A 504 -38.25 23.91 11.71
N SER A 505 -36.98 23.93 12.11
CA SER A 505 -36.54 24.56 13.34
C SER A 505 -35.74 25.83 13.10
N GLY A 506 -35.59 26.26 11.86
CA GLY A 506 -34.76 27.41 11.53
C GLY A 506 -33.29 27.10 11.35
N ASP A 507 -32.70 26.39 12.31
CA ASP A 507 -31.30 25.99 12.20
C ASP A 507 -31.15 24.74 11.34
N SER A 508 -31.79 23.65 11.72
CA SER A 508 -31.69 22.39 11.01
C SER A 508 -33.09 21.91 10.64
N PHE A 509 -33.13 20.87 9.81
CA PHE A 509 -34.37 20.33 9.28
C PHE A 509 -34.66 18.98 9.92
N TYR A 510 -35.93 18.61 9.99
CA TYR A 510 -36.32 17.39 10.69
C TYR A 510 -37.37 16.63 9.88
N HIS A 511 -37.11 15.33 9.69
CA HIS A 511 -37.99 14.43 8.98
C HIS A 511 -37.59 13.02 9.37
N PRO A 512 -38.55 12.08 9.43
CA PRO A 512 -38.19 10.69 9.82
C PRO A 512 -37.22 9.99 8.89
N VAL A 513 -37.18 10.37 7.61
CA VAL A 513 -36.24 9.77 6.66
C VAL A 513 -34.81 10.04 7.07
N PHE A 514 -34.54 11.26 7.57
CA PHE A 514 -33.22 11.61 8.07
C PHE A 514 -32.81 10.76 9.27
N LYS A 515 -33.75 10.51 10.19
CA LYS A 515 -33.48 9.71 11.37
C LYS A 515 -33.23 8.24 11.00
N ILE A 516 -33.97 7.73 10.03
CA ILE A 516 -33.80 6.32 9.62
C ILE A 516 -32.49 6.14 8.87
N LEU A 517 -32.17 7.07 7.98
CA LEU A 517 -30.89 7.02 7.27
C LEU A 517 -29.70 7.24 8.20
N GLN A 518 -29.89 7.98 9.29
CA GLN A 518 -28.83 8.13 10.27
C GLN A 518 -28.65 6.84 11.07
N ASN A 519 -29.76 6.24 11.50
CA ASN A 519 -29.68 5.05 12.34
C ASN A 519 -29.23 3.81 11.57
N ASP A 520 -29.35 3.80 10.24
CA ASP A 520 -28.74 2.71 9.46
C ASP A 520 -27.23 2.69 9.61
N ILE A 521 -26.60 3.85 9.44
CA ILE A 521 -25.15 3.97 9.64
C ILE A 521 -24.79 3.70 11.09
N LYS A 522 -25.64 4.14 12.03
CA LYS A 522 -25.38 3.87 13.44
C LYS A 522 -25.41 2.37 13.76
N ILE A 523 -26.37 1.64 13.19
CA ILE A 523 -26.48 0.20 13.46
C ILE A 523 -25.31 -0.55 12.85
N ILE A 524 -24.93 -0.20 11.61
CA ILE A 524 -23.85 -0.99 11.00
C ILE A 524 -22.48 -0.60 11.55
N GLU A 525 -22.28 0.66 11.98
CA GLU A 525 -21.08 1.00 12.72
C GLU A 525 -21.06 0.35 14.10
N LEU A 526 -22.22 0.08 14.67
CA LEU A 526 -22.26 -0.71 15.90
C LEU A 526 -21.89 -2.16 15.64
N LYS A 527 -22.30 -2.70 14.49
CA LYS A 527 -22.00 -4.08 14.17
C LYS A 527 -20.56 -4.30 13.70
N ASN A 528 -19.77 -3.24 13.56
CA ASN A 528 -18.34 -3.35 13.27
C ASN A 528 -17.52 -2.81 14.44
N ASP A 529 -17.93 -3.14 15.66
CA ASP A 529 -17.22 -2.79 16.88
C ASP A 529 -16.80 -4.08 17.55
N GLU A 530 -15.50 -4.35 17.58
CA GLU A 530 -14.99 -5.61 18.11
C GLU A 530 -14.67 -5.52 19.60
N MET A 531 -15.15 -4.49 20.29
CA MET A 531 -14.94 -4.41 21.73
C MET A 531 -15.74 -5.47 22.47
N PHE A 532 -16.94 -5.78 21.98
CA PHE A 532 -17.74 -6.80 22.63
C PHE A 532 -17.24 -8.20 22.35
N SER A 533 -16.54 -8.41 21.24
CA SER A 533 -15.81 -9.65 21.04
C SER A 533 -14.63 -9.77 22.00
N LEU A 534 -13.98 -8.65 22.31
CA LEU A 534 -12.90 -8.63 23.29
C LEU A 534 -13.44 -8.97 24.68
N ILE A 535 -14.60 -8.42 25.03
CA ILE A 535 -15.21 -8.69 26.33
C ILE A 535 -15.74 -10.12 26.40
N LYS A 536 -16.25 -10.68 25.29
CA LYS A 536 -16.56 -12.11 25.27
C LYS A 536 -15.30 -12.96 25.33
N GLY A 537 -14.17 -12.44 24.89
CA GLY A 537 -12.91 -13.14 25.03
C GLY A 537 -12.45 -13.24 26.48
N LEU A 538 -12.12 -12.11 27.11
CA LEU A 538 -11.47 -12.17 28.42
C LEU A 538 -12.23 -11.45 29.54
N GLY A 539 -13.53 -11.22 29.37
CA GLY A 539 -14.32 -10.54 30.37
C GLY A 539 -15.38 -11.45 30.98
N SER A 540 -16.33 -10.80 31.67
CA SER A 540 -17.37 -11.51 32.40
C SER A 540 -18.78 -11.22 31.91
N LEU A 541 -18.95 -10.41 30.86
CA LEU A 541 -20.28 -10.12 30.35
C LEU A 541 -20.34 -10.32 28.84
N SER A 564 -44.63 12.24 20.48
CA SER A 564 -44.09 12.61 19.18
C SER A 564 -44.34 11.52 18.16
N ASP A 565 -44.93 11.89 17.02
CA ASP A 565 -45.13 10.94 15.94
C ASP A 565 -43.85 10.68 15.15
N PHE A 566 -42.83 11.53 15.34
CA PHE A 566 -41.53 11.36 14.71
C PHE A 566 -40.88 10.03 15.11
N ARG A 567 -40.70 9.83 16.42
CA ARG A 567 -40.10 8.60 16.94
C ARG A 567 -40.97 7.39 16.64
N THR A 568 -42.29 7.57 16.62
CA THR A 568 -43.20 6.48 16.34
C THR A 568 -43.07 6.00 14.90
N ILE A 569 -43.04 6.94 13.94
CA ILE A 569 -42.89 6.59 12.53
C ILE A 569 -41.52 5.96 12.26
N VAL A 570 -40.48 6.48 12.92
CA VAL A 570 -39.13 5.93 12.75
C VAL A 570 -39.07 4.49 13.27
N GLU A 571 -39.64 4.25 14.46
CA GLU A 571 -39.65 2.89 15.00
C GLU A 571 -40.53 1.95 14.20
N GLU A 572 -41.63 2.43 13.62
CA GLU A 572 -42.46 1.59 12.75
C GLU A 572 -41.71 1.18 11.50
N PHE A 573 -41.02 2.13 10.85
CA PHE A 573 -40.33 1.80 9.61
C PHE A 573 -39.11 0.92 9.86
N GLN A 574 -38.42 1.12 10.98
CA GLN A 574 -37.27 0.28 11.28
C GLN A 574 -37.69 -1.09 11.80
N SER A 575 -38.87 -1.20 12.41
CA SER A 575 -39.38 -2.51 12.77
C SER A 575 -39.91 -3.25 11.57
N GLU A 576 -40.35 -2.53 10.53
CA GLU A 576 -40.89 -3.15 9.33
C GLU A 576 -39.80 -3.47 8.30
N TYR A 577 -38.89 -2.53 8.05
CA TYR A 577 -37.81 -2.72 7.09
C TYR A 577 -36.48 -2.53 7.82
N ASN A 578 -35.97 -3.61 8.40
CA ASN A 578 -34.73 -3.55 9.16
C ASN A 578 -33.53 -3.59 8.22
N ILE A 579 -32.51 -2.78 8.52
CA ILE A 579 -31.34 -2.71 7.67
C ILE A 579 -30.43 -3.92 7.89
N SER A 580 -30.51 -4.54 9.07
CA SER A 580 -29.65 -5.68 9.40
C SER A 580 -29.99 -6.95 8.62
N ASP A 581 -31.02 -6.91 7.76
CA ASP A 581 -31.26 -7.98 6.81
C ASP A 581 -30.20 -8.04 5.73
N ILE A 582 -29.44 -6.96 5.50
CA ILE A 582 -28.42 -7.00 4.45
C ILE A 582 -27.09 -7.55 4.95
N LEU A 583 -26.94 -7.75 6.26
CA LEU A 583 -25.66 -8.21 6.80
C LEU A 583 -25.43 -9.67 6.48
N SER A 584 -24.18 -10.00 6.14
CA SER A 584 -23.82 -11.37 5.82
C SER A 584 -23.56 -12.18 7.08
N SER B 30 51.90 -2.63 10.83
CA SER B 30 50.89 -1.81 11.48
C SER B 30 49.92 -2.67 12.28
N LYS B 31 49.14 -2.01 13.13
CA LYS B 31 48.14 -2.68 13.98
C LYS B 31 46.81 -1.93 13.91
N GLU B 32 46.39 -1.60 12.69
CA GLU B 32 45.18 -0.83 12.45
C GLU B 32 43.94 -1.68 12.22
N TYR B 33 44.08 -3.01 12.24
CA TYR B 33 42.93 -3.87 11.93
C TYR B 33 41.94 -3.96 13.08
N LEU B 34 42.31 -3.53 14.28
CA LEU B 34 41.45 -3.70 15.44
C LEU B 34 40.17 -2.86 15.42
N PRO B 35 40.16 -1.56 15.08
CA PRO B 35 38.85 -0.86 15.06
C PRO B 35 37.94 -1.31 13.94
N ASP B 36 38.47 -1.52 12.73
CA ASP B 36 37.65 -2.03 11.63
C ASP B 36 37.16 -3.44 11.91
N LEU B 37 37.95 -4.22 12.66
CA LEU B 37 37.53 -5.57 13.01
C LEU B 37 36.48 -5.56 14.12
N LEU B 38 36.55 -4.61 15.04
CA LEU B 38 35.47 -4.45 16.01
C LEU B 38 34.19 -3.95 15.35
N LEU B 39 34.31 -3.13 14.30
CA LEU B 39 33.12 -2.77 13.53
C LEU B 39 32.59 -3.96 12.72
N PHE B 40 33.49 -4.83 12.27
CA PHE B 40 33.11 -6.09 11.63
C PHE B 40 32.39 -7.02 12.59
N TRP B 41 32.69 -6.90 13.88
CA TRP B 41 32.00 -7.71 14.89
C TRP B 41 30.51 -7.41 14.96
N GLN B 42 30.10 -6.17 14.69
CA GLN B 42 28.67 -5.84 14.66
C GLN B 42 27.96 -6.61 13.55
N ASN B 43 28.59 -6.69 12.38
CA ASN B 43 28.05 -7.45 11.26
C ASN B 43 27.98 -8.95 11.59
N TYR B 44 29.08 -9.46 12.17
CA TYR B 44 29.14 -10.88 12.53
C TYR B 44 28.15 -11.23 13.64
N GLU B 45 27.90 -10.29 14.54
CA GLU B 45 26.99 -10.57 15.65
C GLU B 45 25.54 -10.46 15.21
N TYR B 46 25.26 -9.62 14.22
CA TYR B 46 23.92 -9.61 13.63
C TYR B 46 23.64 -10.89 12.88
N TRP B 47 24.57 -11.33 12.03
CA TRP B 47 24.24 -12.47 11.18
C TRP B 47 24.43 -13.81 11.90
N ILE B 48 25.59 -14.02 12.51
CA ILE B 48 25.99 -15.38 12.86
C ILE B 48 25.42 -15.80 14.20
N THR B 49 25.52 -14.94 15.20
CA THR B 49 25.05 -15.26 16.54
C THR B 49 23.57 -15.07 16.71
N ASN B 50 22.92 -14.32 15.81
CA ASN B 50 21.49 -14.02 15.94
C ASN B 50 20.68 -14.67 14.83
N ILE B 51 21.00 -14.41 13.56
CA ILE B 51 20.18 -14.92 12.46
C ILE B 51 20.56 -16.35 12.12
N GLY B 52 21.86 -16.65 12.12
CA GLY B 52 22.31 -17.96 11.70
C GLY B 52 21.97 -19.06 12.69
N LEU B 53 22.24 -18.82 13.97
CA LEU B 53 22.10 -19.87 14.97
C LEU B 53 20.63 -20.07 15.36
N TYR B 54 19.87 -18.99 15.49
CA TYR B 54 18.53 -19.05 16.07
C TYR B 54 17.41 -18.88 15.06
N LYS B 55 17.65 -18.15 13.97
CA LYS B 55 16.59 -17.65 13.10
C LYS B 55 16.76 -18.07 11.66
N THR B 56 17.27 -19.28 11.44
CA THR B 56 17.49 -19.78 10.09
C THR B 56 17.18 -21.28 10.05
N LYS B 57 16.27 -21.67 9.16
CA LYS B 57 15.90 -23.07 9.00
C LYS B 57 16.16 -23.48 7.57
N GLN B 58 17.11 -24.40 7.37
CA GLN B 58 17.40 -24.95 6.05
C GLN B 58 16.24 -25.83 5.60
N ARG B 59 15.44 -25.34 4.66
CA ARG B 59 14.28 -26.06 4.19
C ARG B 59 14.52 -26.61 2.80
N ASP B 60 13.86 -27.73 2.50
CA ASP B 60 13.90 -28.36 1.19
C ASP B 60 12.51 -28.89 0.91
N LEU B 61 11.85 -28.34 -0.11
CA LEU B 61 10.44 -28.62 -0.33
C LEU B 61 10.20 -29.88 -1.14
N THR B 62 11.20 -30.35 -1.89
CA THR B 62 11.05 -31.58 -2.66
C THR B 62 11.19 -32.83 -1.81
N ARG B 63 11.70 -32.72 -0.58
CA ARG B 63 11.94 -33.88 0.26
C ARG B 63 11.19 -33.85 1.59
N THR B 64 10.63 -32.72 1.99
CA THR B 64 9.94 -32.63 3.27
C THR B 64 8.59 -33.32 3.18
N PRO B 65 8.29 -34.26 4.09
CA PRO B 65 6.99 -34.94 4.05
C PRO B 65 5.83 -34.03 4.43
N ALA B 66 4.97 -33.72 3.45
CA ALA B 66 3.76 -32.96 3.72
C ALA B 66 2.79 -33.85 4.50
N ASN B 67 2.58 -33.52 5.77
CA ASN B 67 1.83 -34.39 6.68
C ASN B 67 0.35 -34.38 6.33
N LEU B 68 -0.07 -35.39 5.56
CA LEU B 68 -1.47 -35.52 5.15
C LEU B 68 -2.36 -35.78 6.36
N ASP B 69 -1.82 -36.45 7.38
CA ASP B 69 -2.57 -36.67 8.62
C ASP B 69 -2.79 -35.37 9.39
N THR B 70 -1.93 -34.36 9.15
CA THR B 70 -1.92 -33.06 9.85
C THR B 70 -1.84 -33.23 11.36
N ASP B 71 -0.96 -34.16 11.78
CA ASP B 71 -0.60 -34.40 13.19
C ASP B 71 -1.78 -34.81 14.04
N THR B 72 -2.78 -35.45 13.43
CA THR B 72 -3.92 -35.96 14.19
C THR B 72 -3.53 -37.23 14.94
N GLU B 73 -2.84 -38.15 14.25
CA GLU B 73 -2.33 -39.37 14.87
C GLU B 73 -1.33 -39.07 15.97
N GLU B 74 -0.55 -38.01 15.81
CA GLU B 74 0.44 -37.63 16.81
C GLU B 74 -0.22 -37.00 18.03
N CYS B 75 -0.93 -35.88 17.83
CA CYS B 75 -1.49 -35.15 18.95
C CYS B 75 -2.67 -35.82 19.60
N MET B 76 -3.35 -36.75 18.93
CA MET B 76 -4.40 -37.52 19.60
C MET B 76 -3.81 -38.37 20.73
N PHE B 77 -2.71 -39.05 20.45
CA PHE B 77 -2.01 -39.80 21.48
C PHE B 77 -1.38 -38.86 22.52
N TRP B 78 -0.68 -37.82 22.06
CA TRP B 78 0.03 -36.95 22.98
C TRP B 78 -0.89 -36.05 23.80
N MET B 79 -2.17 -35.97 23.47
CA MET B 79 -3.16 -35.39 24.37
C MET B 79 -3.89 -36.45 25.18
N ASN B 80 -3.91 -37.71 24.74
CA ASN B 80 -4.40 -38.77 25.61
C ASN B 80 -3.37 -39.17 26.67
N TYR B 81 -2.11 -38.75 26.52
CA TYR B 81 -1.08 -39.08 27.50
C TYR B 81 -1.24 -38.30 28.79
N LEU B 82 -1.66 -37.04 28.71
CA LEU B 82 -1.78 -36.20 29.89
C LEU B 82 -2.98 -36.62 30.73
N GLN B 83 -2.80 -36.61 32.04
CA GLN B 83 -3.85 -36.98 32.98
C GLN B 83 -4.26 -35.76 33.79
N LYS B 84 -5.37 -35.91 34.53
CA LYS B 84 -6.06 -34.74 35.08
C LYS B 84 -5.34 -34.17 36.29
N ASP B 85 -5.06 -35.02 37.28
CA ASP B 85 -4.39 -34.58 38.51
C ASP B 85 -2.97 -34.09 38.23
N GLN B 86 -2.31 -34.68 37.22
CA GLN B 86 -1.03 -34.18 36.74
C GLN B 86 -1.16 -32.75 36.22
N SER B 87 -2.24 -32.48 35.49
CA SER B 87 -2.47 -31.15 34.95
C SER B 87 -2.75 -30.13 36.05
N PHE B 88 -3.49 -30.54 37.09
CA PHE B 88 -3.73 -29.62 38.19
C PHE B 88 -2.46 -29.39 39.02
N GLN B 89 -1.56 -30.38 39.10
CA GLN B 89 -0.27 -30.12 39.73
C GLN B 89 0.59 -29.18 38.90
N LEU B 90 0.49 -29.26 37.57
CA LEU B 90 1.13 -28.28 36.70
C LEU B 90 0.61 -26.88 36.96
N MET B 91 -0.72 -26.74 37.09
CA MET B 91 -1.32 -25.44 37.36
C MET B 91 -0.93 -24.90 38.73
N ASN B 92 -0.81 -25.79 39.72
CA ASN B 92 -0.37 -25.39 41.06
C ASN B 92 1.08 -24.90 41.04
N PHE B 93 1.95 -25.61 40.30
CA PHE B 93 3.34 -25.17 40.15
C PHE B 93 3.43 -23.82 39.45
N ALA B 94 2.59 -23.60 38.45
CA ALA B 94 2.57 -22.32 37.74
C ALA B 94 2.10 -21.20 38.67
N MET B 95 1.12 -21.50 39.53
CA MET B 95 0.64 -20.49 40.47
C MET B 95 1.70 -20.17 41.51
N GLU B 96 2.47 -21.17 41.93
CA GLU B 96 3.44 -20.95 43.01
C GLU B 96 4.68 -20.23 42.51
N ASN B 97 5.18 -20.58 41.31
CA ASN B 97 6.54 -20.20 40.96
C ASN B 97 6.71 -19.44 39.64
N LEU B 98 5.66 -19.24 38.86
CA LEU B 98 5.82 -18.75 37.49
C LEU B 98 5.07 -17.44 37.21
N GLY B 99 4.77 -16.66 38.25
CA GLY B 99 3.82 -15.55 38.09
C GLY B 99 4.33 -14.43 37.21
N ALA B 100 5.63 -14.14 37.29
CA ALA B 100 6.26 -13.06 36.53
C ALA B 100 6.33 -13.32 35.03
N LEU B 101 5.93 -14.50 34.57
CA LEU B 101 5.78 -14.75 33.13
C LEU B 101 4.35 -14.49 32.70
N TYR B 102 3.40 -15.25 33.24
CA TYR B 102 2.04 -15.17 32.71
C TYR B 102 1.27 -13.95 33.19
N PHE B 103 1.81 -13.12 34.09
CA PHE B 103 1.05 -11.95 34.52
C PHE B 103 0.91 -10.94 33.39
N GLY B 104 1.86 -10.90 32.46
CA GLY B 104 1.74 -10.03 31.32
C GLY B 104 0.67 -10.45 30.34
N SER B 105 0.45 -11.76 30.20
CA SER B 105 -0.48 -12.26 29.20
C SER B 105 -1.88 -12.51 29.78
N ILE B 106 -1.97 -13.41 30.76
CA ILE B 106 -3.27 -13.86 31.25
C ILE B 106 -3.60 -13.33 32.63
N GLY B 107 -2.76 -12.46 33.20
CA GLY B 107 -3.05 -11.91 34.52
C GLY B 107 -2.90 -12.90 35.65
N ASP B 108 -4.02 -13.34 36.20
CA ASP B 108 -4.04 -14.28 37.31
C ASP B 108 -4.52 -15.65 36.85
N ILE B 109 -3.95 -16.69 37.44
CA ILE B 109 -4.19 -18.06 36.98
C ILE B 109 -5.26 -18.79 37.81
N SER B 110 -5.60 -18.26 38.99
CA SER B 110 -6.70 -18.85 39.75
C SER B 110 -8.05 -18.59 39.08
N GLU B 111 -8.13 -17.54 38.27
CA GLU B 111 -9.27 -17.31 37.41
C GLU B 111 -9.35 -18.33 36.28
N LEU B 112 -8.21 -18.93 35.91
CA LEU B 112 -8.15 -19.89 34.80
C LEU B 112 -8.47 -21.30 35.24
N TYR B 113 -8.52 -21.55 36.56
CA TYR B 113 -8.88 -22.87 37.08
C TYR B 113 -10.28 -23.27 36.65
N LEU B 114 -11.19 -22.31 36.56
CA LEU B 114 -12.55 -22.58 36.10
C LEU B 114 -12.57 -23.06 34.65
N ARG B 115 -11.73 -22.47 33.80
CA ARG B 115 -11.65 -22.89 32.41
C ARG B 115 -11.00 -24.26 32.29
N VAL B 116 -10.05 -24.55 33.17
CA VAL B 116 -9.45 -25.89 33.20
C VAL B 116 -10.49 -26.94 33.62
N GLU B 117 -11.32 -26.61 34.62
CA GLU B 117 -12.41 -27.49 35.03
C GLU B 117 -13.41 -27.72 33.89
N GLN B 118 -13.74 -26.64 33.16
CA GLN B 118 -14.65 -26.75 32.03
C GLN B 118 -14.08 -27.62 30.91
N TYR B 119 -12.78 -27.52 30.64
CA TYR B 119 -12.15 -28.40 29.65
C TYR B 119 -12.17 -29.85 30.09
N TRP B 120 -11.82 -30.11 31.35
CA TRP B 120 -11.77 -31.51 31.78
C TRP B 120 -13.16 -32.12 31.93
N ASP B 121 -14.19 -31.29 32.07
CA ASP B 121 -15.55 -31.83 32.02
C ASP B 121 -16.05 -31.98 30.59
N ARG B 122 -15.63 -31.09 29.69
CA ARG B 122 -16.12 -31.09 28.31
C ARG B 122 -15.36 -32.08 27.42
N ARG B 123 -14.23 -32.59 27.91
CA ARG B 123 -13.33 -33.42 27.10
C ARG B 123 -13.98 -34.71 26.61
N ALA B 124 -14.92 -35.26 27.39
CA ALA B 124 -15.53 -36.54 27.04
C ALA B 124 -16.65 -36.42 26.00
N ASP B 125 -16.92 -35.23 25.48
CA ASP B 125 -18.03 -35.02 24.57
C ASP B 125 -17.65 -35.45 23.15
N LYS B 126 -18.56 -35.19 22.19
CA LYS B 126 -18.32 -35.51 20.78
C LYS B 126 -18.17 -34.25 19.95
N ASN B 127 -19.13 -33.34 19.99
CA ASN B 127 -19.02 -32.06 19.33
C ASN B 127 -18.29 -31.05 20.21
N HIS B 128 -17.85 -29.96 19.61
CA HIS B 128 -17.13 -28.92 20.34
C HIS B 128 -17.49 -27.55 19.75
N SER B 129 -17.24 -26.52 20.55
CA SER B 129 -17.50 -25.14 20.17
C SER B 129 -16.19 -24.39 20.05
N VAL B 130 -16.22 -23.28 19.31
CA VAL B 130 -14.99 -22.58 18.94
C VAL B 130 -14.39 -21.85 20.15
N ASP B 131 -15.24 -21.25 20.98
CA ASP B 131 -14.78 -20.54 22.17
C ASP B 131 -14.15 -21.49 23.17
N GLY B 132 -14.72 -22.69 23.30
CA GLY B 132 -14.12 -23.71 24.13
C GLY B 132 -12.76 -24.14 23.63
N LYS B 133 -12.59 -24.27 22.32
CA LYS B 133 -11.29 -24.65 21.76
C LYS B 133 -10.27 -23.53 21.90
N TYR B 134 -10.72 -22.27 21.92
CA TYR B 134 -9.82 -21.17 22.25
C TYR B 134 -9.32 -21.27 23.69
N TRP B 135 -10.23 -21.56 24.64
CA TRP B 135 -9.79 -21.76 26.03
C TRP B 135 -8.88 -22.98 26.15
N ASP B 136 -9.12 -24.00 25.32
CA ASP B 136 -8.25 -25.17 25.34
C ASP B 136 -6.86 -24.84 24.82
N ALA B 137 -6.77 -24.03 23.77
CA ALA B 137 -5.46 -23.61 23.27
C ALA B 137 -4.72 -22.78 24.30
N LEU B 138 -5.45 -21.95 25.04
CA LEU B 138 -4.83 -21.15 26.09
C LEU B 138 -4.28 -22.01 27.22
N ILE B 139 -5.06 -23.00 27.67
CA ILE B 139 -4.58 -23.80 28.80
C ILE B 139 -3.52 -24.81 28.36
N TRP B 140 -3.51 -25.22 27.09
CA TRP B 140 -2.41 -26.07 26.63
C TRP B 140 -1.12 -25.29 26.45
N SER B 141 -1.22 -24.01 26.06
CA SER B 141 -0.04 -23.16 26.08
C SER B 141 0.48 -22.97 27.51
N VAL B 142 -0.44 -22.82 28.48
CA VAL B 142 -0.04 -22.74 29.89
C VAL B 142 0.63 -24.04 30.34
N PHE B 143 0.13 -25.18 29.86
CA PHE B 143 0.78 -26.47 30.16
C PHE B 143 2.19 -26.55 29.59
N THR B 144 2.38 -26.01 28.38
CA THR B 144 3.72 -25.95 27.79
C THR B 144 4.67 -25.09 28.62
N MET B 145 4.17 -23.95 29.12
CA MET B 145 4.98 -23.11 29.99
C MET B 145 5.29 -23.80 31.31
N CYS B 146 4.37 -24.63 31.80
CA CYS B 146 4.62 -25.40 33.02
C CYS B 146 5.70 -26.46 32.79
N ILE B 147 5.68 -27.10 31.63
CA ILE B 147 6.64 -28.17 31.34
C ILE B 147 8.04 -27.59 31.15
N TYR B 148 8.15 -26.47 30.43
CA TYR B 148 9.46 -25.97 30.03
C TYR B 148 10.27 -25.43 31.21
N TYR B 149 9.62 -24.93 32.25
CA TYR B 149 10.33 -24.35 33.38
C TYR B 149 10.28 -25.22 34.64
N MET B 150 9.91 -26.49 34.52
CA MET B 150 9.82 -27.24 35.77
C MET B 150 11.14 -27.95 36.08
N PRO B 151 11.56 -27.98 37.34
CA PRO B 151 12.73 -28.79 37.70
C PRO B 151 12.50 -30.27 37.51
N VAL B 152 13.62 -31.00 37.42
CA VAL B 152 13.59 -32.36 36.88
C VAL B 152 13.06 -33.38 37.89
N GLU B 153 13.17 -33.11 39.19
CA GLU B 153 12.77 -34.08 40.21
C GLU B 153 11.25 -34.17 40.33
N LYS B 154 10.59 -33.02 40.43
CA LYS B 154 9.12 -33.00 40.47
C LYS B 154 8.54 -33.47 39.13
N LEU B 155 9.22 -33.16 38.04
CA LEU B 155 8.77 -33.58 36.72
C LEU B 155 8.90 -35.09 36.55
N ALA B 156 9.91 -35.69 37.21
CA ALA B 156 10.03 -37.14 37.19
C ALA B 156 9.01 -37.79 38.11
N GLU B 157 8.68 -37.13 39.22
CA GLU B 157 7.66 -37.68 40.13
C GLU B 157 6.27 -37.61 39.53
N ILE B 158 6.00 -36.63 38.65
CA ILE B 158 4.68 -36.53 38.04
C ILE B 158 4.55 -37.50 36.87
N PHE B 159 5.42 -37.36 35.87
CA PHE B 159 5.25 -38.07 34.61
C PHE B 159 6.14 -39.31 34.54
N SER B 160 5.65 -40.30 33.81
CA SER B 160 6.45 -41.48 33.51
C SER B 160 7.40 -41.20 32.34
N VAL B 161 8.27 -42.17 32.06
CA VAL B 161 9.25 -42.03 30.99
C VAL B 161 8.96 -43.10 29.95
N TYR B 162 8.36 -44.19 30.38
CA TYR B 162 8.25 -45.38 29.54
C TYR B 162 7.24 -45.28 28.38
N PRO B 163 6.03 -44.70 28.51
CA PRO B 163 5.18 -44.57 27.29
C PRO B 163 5.74 -43.64 26.23
N LEU B 164 6.61 -42.70 26.63
CA LEU B 164 7.28 -41.83 25.66
C LEU B 164 8.15 -42.64 24.71
N HIS B 165 8.91 -43.59 25.25
CA HIS B 165 9.74 -44.46 24.43
C HIS B 165 8.96 -45.60 23.81
N GLU B 166 7.79 -45.94 24.36
CA GLU B 166 6.92 -46.88 23.67
C GLU B 166 6.34 -46.27 22.40
N TYR B 167 6.05 -44.97 22.42
CA TYR B 167 5.57 -44.34 21.18
C TYR B 167 6.72 -44.02 20.23
N LEU B 168 7.76 -43.35 20.74
CA LEU B 168 8.80 -42.82 19.86
C LEU B 168 9.76 -43.90 19.36
N GLY B 169 9.82 -45.06 20.02
CA GLY B 169 10.68 -46.12 19.57
C GLY B 169 12.16 -45.93 19.85
N SER B 170 12.51 -44.98 20.70
CA SER B 170 13.90 -44.65 20.98
C SER B 170 14.42 -45.54 22.10
N ASN B 171 15.58 -45.21 22.66
CA ASN B 171 16.19 -45.99 23.73
C ASN B 171 15.35 -45.91 24.99
N LYS B 172 15.30 -47.04 25.72
CA LYS B 172 14.58 -47.06 26.99
C LYS B 172 15.39 -46.43 28.10
N ARG B 173 16.72 -46.38 27.94
CA ARG B 173 17.59 -45.86 28.98
C ARG B 173 17.74 -44.34 28.94
N LEU B 174 17.02 -43.66 28.05
CA LEU B 174 17.06 -42.20 28.06
C LEU B 174 16.28 -41.65 29.24
N ASN B 175 16.68 -40.46 29.69
CA ASN B 175 16.10 -39.84 30.87
C ASN B 175 15.63 -38.44 30.52
N TRP B 176 15.23 -37.69 31.54
CA TRP B 176 14.75 -36.33 31.30
C TRP B 176 15.89 -35.38 31.00
N GLU B 177 17.03 -35.56 31.67
CA GLU B 177 18.20 -34.74 31.41
C GLU B 177 18.87 -35.07 30.09
N ASP B 178 18.53 -36.20 29.47
CA ASP B 178 19.03 -36.50 28.14
C ASP B 178 18.34 -35.65 27.09
N GLY B 179 17.09 -35.24 27.34
CA GLY B 179 16.40 -34.37 26.41
C GLY B 179 14.95 -34.69 26.16
N MET B 180 14.38 -35.65 26.90
CA MET B 180 12.96 -36.00 26.71
C MET B 180 12.03 -34.90 27.20
N GLN B 181 12.49 -34.04 28.12
CA GLN B 181 11.64 -32.93 28.57
C GLN B 181 11.48 -31.90 27.47
N LEU B 182 12.53 -31.67 26.67
CA LEU B 182 12.43 -30.81 25.50
C LEU B 182 11.48 -31.40 24.46
N VAL B 183 11.48 -32.73 24.31
CA VAL B 183 10.58 -33.40 23.38
C VAL B 183 9.13 -33.27 23.84
N MET B 184 8.90 -33.38 25.15
CA MET B 184 7.55 -33.22 25.67
C MET B 184 7.06 -31.79 25.55
N CYS B 185 7.97 -30.82 25.73
CA CYS B 185 7.63 -29.41 25.54
C CYS B 185 7.27 -29.12 24.09
N GLN B 186 8.06 -29.65 23.15
CA GLN B 186 7.78 -29.46 21.73
C GLN B 186 6.47 -30.11 21.32
N ASN B 187 6.17 -31.31 21.86
CA ASN B 187 4.91 -31.96 21.53
C ASN B 187 3.70 -31.24 22.13
N PHE B 188 3.84 -30.65 23.33
CA PHE B 188 2.74 -29.86 23.87
C PHE B 188 2.52 -28.57 23.09
N ALA B 189 3.61 -27.95 22.61
CA ALA B 189 3.47 -26.78 21.75
C ALA B 189 2.80 -27.14 20.43
N ARG B 190 3.17 -28.29 19.86
CA ARG B 190 2.57 -28.75 18.61
C ARG B 190 1.10 -29.09 18.78
N CYS B 191 0.73 -29.64 19.93
CA CYS B 191 -0.68 -29.96 20.14
C CYS B 191 -1.51 -28.73 20.46
N SER B 192 -0.91 -27.71 21.08
CA SER B 192 -1.56 -26.42 21.21
C SER B 192 -1.82 -25.78 19.85
N LEU B 193 -0.83 -25.86 18.96
CA LEU B 193 -1.03 -25.39 17.59
C LEU B 193 -2.07 -26.21 16.84
N PHE B 194 -2.16 -27.51 17.12
CA PHE B 194 -3.18 -28.33 16.48
C PHE B 194 -4.58 -27.95 16.95
N GLN B 195 -4.73 -27.61 18.24
CA GLN B 195 -6.00 -27.07 18.70
C GLN B 195 -6.30 -25.71 18.09
N LEU B 196 -5.28 -24.91 17.82
CA LEU B 196 -5.51 -23.67 17.08
C LEU B 196 -5.97 -23.94 15.66
N LYS B 197 -5.40 -24.98 15.03
CA LYS B 197 -5.80 -25.34 13.67
C LYS B 197 -7.22 -25.90 13.61
N GLN B 198 -7.67 -26.55 14.68
CA GLN B 198 -9.07 -26.98 14.70
C GLN B 198 -10.05 -25.84 14.92
N CYS B 199 -9.57 -24.68 15.38
CA CYS B 199 -10.46 -23.53 15.55
C CYS B 199 -10.83 -22.89 14.21
N ASP B 200 -10.08 -23.17 13.15
CA ASP B 200 -9.96 -22.31 11.98
C ASP B 200 -9.71 -20.86 12.41
N PHE B 201 -8.55 -20.69 13.07
CA PHE B 201 -8.17 -19.40 13.63
C PHE B 201 -7.87 -18.37 12.54
N MET B 202 -7.68 -18.80 11.30
CA MET B 202 -7.65 -17.89 10.17
C MET B 202 -8.97 -17.15 10.02
N ALA B 203 -10.08 -17.88 10.00
CA ALA B 203 -11.39 -17.30 9.72
C ALA B 203 -12.13 -16.87 10.98
N HIS B 204 -11.49 -16.89 12.15
CA HIS B 204 -12.12 -16.45 13.39
C HIS B 204 -11.08 -15.80 14.27
N PRO B 205 -10.83 -14.50 14.10
CA PRO B 205 -9.83 -13.83 14.95
C PRO B 205 -10.40 -13.54 16.33
N ASP B 206 -9.63 -13.86 17.37
CA ASP B 206 -10.03 -13.62 18.74
C ASP B 206 -8.79 -13.45 19.61
N ILE B 207 -8.95 -12.73 20.72
CA ILE B 207 -7.84 -12.30 21.55
C ILE B 207 -7.12 -13.44 22.26
N ARG B 208 -7.77 -14.60 22.42
CA ARG B 208 -7.12 -15.73 23.07
C ARG B 208 -6.00 -16.33 22.23
N LEU B 209 -5.98 -16.04 20.92
CA LEU B 209 -4.82 -16.39 20.10
C LEU B 209 -3.58 -15.65 20.53
N VAL B 210 -3.69 -14.35 20.84
CA VAL B 210 -2.54 -13.56 21.22
C VAL B 210 -2.01 -13.99 22.59
N GLN B 211 -2.92 -14.30 23.52
CA GLN B 211 -2.51 -14.76 24.84
C GLN B 211 -1.89 -16.15 24.76
N ALA B 212 -2.50 -17.06 24.00
CA ALA B 212 -1.98 -18.41 23.88
C ALA B 212 -0.69 -18.45 23.06
N TYR B 213 -0.40 -17.40 22.29
CA TYR B 213 0.91 -17.31 21.68
C TYR B 213 1.94 -16.70 22.62
N LEU B 214 1.55 -15.70 23.40
CA LEU B 214 2.50 -15.10 24.34
C LEU B 214 2.88 -16.04 25.48
N ILE B 215 2.02 -17.01 25.82
CA ILE B 215 2.47 -18.04 26.75
C ILE B 215 3.43 -19.00 26.06
N LEU B 216 3.21 -19.31 24.77
CA LEU B 216 4.18 -20.10 24.00
C LEU B 216 5.42 -19.32 23.61
N ALA B 217 5.45 -18.00 23.82
CA ALA B 217 6.65 -17.22 23.54
C ALA B 217 7.61 -17.19 24.71
N THR B 218 7.23 -17.75 25.87
CA THR B 218 8.11 -17.79 27.01
C THR B 218 9.17 -18.88 26.88
N THR B 219 8.91 -19.89 26.06
CA THR B 219 9.82 -21.00 25.88
C THR B 219 10.75 -20.72 24.72
N THR B 220 11.48 -21.73 24.24
CA THR B 220 12.26 -21.62 23.02
C THR B 220 11.52 -22.20 21.81
N PHE B 221 10.20 -22.28 21.89
CA PHE B 221 9.35 -22.47 20.71
C PHE B 221 9.58 -21.44 19.59
N PRO B 222 9.91 -20.17 19.84
CA PRO B 222 10.36 -19.32 18.71
C PRO B 222 11.69 -19.70 18.09
N TYR B 223 12.40 -20.70 18.62
CA TYR B 223 13.67 -21.11 18.05
C TYR B 223 13.65 -22.52 17.49
N ASP B 224 12.63 -23.31 17.79
CA ASP B 224 12.45 -24.61 17.14
C ASP B 224 11.93 -24.43 15.72
N GLU B 225 10.74 -23.83 15.60
CA GLU B 225 10.12 -23.54 14.31
C GLU B 225 10.08 -22.02 14.15
N PRO B 226 11.09 -21.42 13.50
CA PRO B 226 11.17 -19.96 13.49
C PRO B 226 10.15 -19.28 12.58
N LEU B 227 9.96 -19.76 11.36
CA LEU B 227 9.04 -19.07 10.46
C LEU B 227 7.59 -19.43 10.73
N LEU B 228 7.35 -20.58 11.38
CA LEU B 228 6.02 -20.85 11.90
C LEU B 228 5.68 -19.89 13.03
N ALA B 229 6.66 -19.57 13.88
CA ALA B 229 6.44 -18.58 14.91
C ALA B 229 6.26 -17.19 14.32
N ASN B 230 6.94 -16.90 13.22
CA ASN B 230 6.74 -15.61 12.54
C ASN B 230 5.35 -15.51 11.92
N SER B 231 4.84 -16.61 11.37
CA SER B 231 3.49 -16.61 10.81
C SER B 231 2.44 -16.46 11.92
N LEU B 232 2.65 -17.14 13.05
CA LEU B 232 1.76 -16.97 14.20
C LEU B 232 1.82 -15.55 14.74
N LEU B 233 2.99 -14.91 14.72
CA LEU B 233 3.08 -13.56 15.23
C LEU B 233 2.43 -12.56 14.28
N THR B 234 2.48 -12.82 12.96
CA THR B 234 1.75 -11.96 12.03
C THR B 234 0.24 -12.14 12.18
N GLN B 235 -0.21 -13.37 12.47
CA GLN B 235 -1.62 -13.58 12.80
C GLN B 235 -2.00 -12.85 14.08
N CYS B 236 -1.10 -12.79 15.06
CA CYS B 236 -1.40 -12.08 16.30
C CYS B 236 -1.43 -10.57 16.10
N ILE B 237 -0.58 -10.05 15.21
CA ILE B 237 -0.63 -8.62 14.88
C ILE B 237 -1.93 -8.28 14.16
N HIS B 238 -2.38 -9.15 13.25
CA HIS B 238 -3.66 -8.98 12.58
C HIS B 238 -4.81 -9.00 13.59
N THR B 239 -4.78 -9.95 14.52
CA THR B 239 -5.82 -10.07 15.53
C THR B 239 -5.83 -8.87 16.48
N PHE B 240 -4.66 -8.34 16.84
CA PHE B 240 -4.63 -7.16 17.70
C PHE B 240 -5.15 -5.92 16.98
N LYS B 241 -4.66 -5.67 15.75
CA LYS B 241 -5.09 -4.49 15.03
C LYS B 241 -6.53 -4.58 14.52
N ASN B 242 -7.14 -5.76 14.59
CA ASN B 242 -8.58 -5.90 14.37
C ASN B 242 -9.41 -5.07 15.37
N PHE B 243 -8.89 -4.84 16.58
CA PHE B 243 -9.70 -4.18 17.61
C PHE B 243 -9.76 -2.68 17.46
N HIS B 244 -8.74 -2.07 16.82
CA HIS B 244 -8.65 -0.63 16.57
C HIS B 244 -8.68 0.19 17.85
N VAL B 245 -7.90 -0.24 18.85
CA VAL B 245 -7.68 0.54 20.07
C VAL B 245 -6.24 1.00 20.05
N ASP B 246 -6.04 2.32 20.03
CA ASP B 246 -4.70 2.88 19.92
C ASP B 246 -4.26 3.69 21.12
N ASP B 247 -5.17 4.01 22.04
CA ASP B 247 -4.81 4.68 23.28
C ASP B 247 -5.51 3.95 24.41
N PHE B 248 -4.75 3.63 25.47
CA PHE B 248 -5.22 2.71 26.51
C PHE B 248 -5.57 3.43 27.80
N ARG B 249 -5.89 4.72 27.73
CA ARG B 249 -6.18 5.41 28.98
C ARG B 249 -7.69 5.44 29.24
N PRO B 250 -8.11 5.21 30.49
CA PRO B 250 -9.55 5.23 30.79
C PRO B 250 -10.10 6.64 30.77
N LEU B 251 -11.30 6.78 30.19
CA LEU B 251 -12.01 8.05 30.17
C LEU B 251 -12.99 8.12 31.33
N LEU B 252 -13.84 9.13 31.31
CA LEU B 252 -14.82 9.33 32.37
C LEU B 252 -16.17 8.70 32.02
N ASN B 253 -16.60 8.84 30.76
CA ASN B 253 -17.90 8.29 30.35
C ASN B 253 -17.83 6.82 29.94
N ASP B 254 -16.70 6.16 30.15
CA ASP B 254 -16.57 4.75 29.78
C ASP B 254 -17.23 3.85 30.81
N ASP B 255 -17.74 2.72 30.32
CA ASP B 255 -18.03 1.58 31.17
C ASP B 255 -16.72 1.15 31.86
N PRO B 256 -16.72 0.94 33.18
CA PRO B 256 -15.48 0.47 33.84
C PRO B 256 -14.96 -0.88 33.35
N VAL B 257 -15.84 -1.74 32.84
CA VAL B 257 -15.41 -2.99 32.22
C VAL B 257 -14.57 -2.69 30.97
N GLU B 258 -14.96 -1.67 30.21
CA GLU B 258 -14.19 -1.25 29.05
C GLU B 258 -12.84 -0.67 29.46
N SER B 259 -12.79 0.01 30.61
CA SER B 259 -11.52 0.57 31.08
C SER B 259 -10.56 -0.54 31.55
N ILE B 260 -11.09 -1.54 32.26
CA ILE B 260 -10.28 -2.69 32.66
C ILE B 260 -9.79 -3.46 31.43
N ALA B 261 -10.66 -3.58 30.42
CA ALA B 261 -10.29 -4.26 29.19
C ALA B 261 -9.21 -3.51 28.42
N LYS B 262 -9.26 -2.18 28.40
CA LYS B 262 -8.23 -1.41 27.72
C LYS B 262 -6.92 -1.40 28.48
N VAL B 263 -6.95 -1.46 29.83
CA VAL B 263 -5.72 -1.60 30.60
C VAL B 263 -5.06 -2.96 30.33
N THR B 264 -5.88 -4.02 30.30
CA THR B 264 -5.34 -5.36 30.05
C THR B 264 -4.83 -5.49 28.62
N LEU B 265 -5.52 -4.86 27.68
CA LEU B 265 -5.08 -4.84 26.30
C LEU B 265 -3.80 -4.03 26.12
N GLY B 266 -3.61 -2.98 26.92
CA GLY B 266 -2.34 -2.29 26.91
C GLY B 266 -1.19 -3.14 27.42
N ARG B 267 -1.45 -3.92 28.48
CA ARG B 267 -0.45 -4.86 28.98
C ARG B 267 -0.06 -5.89 27.93
N ILE B 268 -1.07 -6.47 27.26
CA ILE B 268 -0.84 -7.43 26.19
C ILE B 268 -0.11 -6.79 25.02
N PHE B 269 -0.41 -5.53 24.72
CA PHE B 269 0.28 -4.82 23.63
C PHE B 269 1.75 -4.58 23.94
N TYR B 270 2.08 -4.17 25.17
CA TYR B 270 3.48 -3.91 25.45
C TYR B 270 4.29 -5.20 25.53
N ARG B 271 3.70 -6.28 26.06
CA ARG B 271 4.44 -7.52 26.06
C ARG B 271 4.49 -8.13 24.66
N LEU B 272 3.50 -7.82 23.82
CA LEU B 272 3.54 -8.30 22.44
C LEU B 272 4.56 -7.56 21.62
N CYS B 273 4.78 -6.27 21.91
CA CYS B 273 5.91 -5.55 21.34
C CYS B 273 7.23 -6.15 21.78
N GLY B 274 7.34 -6.57 23.04
CA GLY B 274 8.54 -7.25 23.49
C GLY B 274 8.84 -8.57 22.79
N CYS B 275 7.81 -9.43 22.70
CA CYS B 275 7.99 -10.71 22.02
C CYS B 275 8.07 -10.54 20.50
N ASP B 276 7.63 -9.38 19.99
CA ASP B 276 7.86 -9.06 18.60
C ASP B 276 9.31 -8.67 18.34
N TYR B 277 9.89 -7.91 19.27
CA TYR B 277 11.30 -7.55 19.13
C TYR B 277 12.20 -8.77 19.30
N LEU B 278 11.79 -9.74 20.10
CA LEU B 278 12.58 -10.95 20.25
C LEU B 278 12.44 -11.94 19.08
N GLN B 279 11.83 -11.54 17.95
CA GLN B 279 11.76 -12.40 16.77
C GLN B 279 11.99 -11.64 15.47
N SER B 280 12.76 -10.56 15.49
CA SER B 280 12.97 -9.77 14.29
C SER B 280 13.94 -10.48 13.35
N GLY B 281 14.16 -9.90 12.17
CA GLY B 281 15.10 -10.44 11.24
C GLY B 281 14.67 -10.27 9.79
N PRO B 282 15.26 -11.07 8.89
CA PRO B 282 14.91 -10.94 7.47
C PRO B 282 13.68 -11.73 7.08
N ARG B 283 13.35 -12.78 7.83
CA ARG B 283 12.20 -13.62 7.54
C ARG B 283 10.96 -13.19 8.31
N LYS B 284 10.86 -11.92 8.67
CA LYS B 284 9.72 -11.40 9.41
C LYS B 284 9.64 -9.89 9.16
N PRO B 285 8.94 -9.45 8.12
CA PRO B 285 8.96 -8.03 7.76
C PRO B 285 7.80 -7.22 8.32
N ILE B 286 6.77 -7.87 8.86
CA ILE B 286 5.58 -7.17 9.34
C ILE B 286 5.74 -6.95 10.83
N ALA B 287 6.17 -5.76 11.22
CA ALA B 287 6.49 -5.44 12.59
C ALA B 287 5.41 -4.56 13.22
N LEU B 288 5.34 -4.62 14.55
CA LEU B 288 4.33 -3.91 15.31
C LEU B 288 4.89 -2.67 16.00
N HIS B 289 6.19 -2.41 15.86
CA HIS B 289 6.88 -1.41 16.66
C HIS B 289 6.52 0.01 16.25
N THR B 290 5.42 0.52 16.78
CA THR B 290 5.02 1.91 16.62
C THR B 290 5.40 2.76 17.83
N GLU B 291 5.56 2.15 19.00
CA GLU B 291 5.91 2.86 20.22
C GLU B 291 7.39 3.24 20.19
N VAL B 292 7.70 4.38 20.81
CA VAL B 292 9.06 4.90 20.83
C VAL B 292 9.50 5.10 22.28
N SER B 293 10.72 5.60 22.45
CA SER B 293 11.26 5.86 23.79
C SER B 293 11.60 7.34 23.98
N ASN B 315 0.98 -3.27 37.86
CA ASN B 315 0.95 -2.54 36.60
C ASN B 315 2.27 -1.82 36.34
N SER B 316 3.10 -1.71 37.38
CA SER B 316 4.40 -1.05 37.22
C SER B 316 5.41 -1.97 36.57
N THR B 317 5.30 -3.28 36.84
CA THR B 317 6.27 -4.27 36.39
C THR B 317 6.31 -4.40 34.87
N GLU B 318 5.14 -4.44 34.22
CA GLU B 318 5.10 -4.62 32.77
C GLU B 318 5.61 -3.38 32.05
N VAL B 319 5.35 -2.20 32.64
CA VAL B 319 5.85 -0.95 32.07
C VAL B 319 7.37 -0.88 32.22
N LEU B 320 7.90 -1.28 33.38
CA LEU B 320 9.34 -1.42 33.57
C LEU B 320 9.96 -2.39 32.58
N TYR B 321 9.28 -3.51 32.34
CA TYR B 321 9.76 -4.56 31.45
C TYR B 321 9.85 -4.06 30.01
N TRP B 322 8.80 -3.39 29.54
CA TRP B 322 8.84 -2.83 28.19
C TRP B 322 9.84 -1.68 28.07
N LYS B 323 10.02 -0.89 29.14
CA LYS B 323 11.00 0.19 29.06
C LYS B 323 12.43 -0.35 28.96
N ILE B 324 12.72 -1.43 29.67
CA ILE B 324 14.04 -2.06 29.56
C ILE B 324 14.23 -2.68 28.18
N ILE B 325 13.18 -3.34 27.65
CA ILE B 325 13.29 -3.95 26.32
C ILE B 325 13.40 -2.89 25.22
N SER B 326 12.74 -1.74 25.41
CA SER B 326 12.83 -0.66 24.43
C SER B 326 14.19 0.01 24.47
N LEU B 327 14.81 0.08 25.65
CA LEU B 327 16.19 0.54 25.73
C LEU B 327 17.13 -0.45 25.05
N ASP B 328 16.86 -1.75 25.20
CA ASP B 328 17.61 -2.78 24.49
C ASP B 328 17.44 -2.65 22.97
N ARG B 329 16.23 -2.29 22.53
CA ARG B 329 15.95 -2.08 21.12
C ARG B 329 16.71 -0.90 20.56
N ASP B 330 16.71 0.22 21.30
CA ASP B 330 17.47 1.39 20.89
C ASP B 330 18.99 1.14 20.93
N LEU B 331 19.45 0.19 21.75
CA LEU B 331 20.85 -0.22 21.66
C LEU B 331 21.11 -1.05 20.41
N ASP B 332 20.44 -2.20 20.29
CA ASP B 332 20.76 -3.16 19.23
C ASP B 332 20.10 -2.85 17.90
N GLN B 333 19.59 -1.63 17.70
CA GLN B 333 19.23 -1.22 16.35
C GLN B 333 20.44 -0.93 15.45
N TYR B 334 21.67 -0.94 15.99
CA TYR B 334 22.86 -0.62 15.23
C TYR B 334 23.68 -1.86 14.86
N LEU B 335 23.08 -3.04 14.88
CA LEU B 335 23.81 -4.25 14.49
C LEU B 335 23.96 -4.31 12.98
N ASN B 336 22.85 -4.36 12.25
CA ASN B 336 22.90 -4.50 10.81
C ASN B 336 23.26 -3.21 10.08
N LYS B 337 23.12 -2.06 10.74
CA LYS B 337 23.33 -0.78 10.09
C LYS B 337 24.82 -0.55 9.83
N SER B 338 25.09 0.35 8.89
CA SER B 338 26.44 0.83 8.65
C SER B 338 26.75 2.12 9.40
N SER B 339 25.77 2.69 10.09
CA SER B 339 25.95 3.92 10.82
C SER B 339 26.37 3.65 12.27
N LYS B 340 26.67 4.72 12.99
CA LYS B 340 27.16 4.64 14.35
C LYS B 340 26.36 5.57 15.25
N PRO B 341 26.12 5.19 16.51
CA PRO B 341 25.33 6.04 17.39
C PRO B 341 26.17 7.20 17.91
N PRO B 342 25.55 8.36 18.11
CA PRO B 342 26.28 9.50 18.69
C PRO B 342 26.59 9.28 20.17
N LEU B 343 27.50 10.12 20.67
CA LEU B 343 27.87 10.06 22.08
C LEU B 343 26.75 10.52 23.00
N LYS B 344 25.95 11.50 22.54
CA LYS B 344 24.83 11.97 23.35
C LYS B 344 23.76 10.89 23.50
N THR B 345 23.59 10.07 22.46
CA THR B 345 22.65 8.96 22.51
C THR B 345 23.07 7.93 23.54
N LEU B 346 24.35 7.55 23.52
CA LEU B 346 24.86 6.55 24.46
C LEU B 346 24.89 7.10 25.88
N ASP B 347 25.12 8.40 26.04
CA ASP B 347 25.10 8.99 27.38
C ASP B 347 23.69 9.08 27.92
N ALA B 348 22.69 9.37 27.08
CA ALA B 348 21.30 9.36 27.52
C ALA B 348 20.86 7.96 27.88
N ILE B 349 21.33 6.96 27.12
CA ILE B 349 21.07 5.57 27.46
C ILE B 349 21.72 5.19 28.78
N ARG B 350 22.91 5.72 29.07
CA ARG B 350 23.56 5.45 30.36
C ARG B 350 22.81 6.10 31.51
N ARG B 351 22.32 7.32 31.31
CA ARG B 351 21.57 8.01 32.37
C ARG B 351 20.25 7.30 32.67
N GLU B 352 19.52 6.91 31.62
CA GLU B 352 18.29 6.15 31.82
C GLU B 352 18.59 4.76 32.38
N LEU B 353 19.75 4.21 32.04
CA LEU B 353 20.17 2.93 32.58
C LEU B 353 20.41 3.02 34.08
N ASP B 354 21.02 4.12 34.54
CA ASP B 354 21.20 4.33 35.96
C ASP B 354 19.88 4.58 36.67
N ILE B 355 18.93 5.24 35.99
CA ILE B 355 17.60 5.46 36.56
C ILE B 355 16.87 4.12 36.77
N PHE B 356 16.89 3.26 35.75
CA PHE B 356 16.24 1.97 35.92
C PHE B 356 17.03 1.04 36.83
N GLN B 357 18.34 1.24 36.95
CA GLN B 357 19.14 0.53 37.94
C GLN B 357 18.71 0.90 39.35
N TYR B 358 18.45 2.18 39.59
CA TYR B 358 17.92 2.60 40.89
C TYR B 358 16.50 2.10 41.10
N LYS B 359 15.71 1.99 40.02
CA LYS B 359 14.35 1.46 40.16
C LYS B 359 14.36 -0.02 40.52
N VAL B 360 15.28 -0.79 39.93
CA VAL B 360 15.45 -2.19 40.33
C VAL B 360 16.00 -2.27 41.75
N ASP B 361 16.88 -1.33 42.12
CA ASP B 361 17.28 -1.21 43.52
C ASP B 361 16.13 -0.76 44.40
N SER B 362 15.17 -0.02 43.85
CA SER B 362 13.96 0.33 44.57
C SER B 362 12.96 -0.81 44.63
N LEU B 363 13.15 -1.88 43.84
CA LEU B 363 12.26 -3.02 43.92
C LEU B 363 12.56 -3.84 45.17
N GLU B 364 11.58 -4.67 45.54
CA GLU B 364 11.67 -5.53 46.70
C GLU B 364 11.94 -6.96 46.27
N GLU B 365 12.04 -7.84 47.27
CA GLU B 365 12.11 -9.27 47.04
C GLU B 365 11.57 -9.99 48.27
N ASP B 366 10.90 -11.11 48.03
CA ASP B 366 10.32 -11.92 49.10
C ASP B 366 10.90 -13.32 49.01
N PHE B 367 11.18 -13.92 50.17
CA PHE B 367 11.75 -15.25 50.21
C PHE B 367 10.71 -16.35 50.34
N ARG B 368 9.59 -16.09 51.02
CA ARG B 368 8.50 -17.05 51.05
C ARG B 368 7.69 -17.03 49.76
N SER B 369 7.72 -15.93 49.01
CA SER B 369 7.07 -15.83 47.70
C SER B 369 8.17 -15.91 46.65
N ASN B 370 8.29 -17.07 46.00
CA ASN B 370 9.33 -17.28 45.00
C ASN B 370 9.04 -16.52 43.71
N ASN B 371 7.79 -16.10 43.50
CA ASN B 371 7.44 -15.27 42.36
C ASN B 371 8.19 -13.95 42.38
N SER B 372 8.39 -13.39 43.57
CA SER B 372 9.09 -12.11 43.69
C SER B 372 10.58 -12.25 43.41
N ARG B 373 11.20 -13.35 43.83
CA ARG B 373 12.60 -13.61 43.47
C ARG B 373 12.73 -13.88 41.97
N PHE B 374 11.74 -14.55 41.38
CA PHE B 374 11.76 -14.82 39.94
C PHE B 374 11.67 -13.52 39.14
N GLN B 375 10.74 -12.64 39.53
CA GLN B 375 10.65 -11.30 38.96
C GLN B 375 11.93 -10.50 39.16
N LYS B 376 12.52 -10.60 40.36
CA LYS B 376 13.72 -9.83 40.69
C LYS B 376 14.91 -10.29 39.84
N PHE B 377 15.05 -11.60 39.67
CA PHE B 377 16.13 -12.12 38.83
C PHE B 377 15.93 -11.75 37.37
N ILE B 378 14.69 -11.79 36.88
CA ILE B 378 14.43 -11.44 35.48
C ILE B 378 14.72 -9.96 35.23
N ALA B 379 14.27 -9.09 36.13
CA ALA B 379 14.49 -7.65 35.95
C ALA B 379 15.96 -7.29 36.08
N LEU B 380 16.66 -7.89 37.06
CA LEU B 380 18.06 -7.56 37.26
C LEU B 380 18.93 -8.14 36.15
N PHE B 381 18.57 -9.31 35.62
CA PHE B 381 19.33 -9.87 34.51
C PHE B 381 19.10 -9.08 33.23
N GLN B 382 17.87 -8.60 33.02
CA GLN B 382 17.60 -7.77 31.85
C GLN B 382 18.37 -6.46 31.91
N ILE B 383 18.39 -5.82 33.09
CA ILE B 383 19.09 -4.54 33.18
C ILE B 383 20.60 -4.74 33.12
N SER B 384 21.10 -5.91 33.57
CA SER B 384 22.52 -6.19 33.44
C SER B 384 22.89 -6.51 31.99
N THR B 385 21.99 -7.16 31.26
CA THR B 385 22.23 -7.44 29.84
C THR B 385 22.27 -6.16 29.03
N VAL B 386 21.34 -5.24 29.32
CA VAL B 386 21.32 -3.94 28.65
C VAL B 386 22.56 -3.13 29.00
N SER B 387 23.02 -3.21 30.26
CA SER B 387 24.25 -2.54 30.68
C SER B 387 25.47 -3.11 29.95
N TRP B 388 25.53 -4.44 29.81
CA TRP B 388 26.65 -5.07 29.15
C TRP B 388 26.67 -4.72 27.67
N LYS B 389 25.50 -4.65 27.03
CA LYS B 389 25.46 -4.29 25.62
C LYS B 389 25.83 -2.82 25.42
N LEU B 390 25.47 -1.96 26.37
CA LEU B 390 25.85 -0.56 26.29
C LEU B 390 27.36 -0.39 26.39
N PHE B 391 27.99 -1.06 27.36
CA PHE B 391 29.44 -0.89 27.48
C PHE B 391 30.19 -1.67 26.42
N LYS B 392 29.56 -2.70 25.82
CA LYS B 392 30.14 -3.32 24.63
C LYS B 392 30.15 -2.35 23.46
N MET B 393 29.08 -1.56 23.31
CA MET B 393 29.08 -0.55 22.26
C MET B 393 30.06 0.58 22.57
N TYR B 394 30.25 0.91 23.85
CA TYR B 394 31.33 1.81 24.25
C TYR B 394 32.71 1.30 23.83
N LEU B 395 32.95 0.01 24.06
CA LEU B 395 34.24 -0.59 23.70
C LEU B 395 34.44 -0.63 22.18
N ILE B 396 33.37 -0.92 21.44
CA ILE B 396 33.51 -1.10 19.99
C ILE B 396 33.64 0.24 19.28
N TYR B 397 32.69 1.15 19.52
CA TYR B 397 32.56 2.29 18.61
C TYR B 397 33.59 3.39 18.87
N TYR B 398 33.70 3.85 20.12
CA TYR B 398 34.45 5.08 20.38
C TYR B 398 35.80 4.88 21.02
N ASP B 399 36.09 3.67 21.54
CA ASP B 399 37.35 3.31 22.21
C ASP B 399 37.63 4.26 23.39
N THR B 400 36.58 4.54 24.16
CA THR B 400 36.71 5.37 25.34
C THR B 400 37.38 4.57 26.46
N ALA B 401 38.18 5.27 27.27
CA ALA B 401 38.82 4.63 28.41
C ALA B 401 37.78 4.21 29.45
N ASP B 402 38.17 3.23 30.27
CA ASP B 402 37.30 2.52 31.22
C ASP B 402 36.08 1.94 30.52
N SER B 403 36.35 1.11 29.52
CA SER B 403 35.30 0.39 28.79
C SER B 403 35.46 -1.12 28.94
N LEU B 404 36.65 -1.65 28.68
CA LEU B 404 36.89 -3.09 28.76
C LEU B 404 36.77 -3.60 30.20
N LEU B 405 37.18 -2.78 31.17
CA LEU B 405 36.98 -3.13 32.57
C LEU B 405 35.50 -3.16 32.93
N LYS B 406 34.71 -2.27 32.35
CA LYS B 406 33.25 -2.33 32.52
C LYS B 406 32.64 -3.55 31.87
N VAL B 407 33.18 -3.97 30.72
CA VAL B 407 32.72 -5.19 30.06
C VAL B 407 32.98 -6.41 30.92
N ILE B 408 34.20 -6.50 31.47
CA ILE B 408 34.56 -7.62 32.35
C ILE B 408 33.75 -7.56 33.65
N HIS B 409 33.49 -6.36 34.15
CA HIS B 409 32.70 -6.16 35.37
C HIS B 409 31.27 -6.67 35.20
N TYR B 410 30.57 -6.19 34.17
CA TYR B 410 29.20 -6.63 33.97
C TYR B 410 29.11 -8.07 33.48
N SER B 411 30.16 -8.57 32.83
CA SER B 411 30.20 -9.99 32.49
C SER B 411 30.28 -10.85 33.75
N LYS B 412 31.10 -10.42 34.72
CA LYS B 412 31.15 -11.13 36.00
C LYS B 412 29.88 -10.94 36.81
N VAL B 413 29.16 -9.84 36.63
CA VAL B 413 27.86 -9.68 37.27
C VAL B 413 26.86 -10.68 36.70
N ILE B 414 26.89 -10.87 35.37
CA ILE B 414 26.05 -11.88 34.71
C ILE B 414 26.40 -13.28 35.21
N ILE B 415 27.70 -13.57 35.32
CA ILE B 415 28.15 -14.86 35.82
C ILE B 415 27.72 -15.08 37.26
N SER B 416 27.78 -14.02 38.09
CA SER B 416 27.35 -14.14 39.48
C SER B 416 25.85 -14.36 39.60
N LEU B 417 25.07 -13.68 38.74
CA LEU B 417 23.61 -13.89 38.73
C LEU B 417 23.24 -15.29 38.28
N ILE B 418 24.06 -15.91 37.44
CA ILE B 418 23.78 -17.28 37.03
C ILE B 418 24.26 -18.29 38.08
N VAL B 419 25.46 -18.09 38.63
CA VAL B 419 26.05 -19.00 39.61
C VAL B 419 25.27 -18.97 40.92
N ASN B 420 24.62 -17.84 41.25
CA ASN B 420 23.76 -17.76 42.41
C ASN B 420 22.55 -18.69 42.28
N ASN B 421 22.14 -18.99 41.05
CA ASN B 421 21.03 -19.91 40.82
C ASN B 421 21.48 -21.35 40.57
N PHE B 422 22.78 -21.62 40.59
CA PHE B 422 23.27 -23.00 40.49
C PHE B 422 22.97 -23.85 41.72
N HIS B 423 22.51 -23.25 42.81
CA HIS B 423 22.19 -23.98 44.03
C HIS B 423 20.82 -24.65 43.91
N ALA B 424 20.30 -25.16 45.02
CA ALA B 424 18.97 -25.72 45.02
C ALA B 424 17.92 -24.61 45.00
N LYS B 425 16.68 -25.01 44.69
CA LYS B 425 15.42 -24.25 44.86
C LYS B 425 15.29 -23.11 43.84
N SER B 426 16.33 -22.84 43.06
CA SER B 426 16.26 -21.79 42.05
C SER B 426 17.04 -22.15 40.79
N GLU B 427 17.11 -23.45 40.47
CA GLU B 427 17.93 -23.86 39.33
C GLU B 427 17.22 -23.54 38.01
N PHE B 428 15.89 -23.49 38.03
CA PHE B 428 15.13 -23.30 36.79
C PHE B 428 15.19 -21.87 36.28
N PHE B 429 15.73 -20.92 37.07
CA PHE B 429 15.84 -19.53 36.64
C PHE B 429 16.74 -19.39 35.41
N ASN B 430 17.67 -20.32 35.24
CA ASN B 430 18.54 -20.36 34.08
C ASN B 430 17.88 -20.97 32.85
N ARG B 431 16.58 -21.26 32.85
CA ARG B 431 15.95 -21.81 31.66
C ARG B 431 15.26 -20.75 30.81
N HIS B 432 15.26 -19.50 31.22
CA HIS B 432 14.62 -18.45 30.44
C HIS B 432 15.45 -18.18 29.18
N PRO B 433 14.83 -17.83 28.05
CA PRO B 433 15.60 -17.67 26.81
C PRO B 433 16.55 -16.48 26.82
N MET B 434 16.33 -15.52 27.72
CA MET B 434 17.20 -14.35 27.79
C MET B 434 18.61 -14.71 28.25
N VAL B 435 18.77 -15.76 29.06
CA VAL B 435 20.12 -16.11 29.47
C VAL B 435 20.82 -16.84 28.33
N MET B 436 20.07 -17.53 27.47
CA MET B 436 20.67 -18.18 26.31
C MET B 436 21.15 -17.15 25.31
N GLN B 437 20.29 -16.15 25.02
CA GLN B 437 20.68 -15.04 24.15
C GLN B 437 21.87 -14.28 24.71
N THR B 438 21.82 -13.95 26.01
CA THR B 438 22.84 -13.12 26.62
C THR B 438 24.18 -13.85 26.71
N ILE B 439 24.17 -15.11 27.14
CA ILE B 439 25.40 -15.88 27.24
C ILE B 439 25.97 -16.19 25.86
N THR B 440 25.10 -16.33 24.85
CA THR B 440 25.57 -16.48 23.47
C THR B 440 26.35 -15.26 23.01
N ARG B 441 25.77 -14.06 23.21
CA ARG B 441 26.45 -12.82 22.83
C ARG B 441 27.74 -12.63 23.63
N VAL B 442 27.71 -12.97 24.93
CA VAL B 442 28.85 -12.73 25.80
C VAL B 442 30.02 -13.65 25.45
N VAL B 443 29.76 -14.96 25.34
CA VAL B 443 30.86 -15.87 25.03
C VAL B 443 31.35 -15.68 23.60
N SER B 444 30.49 -15.21 22.69
CA SER B 444 30.93 -14.93 21.33
C SER B 444 31.84 -13.71 21.30
N PHE B 445 31.47 -12.64 22.01
CA PHE B 445 32.30 -11.44 21.99
C PHE B 445 33.59 -11.63 22.78
N ILE B 446 33.55 -12.39 23.88
CA ILE B 446 34.75 -12.64 24.66
C ILE B 446 35.72 -13.54 23.89
N SER B 447 35.20 -14.55 23.17
CA SER B 447 36.07 -15.38 22.37
C SER B 447 36.66 -14.61 21.19
N PHE B 448 35.85 -13.77 20.55
CA PHE B 448 36.34 -12.96 19.43
C PHE B 448 37.35 -11.93 19.90
N TYR B 449 37.21 -11.45 21.14
CA TYR B 449 38.19 -10.51 21.67
C TYR B 449 39.47 -11.23 22.09
N GLN B 450 39.33 -12.47 22.57
CA GLN B 450 40.50 -13.26 22.98
C GLN B 450 41.33 -13.70 21.78
N ILE B 451 40.70 -13.85 20.62
CA ILE B 451 41.45 -14.18 19.39
C ILE B 451 42.46 -13.08 19.06
N PHE B 452 42.05 -11.82 19.18
CA PHE B 452 42.87 -10.73 18.67
C PHE B 452 43.53 -9.87 19.73
N VAL B 453 43.09 -9.92 20.99
CA VAL B 453 43.69 -9.16 22.08
C VAL B 453 43.90 -10.11 23.25
N GLU B 454 45.13 -10.19 23.75
CA GLU B 454 45.47 -11.08 24.86
C GLU B 454 45.51 -10.30 26.16
N SER B 455 44.91 -10.88 27.20
CA SER B 455 44.96 -10.35 28.56
C SER B 455 44.63 -11.49 29.52
N ALA B 456 45.20 -11.43 30.72
CA ALA B 456 45.04 -12.53 31.67
C ALA B 456 43.66 -12.54 32.29
N ALA B 457 43.13 -11.35 32.61
CA ALA B 457 41.78 -11.26 33.17
C ALA B 457 40.73 -11.68 32.15
N VAL B 458 40.95 -11.31 30.88
CA VAL B 458 40.07 -11.75 29.80
C VAL B 458 40.16 -13.26 29.62
N LYS B 459 41.36 -13.83 29.83
CA LYS B 459 41.51 -15.28 29.70
C LYS B 459 40.80 -16.03 30.83
N GLN B 460 40.91 -15.52 32.06
CA GLN B 460 40.19 -16.13 33.17
C GLN B 460 38.68 -15.97 33.01
N LEU B 461 38.25 -14.83 32.46
CA LEU B 461 36.85 -14.62 32.12
C LEU B 461 36.38 -15.63 31.07
N LEU B 462 37.22 -15.89 30.07
CA LEU B 462 36.86 -16.85 29.03
C LEU B 462 36.78 -18.26 29.59
N VAL B 463 37.67 -18.62 30.52
CA VAL B 463 37.60 -19.92 31.17
C VAL B 463 36.34 -20.05 32.01
N ASP B 464 35.92 -18.95 32.67
CA ASP B 464 34.68 -18.97 33.44
C ASP B 464 33.46 -19.11 32.52
N LEU B 465 33.45 -18.38 31.40
CA LEU B 465 32.36 -18.51 30.43
C LEU B 465 32.31 -19.90 29.82
N THR B 466 33.47 -20.49 29.53
CA THR B 466 33.52 -21.80 28.91
C THR B 466 33.09 -22.89 29.90
N GLU B 467 33.40 -22.71 31.18
CA GLU B 467 32.95 -23.67 32.18
C GLU B 467 31.45 -23.54 32.44
N LEU B 468 30.93 -22.30 32.43
CA LEU B 468 29.50 -22.11 32.67
C LEU B 468 28.67 -22.51 31.45
N THR B 469 29.28 -22.49 30.26
CA THR B 469 28.55 -22.83 29.03
C THR B 469 28.16 -24.29 29.01
N ALA B 470 29.06 -25.18 29.44
CA ALA B 470 28.72 -26.59 29.52
C ALA B 470 27.80 -26.90 30.69
N ASN B 471 27.68 -26.01 31.65
CA ASN B 471 26.83 -26.21 32.82
C ASN B 471 25.44 -25.62 32.66
N LEU B 472 25.12 -25.06 31.50
CA LEU B 472 23.74 -24.66 31.21
C LEU B 472 22.86 -25.91 31.08
N PRO B 473 21.58 -25.80 31.39
CA PRO B 473 20.71 -26.99 31.40
C PRO B 473 20.48 -27.56 30.00
N THR B 474 20.02 -28.81 29.98
CA THR B 474 19.83 -29.55 28.75
C THR B 474 18.45 -29.37 28.16
N ILE B 475 17.76 -28.28 28.51
CA ILE B 475 16.48 -27.95 27.90
C ILE B 475 16.66 -27.02 26.71
N PHE B 476 17.86 -26.49 26.51
CA PHE B 476 18.21 -25.76 25.30
C PHE B 476 18.75 -26.68 24.21
N GLY B 477 19.43 -27.76 24.59
CA GLY B 477 19.77 -28.85 23.71
C GLY B 477 20.69 -28.55 22.53
N SER B 478 20.11 -28.59 21.33
CA SER B 478 20.89 -28.45 20.10
C SER B 478 21.47 -27.06 19.96
N LYS B 479 20.76 -26.04 20.45
CA LYS B 479 21.32 -24.69 20.44
C LYS B 479 22.52 -24.58 21.37
N LEU B 480 22.49 -25.29 22.50
CA LEU B 480 23.63 -25.31 23.41
C LEU B 480 24.81 -26.04 22.78
N ASP B 481 24.55 -27.17 22.09
CA ASP B 481 25.61 -27.91 21.44
C ASP B 481 26.24 -27.12 20.30
N LYS B 482 25.43 -26.38 19.55
CA LYS B 482 25.98 -25.56 18.47
C LYS B 482 26.68 -24.31 19.01
N LEU B 483 26.27 -23.83 20.19
CA LEU B 483 27.02 -22.76 20.84
C LEU B 483 28.40 -23.24 21.27
N VAL B 484 28.47 -24.45 21.82
CA VAL B 484 29.76 -25.05 22.19
C VAL B 484 30.62 -25.28 20.95
N TYR B 485 29.99 -25.70 19.85
CA TYR B 485 30.70 -25.88 18.58
C TYR B 485 31.23 -24.55 18.03
N LEU B 486 30.45 -23.47 18.17
CA LEU B 486 30.91 -22.17 17.70
C LEU B 486 32.04 -21.63 18.55
N THR B 487 31.98 -21.87 19.87
CA THR B 487 33.08 -21.46 20.75
C THR B 487 34.35 -22.24 20.44
N GLU B 488 34.20 -23.54 20.17
CA GLU B 488 35.36 -24.36 19.80
C GLU B 488 35.93 -23.95 18.46
N ARG B 489 35.06 -23.55 17.51
CA ARG B 489 35.52 -23.08 16.22
C ARG B 489 36.27 -21.76 16.33
N LEU B 490 35.81 -20.88 17.22
CA LEU B 490 36.55 -19.63 17.44
C LEU B 490 37.86 -19.87 18.19
N SER B 491 37.92 -20.89 19.05
CA SER B 491 39.19 -21.21 19.71
C SER B 491 40.20 -21.77 18.71
N LYS B 492 39.74 -22.65 17.81
CA LYS B 492 40.64 -23.15 16.77
C LYS B 492 41.00 -22.06 15.78
N LEU B 493 40.12 -21.08 15.60
CA LEU B 493 40.46 -19.89 14.82
C LEU B 493 41.53 -19.05 15.52
N LYS B 494 41.51 -19.03 16.86
CA LYS B 494 42.57 -18.37 17.60
C LYS B 494 43.91 -19.09 17.43
N LEU B 495 43.90 -20.42 17.44
CA LEU B 495 45.12 -21.19 17.17
C LEU B 495 45.63 -20.95 15.76
N LEU B 496 44.72 -20.82 14.79
CA LEU B 496 45.12 -20.49 13.42
C LEU B 496 45.67 -19.06 13.33
N TRP B 497 45.12 -18.13 14.12
CA TRP B 497 45.68 -16.79 14.19
C TRP B 497 47.06 -16.79 14.83
N ASP B 498 47.31 -17.73 15.74
CA ASP B 498 48.61 -17.81 16.40
C ASP B 498 49.67 -18.38 15.47
N LYS B 499 49.34 -19.46 14.76
CA LYS B 499 50.37 -20.15 13.99
C LYS B 499 50.63 -19.56 12.60
N VAL B 500 49.86 -18.56 12.18
CA VAL B 500 49.98 -17.99 10.84
C VAL B 500 50.33 -16.51 10.96
N GLN B 501 51.35 -16.09 10.19
CA GLN B 501 51.77 -14.70 10.19
C GLN B 501 50.72 -13.82 9.51
N LEU B 502 50.50 -12.63 10.08
CA LEU B 502 49.71 -11.60 9.44
C LEU B 502 50.55 -10.91 8.37
N LEU B 503 49.97 -10.73 7.18
CA LEU B 503 50.66 -10.09 6.07
C LEU B 503 49.93 -8.81 5.65
N ASP B 504 50.56 -8.08 4.74
CA ASP B 504 50.06 -6.81 4.24
C ASP B 504 50.73 -6.51 2.90
N SER B 505 49.92 -6.13 1.91
CA SER B 505 50.42 -5.78 0.59
C SER B 505 50.69 -4.30 0.43
N GLY B 506 50.54 -3.52 1.50
CA GLY B 506 50.78 -2.09 1.45
C GLY B 506 49.52 -1.25 1.59
N ASP B 507 48.36 -1.80 1.28
CA ASP B 507 47.10 -1.08 1.38
C ASP B 507 46.16 -1.66 2.44
N SER B 508 45.86 -2.96 2.36
CA SER B 508 45.00 -3.61 3.33
C SER B 508 45.63 -4.92 3.76
N PHE B 509 45.13 -5.47 4.86
CA PHE B 509 45.74 -6.64 5.45
C PHE B 509 45.21 -7.92 4.81
N TYR B 510 45.92 -9.01 5.07
CA TYR B 510 45.54 -10.32 4.54
C TYR B 510 45.90 -11.38 5.57
N HIS B 511 44.91 -12.17 5.96
CA HIS B 511 45.13 -13.29 6.87
C HIS B 511 44.00 -14.27 6.63
N PRO B 512 44.23 -15.58 6.81
CA PRO B 512 43.12 -16.54 6.63
C PRO B 512 41.94 -16.34 7.56
N VAL B 513 42.18 -15.83 8.77
CA VAL B 513 41.12 -15.60 9.75
C VAL B 513 40.11 -14.59 9.22
N PHE B 514 40.60 -13.55 8.54
CA PHE B 514 39.71 -12.51 8.00
C PHE B 514 38.84 -13.05 6.87
N LYS B 515 39.42 -13.87 5.99
CA LYS B 515 38.67 -14.43 4.87
C LYS B 515 37.66 -15.47 5.35
N ILE B 516 38.00 -16.23 6.39
CA ILE B 516 37.07 -17.20 6.94
C ILE B 516 35.89 -16.49 7.63
N LEU B 517 36.19 -15.45 8.41
CA LEU B 517 35.13 -14.70 9.09
C LEU B 517 34.26 -13.94 8.09
N GLN B 518 34.82 -13.55 6.95
CA GLN B 518 34.00 -12.89 5.92
C GLN B 518 33.16 -13.90 5.16
N ASN B 519 33.71 -15.08 4.86
CA ASN B 519 32.97 -16.10 4.14
C ASN B 519 31.89 -16.73 4.98
N ASP B 520 32.00 -16.70 6.32
CA ASP B 520 30.89 -17.15 7.16
C ASP B 520 29.65 -16.28 6.96
N ILE B 521 29.85 -14.96 7.00
CA ILE B 521 28.75 -14.03 6.76
C ILE B 521 28.23 -14.15 5.34
N LYS B 522 29.12 -14.35 4.37
CA LYS B 522 28.66 -14.47 2.98
C LYS B 522 27.88 -15.76 2.74
N ILE B 523 28.29 -16.88 3.36
CA ILE B 523 27.55 -18.13 3.22
C ILE B 523 26.19 -18.03 3.91
N ILE B 524 26.13 -17.42 5.10
CA ILE B 524 24.84 -17.38 5.79
C ILE B 524 23.91 -16.33 5.17
N GLU B 525 24.45 -15.27 4.58
CA GLU B 525 23.60 -14.39 3.77
C GLU B 525 23.14 -15.05 2.48
N LEU B 526 23.92 -15.98 1.93
CA LEU B 526 23.43 -16.77 0.80
C LEU B 526 22.34 -17.74 1.23
N LYS B 527 22.44 -18.32 2.42
CA LYS B 527 21.45 -19.27 2.91
C LYS B 527 20.15 -18.59 3.32
N ASN B 528 20.15 -17.29 3.57
CA ASN B 528 18.95 -16.56 3.96
C ASN B 528 18.30 -15.85 2.78
N ASP B 529 18.39 -16.42 1.58
CA ASP B 529 17.76 -15.88 0.40
C ASP B 529 16.67 -16.84 -0.06
N GLU B 530 15.52 -16.28 -0.45
CA GLU B 530 14.40 -17.06 -0.95
C GLU B 530 14.28 -16.98 -2.47
N MET B 531 15.32 -16.52 -3.15
CA MET B 531 15.27 -16.44 -4.61
C MET B 531 15.28 -17.82 -5.25
N PHE B 532 16.03 -18.76 -4.66
CA PHE B 532 16.05 -20.13 -5.17
C PHE B 532 14.71 -20.82 -4.97
N SER B 533 14.06 -20.55 -3.84
CA SER B 533 12.72 -21.09 -3.62
C SER B 533 11.70 -20.46 -4.55
N LEU B 534 11.88 -19.19 -4.91
CA LEU B 534 10.99 -18.55 -5.87
C LEU B 534 11.18 -19.13 -7.27
N ILE B 535 12.43 -19.43 -7.64
CA ILE B 535 12.71 -20.06 -8.93
C ILE B 535 12.13 -21.47 -8.98
N LYS B 536 12.26 -22.22 -7.89
CA LYS B 536 11.66 -23.54 -7.83
C LYS B 536 10.14 -23.49 -7.71
N GLY B 537 9.58 -22.36 -7.29
CA GLY B 537 8.14 -22.21 -7.24
C GLY B 537 7.52 -21.86 -8.57
N LEU B 538 8.16 -20.99 -9.35
CA LEU B 538 7.58 -20.59 -10.63
C LEU B 538 7.58 -21.73 -11.63
N GLY B 539 8.73 -22.37 -11.84
CA GLY B 539 8.78 -23.51 -12.73
C GLY B 539 9.61 -24.66 -12.17
N SER B 540 10.01 -25.56 -13.04
CA SER B 540 10.94 -26.64 -12.68
C SER B 540 12.23 -26.43 -13.43
N LEU B 541 12.67 -25.18 -13.53
CA LEU B 541 13.81 -24.79 -14.34
C LEU B 541 15.13 -25.28 -13.75
N SER B 564 47.22 -20.78 -4.28
CA SER B 564 48.22 -20.36 -3.31
C SER B 564 48.09 -21.15 -2.01
N ASP B 565 49.09 -21.01 -1.14
CA ASP B 565 49.04 -21.68 0.16
C ASP B 565 48.00 -21.02 1.07
N PHE B 566 47.80 -19.71 0.90
CA PHE B 566 46.77 -18.97 1.61
C PHE B 566 45.39 -19.55 1.36
N ARG B 567 45.04 -19.72 0.08
CA ARG B 567 43.77 -20.33 -0.31
C ARG B 567 43.69 -21.78 0.16
N THR B 568 44.82 -22.48 0.22
CA THR B 568 44.82 -23.86 0.70
C THR B 568 44.49 -23.93 2.19
N ILE B 569 45.07 -23.01 2.99
CA ILE B 569 44.77 -22.96 4.42
C ILE B 569 43.31 -22.60 4.66
N VAL B 570 42.80 -21.63 3.90
CA VAL B 570 41.40 -21.22 4.04
C VAL B 570 40.45 -22.35 3.66
N GLU B 571 40.75 -23.05 2.56
CA GLU B 571 39.89 -24.15 2.13
C GLU B 571 39.99 -25.36 3.05
N GLU B 572 41.14 -25.62 3.66
CA GLU B 572 41.23 -26.71 4.63
C GLU B 572 40.48 -26.39 5.92
N PHE B 573 40.51 -25.12 6.36
CA PHE B 573 39.76 -24.75 7.54
C PHE B 573 38.25 -24.80 7.27
N GLN B 574 37.83 -24.37 6.08
CA GLN B 574 36.42 -24.43 5.74
C GLN B 574 35.96 -25.86 5.48
N SER B 575 36.86 -26.74 5.04
CA SER B 575 36.48 -28.14 4.86
C SER B 575 36.45 -28.91 6.16
N GLU B 576 37.27 -28.53 7.15
CA GLU B 576 37.27 -29.20 8.45
C GLU B 576 36.26 -28.55 9.41
N TYR B 577 36.37 -27.23 9.59
CA TYR B 577 35.47 -26.50 10.49
C TYR B 577 34.41 -25.79 9.64
N ASN B 578 33.31 -26.49 9.41
CA ASN B 578 32.28 -25.99 8.52
C ASN B 578 31.36 -25.03 9.26
N ILE B 579 30.77 -24.10 8.51
CA ILE B 579 29.90 -23.10 9.11
C ILE B 579 28.44 -23.56 9.09
N SER B 580 28.11 -24.54 8.24
CA SER B 580 26.73 -24.97 8.11
C SER B 580 26.32 -25.95 9.21
N ASP B 581 27.22 -26.22 10.15
CA ASP B 581 26.89 -27.10 11.27
C ASP B 581 26.09 -26.39 12.36
N ILE B 582 26.12 -25.05 12.39
CA ILE B 582 25.35 -24.30 13.38
C ILE B 582 23.93 -24.03 12.94
N LEU B 583 23.56 -24.41 11.73
CA LEU B 583 22.24 -24.12 11.19
C LEU B 583 21.25 -25.17 11.68
N SER B 584 20.04 -25.15 11.14
CA SER B 584 19.00 -26.07 11.58
C SER B 584 18.31 -26.74 10.41
N SER C 5 -21.26 4.05 -43.59
CA SER C 5 -21.72 3.85 -42.22
C SER C 5 -21.90 5.19 -41.51
N ASN C 6 -23.14 5.61 -41.32
CA ASN C 6 -23.46 6.90 -40.73
C ASN C 6 -23.92 6.73 -39.29
N VAL C 7 -23.73 7.79 -38.50
CA VAL C 7 -24.07 7.81 -37.09
C VAL C 7 -25.10 8.91 -36.85
N VAL C 8 -26.15 8.59 -36.10
CA VAL C 8 -27.27 9.48 -35.86
C VAL C 8 -27.17 10.03 -34.45
N LEU C 9 -27.02 11.34 -34.34
CA LEU C 9 -27.15 12.04 -33.07
C LEU C 9 -28.62 12.38 -32.83
N VAL C 10 -28.97 12.51 -31.56
CA VAL C 10 -30.33 12.89 -31.17
C VAL C 10 -30.24 14.17 -30.35
N SER C 11 -31.03 15.16 -30.72
CA SER C 11 -31.05 16.44 -30.03
C SER C 11 -32.02 16.37 -28.84
N GLY C 12 -32.28 17.52 -28.23
CA GLY C 12 -33.18 17.56 -27.09
C GLY C 12 -34.63 17.70 -27.50
N GLU C 13 -34.88 18.45 -28.57
CA GLU C 13 -36.24 18.61 -29.09
C GLU C 13 -36.73 17.38 -29.85
N GLY C 14 -35.83 16.49 -30.26
CA GLY C 14 -36.20 15.23 -30.88
C GLY C 14 -35.73 15.05 -32.30
N GLU C 15 -35.18 16.09 -32.93
CA GLU C 15 -34.76 15.99 -34.32
C GLU C 15 -33.48 15.19 -34.43
N ARG C 16 -33.55 14.03 -35.08
CA ARG C 16 -32.41 13.14 -35.23
C ARG C 16 -31.55 13.59 -36.41
N PHE C 17 -30.29 13.91 -36.15
CA PHE C 17 -29.36 14.36 -37.17
C PHE C 17 -28.44 13.21 -37.56
N THR C 18 -27.94 13.25 -38.79
CA THR C 18 -27.13 12.16 -39.34
C THR C 18 -25.80 12.71 -39.86
N VAL C 19 -24.70 12.20 -39.32
CA VAL C 19 -23.36 12.55 -39.76
C VAL C 19 -22.62 11.27 -40.11
N ASP C 20 -21.36 11.40 -40.52
CA ASP C 20 -20.53 10.24 -40.78
C ASP C 20 -19.75 9.90 -39.52
N LYS C 21 -19.28 8.64 -39.46
CA LYS C 21 -18.58 8.15 -38.27
C LYS C 21 -17.23 8.83 -38.11
N LYS C 22 -16.50 9.01 -39.22
CA LYS C 22 -15.23 9.72 -39.16
C LYS C 22 -15.43 11.20 -38.85
N ILE C 23 -16.55 11.77 -39.29
CA ILE C 23 -16.90 13.13 -38.89
C ILE C 23 -17.22 13.17 -37.40
N ALA C 24 -18.01 12.22 -36.93
CA ALA C 24 -18.40 12.17 -35.52
C ALA C 24 -17.25 11.80 -34.58
N GLU C 25 -16.12 11.33 -35.11
CA GLU C 25 -14.94 11.13 -34.25
C GLU C 25 -14.26 12.43 -33.85
N ARG C 26 -14.72 13.59 -34.33
CA ARG C 26 -14.28 14.84 -33.74
C ARG C 26 -14.71 14.94 -32.28
N SER C 27 -15.90 14.42 -31.96
CA SER C 27 -16.32 14.31 -30.58
C SER C 27 -15.49 13.25 -29.87
N LEU C 28 -15.06 13.57 -28.65
CA LEU C 28 -14.36 12.61 -27.80
C LEU C 28 -15.32 11.74 -27.02
N LEU C 29 -16.61 11.72 -27.39
CA LEU C 29 -17.61 10.86 -26.79
C LEU C 29 -18.13 9.81 -27.75
N LEU C 30 -18.32 10.15 -29.03
CA LEU C 30 -18.69 9.15 -30.03
C LEU C 30 -17.58 8.12 -30.20
N LYS C 31 -16.33 8.55 -30.06
CA LYS C 31 -15.18 7.67 -30.15
C LYS C 31 -15.12 6.69 -28.98
N ASN C 32 -15.84 6.96 -27.89
CA ASN C 32 -15.88 6.06 -26.75
C ASN C 32 -17.28 5.56 -26.43
N TYR C 33 -18.29 5.95 -27.20
CA TYR C 33 -19.63 5.38 -27.09
C TYR C 33 -19.91 4.34 -28.15
N LEU C 34 -19.25 4.45 -29.30
CA LEU C 34 -19.37 3.46 -30.37
C LEU C 34 -18.35 2.35 -30.25
N ASN C 35 -17.26 2.57 -29.51
CA ASN C 35 -16.22 1.57 -29.34
C ASN C 35 -16.52 0.66 -28.16
N ASP C 36 -17.70 0.04 -28.16
CA ASP C 36 -18.07 -0.90 -27.12
C ASP C 36 -17.73 -2.34 -27.53
N MET C 37 -18.30 -2.80 -28.64
CA MET C 37 -18.02 -4.13 -29.16
C MET C 37 -18.34 -4.15 -30.64
N HIS C 38 -17.37 -4.56 -31.45
CA HIS C 38 -17.51 -4.69 -32.90
C HIS C 38 -17.70 -6.17 -33.20
N ASP C 39 -18.94 -6.64 -33.12
CA ASP C 39 -19.25 -8.04 -33.35
C ASP C 39 -20.69 -8.22 -33.81
N ILE C 76 -24.90 3.25 -32.66
CA ILE C 76 -25.11 3.81 -33.98
C ILE C 76 -25.92 5.10 -33.84
N VAL C 77 -26.59 5.25 -32.69
CA VAL C 77 -27.43 6.40 -32.38
C VAL C 77 -27.08 6.87 -30.99
N MET C 78 -26.65 8.12 -30.86
CA MET C 78 -26.28 8.65 -29.54
C MET C 78 -27.24 9.76 -29.14
N PRO C 79 -27.93 9.63 -28.02
CA PRO C 79 -28.77 10.73 -27.53
C PRO C 79 -27.94 11.83 -26.87
N VAL C 80 -28.30 13.07 -27.15
CA VAL C 80 -27.70 14.23 -26.50
C VAL C 80 -28.82 15.02 -25.85
N PRO C 81 -29.07 14.86 -24.56
CA PRO C 81 -30.17 15.57 -23.91
C PRO C 81 -29.85 17.03 -23.67
N ASN C 82 -30.93 17.82 -23.56
CA ASN C 82 -30.92 19.24 -23.17
C ASN C 82 -30.09 20.09 -24.13
N VAL C 83 -30.14 19.78 -25.41
CA VAL C 83 -29.51 20.58 -26.46
C VAL C 83 -30.55 20.85 -27.53
N ARG C 84 -30.83 22.13 -27.78
CA ARG C 84 -31.76 22.51 -28.83
C ARG C 84 -31.16 22.18 -30.20
N SER C 85 -32.04 21.89 -31.16
CA SER C 85 -31.60 21.29 -32.42
C SER C 85 -30.80 22.25 -33.27
N SER C 86 -31.06 23.56 -33.14
CA SER C 86 -30.25 24.54 -33.86
C SER C 86 -28.82 24.57 -33.32
N VAL C 87 -28.67 24.41 -32.01
CA VAL C 87 -27.34 24.42 -31.39
C VAL C 87 -26.53 23.20 -31.82
N LEU C 88 -27.17 22.03 -31.83
CA LEU C 88 -26.50 20.83 -32.28
C LEU C 88 -26.22 20.86 -33.79
N GLN C 89 -27.07 21.55 -34.56
CA GLN C 89 -26.78 21.74 -35.97
C GLN C 89 -25.56 22.64 -36.18
N LYS C 90 -25.40 23.67 -35.36
CA LYS C 90 -24.22 24.52 -35.46
C LYS C 90 -22.96 23.77 -35.06
N VAL C 91 -23.07 22.91 -34.02
CA VAL C 91 -21.92 22.09 -33.60
C VAL C 91 -21.53 21.10 -34.69
N ILE C 92 -22.54 20.51 -35.35
CA ILE C 92 -22.29 19.60 -36.46
C ILE C 92 -21.66 20.33 -37.63
N GLU C 93 -22.08 21.57 -37.90
CA GLU C 93 -21.46 22.34 -38.98
C GLU C 93 -20.00 22.69 -38.65
N TRP C 94 -19.71 22.98 -37.37
CA TRP C 94 -18.33 23.21 -36.96
C TRP C 94 -17.49 21.95 -37.12
N ALA C 95 -18.04 20.79 -36.79
CA ALA C 95 -17.32 19.54 -36.96
C ALA C 95 -17.12 19.20 -38.43
N GLU C 96 -18.06 19.60 -39.29
CA GLU C 96 -17.90 19.37 -40.72
C GLU C 96 -16.90 20.34 -41.33
N HIS C 97 -16.67 21.49 -40.71
CA HIS C 97 -15.67 22.41 -41.23
C HIS C 97 -14.26 21.87 -41.01
N HIS C 98 -13.86 21.67 -39.76
CA HIS C 98 -12.52 21.21 -39.42
C HIS C 98 -12.40 19.70 -39.49
N ARG C 99 -12.50 19.13 -40.69
CA ARG C 99 -12.35 17.68 -40.83
C ARG C 99 -10.88 17.25 -40.93
N ASP C 100 -10.00 18.16 -41.34
CA ASP C 100 -8.59 17.84 -41.59
C ASP C 100 -7.69 18.93 -41.02
N SER C 101 -8.04 19.43 -39.85
CA SER C 101 -7.28 20.49 -39.21
C SER C 101 -6.49 19.93 -38.02
N ASN C 102 -5.24 20.37 -37.91
CA ASN C 102 -4.36 19.92 -36.84
C ASN C 102 -4.48 20.85 -35.64
N PHE C 103 -5.32 20.47 -34.68
CA PHE C 103 -5.45 21.16 -33.41
C PHE C 103 -4.24 20.77 -32.56
N PRO C 104 -3.78 21.64 -31.60
CA PRO C 104 -2.48 21.38 -30.95
C PRO C 104 -2.35 20.09 -30.16
N ASP C 105 -3.11 19.95 -29.07
CA ASP C 105 -2.98 18.80 -28.19
C ASP C 105 -4.17 18.78 -27.23
N GLU C 106 -4.14 17.91 -26.22
CA GLU C 106 -5.09 17.94 -25.13
C GLU C 106 -4.49 18.58 -23.89
N ASP C 107 -3.22 18.29 -23.62
CA ASP C 107 -2.55 18.74 -22.40
C ASP C 107 -1.45 19.76 -22.67
N ASP C 108 -1.60 20.59 -23.70
CA ASP C 108 -0.62 21.65 -23.98
C ASP C 108 -1.15 22.99 -23.47
N ASP C 109 -0.81 23.27 -22.21
CA ASP C 109 -1.39 24.39 -21.50
C ASP C 109 -0.86 25.75 -21.98
N ASP C 110 0.29 25.75 -22.65
CA ASP C 110 0.86 27.00 -23.16
C ASP C 110 0.41 27.31 -24.59
N SER C 111 0.05 26.31 -25.38
CA SER C 111 -0.46 26.58 -26.71
C SER C 111 -1.88 27.10 -26.65
N ARG C 112 -2.62 26.75 -25.59
CA ARG C 112 -3.94 27.34 -25.39
C ARG C 112 -3.83 28.81 -25.02
N LYS C 113 -2.77 29.18 -24.28
CA LYS C 113 -2.58 30.57 -23.91
C LYS C 113 -2.11 31.40 -25.10
N SER C 114 -1.12 30.90 -25.84
CA SER C 114 -0.69 31.53 -27.08
C SER C 114 -1.75 31.23 -28.13
N ALA C 115 -2.78 32.05 -28.15
CA ALA C 115 -4.08 31.66 -28.68
C ALA C 115 -4.18 31.86 -30.19
N PRO C 116 -4.45 30.81 -30.97
CA PRO C 116 -4.87 31.03 -32.35
C PRO C 116 -6.36 31.36 -32.45
N VAL C 117 -6.68 32.62 -32.74
CA VAL C 117 -8.06 33.02 -32.96
C VAL C 117 -8.35 32.76 -34.43
N ASP C 118 -9.00 31.63 -34.71
CA ASP C 118 -9.22 31.19 -36.07
C ASP C 118 -10.25 32.07 -36.76
N SER C 119 -10.10 32.22 -38.08
CA SER C 119 -10.92 33.17 -38.83
C SER C 119 -12.35 32.66 -38.99
N TRP C 120 -12.51 31.39 -39.40
CA TRP C 120 -13.84 30.83 -39.58
C TRP C 120 -14.55 30.65 -38.24
N ASP C 121 -13.79 30.40 -37.18
CA ASP C 121 -14.39 30.29 -35.85
C ASP C 121 -14.84 31.65 -35.34
N ARG C 122 -14.07 32.70 -35.60
CA ARG C 122 -14.48 34.04 -35.20
C ARG C 122 -15.65 34.53 -36.03
N GLU C 123 -15.74 34.10 -37.30
CA GLU C 123 -16.92 34.38 -38.10
C GLU C 123 -18.12 33.55 -37.63
N PHE C 124 -17.84 32.35 -37.10
CA PHE C 124 -18.89 31.39 -36.79
C PHE C 124 -19.65 31.75 -35.53
N LEU C 125 -18.93 32.00 -34.44
CA LEU C 125 -19.54 32.20 -33.13
C LEU C 125 -20.11 33.61 -32.94
N LYS C 126 -20.18 34.43 -33.99
CA LYS C 126 -20.74 35.78 -33.91
C LYS C 126 -22.26 35.65 -33.87
N VAL C 127 -22.76 35.32 -32.68
CA VAL C 127 -24.19 35.24 -32.40
C VAL C 127 -24.46 36.02 -31.12
N ASP C 128 -25.71 36.02 -30.67
CA ASP C 128 -26.02 36.61 -29.38
C ASP C 128 -25.50 35.70 -28.26
N GLN C 129 -25.60 36.21 -27.02
CA GLN C 129 -24.84 35.63 -25.92
C GLN C 129 -25.40 34.28 -25.50
N GLU C 130 -26.73 34.12 -25.50
CA GLU C 130 -27.32 32.87 -25.02
C GLU C 130 -27.08 31.71 -25.98
N MET C 131 -27.08 31.98 -27.29
CA MET C 131 -26.69 30.98 -28.27
C MET C 131 -25.25 30.56 -28.07
N LEU C 132 -24.38 31.51 -27.73
CA LEU C 132 -22.97 31.22 -27.49
C LEU C 132 -22.78 30.35 -26.24
N TYR C 133 -23.48 30.68 -25.16
CA TYR C 133 -23.39 29.87 -23.95
C TYR C 133 -24.00 28.49 -24.14
N GLU C 134 -25.04 28.36 -24.97
CA GLU C 134 -25.58 27.04 -25.25
C GLU C 134 -24.64 26.20 -26.10
N ILE C 135 -23.92 26.83 -27.04
CA ILE C 135 -22.89 26.12 -27.81
C ILE C 135 -21.76 25.66 -26.91
N ILE C 136 -21.37 26.50 -25.94
CA ILE C 136 -20.26 26.14 -25.04
C ILE C 136 -20.70 25.03 -24.08
N LEU C 137 -21.95 25.07 -23.61
CA LEU C 137 -22.51 23.98 -22.81
C LEU C 137 -22.56 22.68 -23.60
N ALA C 138 -22.92 22.76 -24.88
CA ALA C 138 -22.97 21.57 -25.71
C ALA C 138 -21.57 21.01 -25.98
N ALA C 139 -20.59 21.89 -26.15
CA ALA C 139 -19.22 21.45 -26.36
C ALA C 139 -18.61 20.85 -25.10
N ASN C 140 -19.01 21.33 -23.93
CA ASN C 140 -18.57 20.68 -22.70
C ASN C 140 -19.23 19.32 -22.54
N TYR C 141 -20.52 19.22 -22.90
CA TYR C 141 -21.18 17.93 -22.79
C TYR C 141 -20.69 16.93 -23.83
N LEU C 142 -20.35 17.41 -25.03
CA LEU C 142 -19.82 16.53 -26.07
C LEU C 142 -18.33 16.27 -25.94
N ASN C 143 -17.70 16.84 -24.91
CA ASN C 143 -16.28 16.64 -24.57
C ASN C 143 -15.37 17.08 -25.72
N ILE C 144 -15.79 18.10 -26.47
CA ILE C 144 -15.03 18.61 -27.59
C ILE C 144 -14.21 19.79 -27.09
N LYS C 145 -12.95 19.56 -26.83
CA LYS C 145 -12.01 20.56 -26.33
C LYS C 145 -11.76 21.76 -27.27
N PRO C 146 -11.57 21.62 -28.60
CA PRO C 146 -11.27 22.83 -29.40
C PRO C 146 -12.42 23.81 -29.52
N LEU C 147 -13.66 23.33 -29.67
CA LEU C 147 -14.79 24.24 -29.73
C LEU C 147 -15.03 24.93 -28.39
N LEU C 148 -14.83 24.18 -27.30
CA LEU C 148 -14.87 24.76 -25.95
C LEU C 148 -13.83 25.85 -25.79
N ASP C 149 -12.62 25.60 -26.29
CA ASP C 149 -11.54 26.58 -26.21
C ASP C 149 -11.86 27.83 -27.03
N ALA C 150 -12.41 27.64 -28.24
CA ALA C 150 -12.72 28.78 -29.09
C ALA C 150 -13.85 29.63 -28.50
N GLY C 151 -14.87 28.97 -27.95
CA GLY C 151 -15.96 29.70 -27.32
C GLY C 151 -15.51 30.45 -26.08
N CYS C 152 -14.66 29.82 -25.27
CA CYS C 152 -14.14 30.50 -24.09
C CYS C 152 -13.17 31.62 -24.46
N LYS C 153 -12.46 31.52 -25.58
CA LYS C 153 -11.65 32.65 -26.05
C LYS C 153 -12.52 33.81 -26.52
N VAL C 154 -13.66 33.52 -27.14
CA VAL C 154 -14.58 34.59 -27.54
C VAL C 154 -15.17 35.28 -26.30
N VAL C 155 -15.59 34.48 -25.30
CA VAL C 155 -16.13 35.07 -24.07
C VAL C 155 -15.02 35.79 -23.28
N ALA C 156 -13.77 35.33 -23.41
CA ALA C 156 -12.66 36.02 -22.77
C ALA C 156 -12.37 37.35 -23.44
N GLU C 157 -12.49 37.42 -24.77
CA GLU C 157 -12.33 38.70 -25.45
C GLU C 157 -13.49 39.64 -25.16
N MET C 158 -14.68 39.09 -24.89
CA MET C 158 -15.79 39.94 -24.46
C MET C 158 -15.55 40.50 -23.06
N ILE C 159 -15.18 39.65 -22.12
CA ILE C 159 -15.00 40.08 -20.74
C ILE C 159 -13.71 40.86 -20.54
N ARG C 160 -12.78 40.78 -21.49
CA ARG C 160 -11.56 41.57 -21.40
C ARG C 160 -11.82 43.04 -21.72
N GLY C 161 -12.59 43.29 -22.77
CA GLY C 161 -12.79 44.64 -23.26
C GLY C 161 -14.09 45.26 -22.81
N ARG C 162 -14.43 45.08 -21.53
CA ARG C 162 -15.60 45.72 -20.97
C ARG C 162 -15.39 47.23 -20.85
N SER C 163 -16.48 47.95 -20.69
CA SER C 163 -16.47 49.41 -20.65
C SER C 163 -15.78 49.91 -19.40
N PRO C 164 -14.67 50.65 -19.52
CA PRO C 164 -13.98 51.14 -18.32
C PRO C 164 -14.78 52.24 -17.63
N GLU C 165 -14.94 52.07 -16.31
CA GLU C 165 -15.66 52.96 -15.39
C GLU C 165 -17.13 53.15 -15.74
N GLU C 166 -17.71 52.28 -16.57
CA GLU C 166 -19.14 52.31 -16.84
C GLU C 166 -19.83 51.05 -16.36
N ILE C 167 -19.39 49.88 -16.81
CA ILE C 167 -19.89 48.63 -16.25
C ILE C 167 -18.96 48.10 -15.17
N ARG C 168 -17.66 48.42 -15.25
CA ARG C 168 -16.74 48.06 -14.19
C ARG C 168 -16.98 48.90 -12.93
N ARG C 169 -17.53 50.10 -13.09
CA ARG C 169 -17.88 50.93 -11.95
C ARG C 169 -19.24 50.59 -11.35
N THR C 170 -19.90 49.55 -11.86
CA THR C 170 -21.18 49.11 -11.33
C THR C 170 -21.08 47.63 -10.99
N PHE C 171 -20.88 47.33 -9.70
CA PHE C 171 -20.91 45.97 -9.19
C PHE C 171 -22.35 45.68 -8.76
N ASN C 172 -22.86 44.51 -9.14
CA ASN C 172 -24.30 44.35 -9.31
C ASN C 172 -24.87 43.09 -8.66
N ILE C 173 -24.02 42.19 -8.16
CA ILE C 173 -24.48 40.93 -7.58
C ILE C 173 -24.11 41.00 -6.09
N VAL C 174 -24.30 42.20 -5.53
CA VAL C 174 -23.65 42.69 -4.32
C VAL C 174 -23.94 41.80 -3.12
N ASN C 175 -22.89 41.12 -2.67
CA ASN C 175 -22.96 40.16 -1.57
C ASN C 175 -21.56 40.06 -0.98
N ASP C 176 -21.51 39.85 0.35
CA ASP C 176 -20.34 40.10 1.19
C ASP C 176 -19.81 41.52 0.97
N PHE C 177 -20.75 42.45 0.90
CA PHE C 177 -20.50 43.88 0.89
C PHE C 177 -21.57 44.55 1.73
N THR C 178 -21.14 45.16 2.82
CA THR C 178 -22.12 45.82 3.65
C THR C 178 -22.50 47.16 3.03
N PRO C 179 -23.65 47.73 3.38
CA PRO C 179 -23.92 49.12 2.99
C PRO C 179 -22.92 50.10 3.58
N GLU C 180 -22.34 49.78 4.75
CA GLU C 180 -21.28 50.59 5.33
C GLU C 180 -20.01 50.53 4.47
N GLU C 181 -19.65 49.33 4.00
CA GLU C 181 -18.45 49.20 3.16
C GLU C 181 -18.67 49.82 1.79
N GLU C 182 -19.87 49.66 1.22
CA GLU C 182 -20.18 50.29 -0.07
C GLU C 182 -20.20 51.80 0.05
N ALA C 183 -20.72 52.31 1.17
CA ALA C 183 -20.68 53.75 1.42
C ALA C 183 -19.26 54.25 1.64
N ALA C 184 -18.41 53.40 2.25
CA ALA C 184 -17.01 53.76 2.44
C ALA C 184 -16.27 53.84 1.11
N ILE C 185 -16.56 52.92 0.19
CA ILE C 185 -15.94 52.95 -1.13
C ILE C 185 -16.45 54.15 -1.92
N ARG C 186 -17.75 54.42 -1.85
CA ARG C 186 -18.29 55.55 -2.61
C ARG C 186 -17.92 56.89 -1.99
N ARG C 187 -17.52 56.90 -0.72
CA ARG C 187 -16.95 58.10 -0.14
C ARG C 187 -15.46 58.23 -0.48
N GLU C 188 -14.77 57.10 -0.63
CA GLU C 188 -13.38 57.10 -1.08
C GLU C 188 -13.24 57.28 -2.58
N ASN C 189 -14.36 57.34 -3.31
CA ASN C 189 -14.33 57.66 -4.73
C ASN C 189 -14.18 59.14 -5.02
N GLU C 190 -14.25 59.99 -3.99
CA GLU C 190 -14.06 61.42 -4.18
C GLU C 190 -13.00 61.96 -3.21
N PHE D 5 -22.91 43.03 -22.32
CA PHE D 5 -22.40 41.93 -21.52
C PHE D 5 -23.13 41.88 -20.19
N ASN D 6 -23.70 40.72 -19.85
CA ASN D 6 -24.50 40.58 -18.64
C ASN D 6 -23.71 39.80 -17.59
N PRO D 7 -23.22 40.44 -16.53
CA PRO D 7 -22.46 39.71 -15.52
C PRO D 7 -23.31 39.05 -14.46
N VAL D 8 -24.62 38.93 -14.69
CA VAL D 8 -25.50 38.24 -13.76
C VAL D 8 -25.94 36.87 -14.26
N ARG D 9 -25.95 36.64 -15.57
CA ARG D 9 -26.13 35.30 -16.10
C ARG D 9 -24.78 34.57 -16.14
N PHE D 10 -23.69 35.32 -16.27
CA PHE D 10 -22.36 34.73 -16.29
C PHE D 10 -21.96 34.16 -14.94
N LEU D 11 -22.53 34.69 -13.86
CA LEU D 11 -22.26 34.18 -12.52
C LEU D 11 -23.15 33.01 -12.14
N GLU D 12 -24.38 32.96 -12.65
CA GLU D 12 -25.22 31.78 -12.45
C GLU D 12 -24.79 30.62 -13.33
N LEU D 13 -23.96 30.89 -14.34
CA LEU D 13 -23.30 29.86 -15.13
C LEU D 13 -22.42 29.00 -14.22
N PRO D 14 -22.33 27.68 -14.48
CA PRO D 14 -21.61 26.79 -13.56
C PRO D 14 -20.10 26.97 -13.51
N ILE D 15 -19.43 26.11 -12.73
CA ILE D 15 -18.08 26.38 -12.25
C ILE D 15 -17.01 26.17 -13.32
N ASP D 16 -16.91 24.96 -13.87
CA ASP D 16 -15.74 24.61 -14.67
C ASP D 16 -15.74 25.28 -16.04
N ILE D 17 -16.92 25.59 -16.57
CA ILE D 17 -17.00 26.36 -17.81
C ILE D 17 -16.54 27.78 -17.56
N ARG D 18 -16.90 28.32 -16.40
CA ARG D 18 -16.44 29.66 -16.04
C ARG D 18 -14.95 29.68 -15.77
N LYS D 19 -14.42 28.57 -15.25
CA LYS D 19 -12.98 28.37 -15.13
C LYS D 19 -12.31 28.37 -16.50
N GLU D 20 -12.89 27.66 -17.47
CA GLU D 20 -12.33 27.63 -18.82
C GLU D 20 -12.43 28.99 -19.49
N VAL D 21 -13.41 29.82 -19.10
CA VAL D 21 -13.44 31.20 -19.54
C VAL D 21 -12.26 31.98 -18.94
N TYR D 22 -12.01 31.83 -17.64
CA TYR D 22 -10.89 32.57 -17.05
C TYR D 22 -9.54 31.97 -17.38
N PHE D 23 -9.50 30.78 -17.97
CA PHE D 23 -8.24 30.13 -18.32
C PHE D 23 -7.54 30.87 -19.46
N HIS D 24 -8.32 31.34 -20.43
CA HIS D 24 -7.79 32.14 -21.53
C HIS D 24 -7.77 33.63 -21.21
N LEU D 25 -8.05 33.99 -19.96
CA LEU D 25 -8.22 35.37 -19.52
C LEU D 25 -7.36 35.59 -18.27
N ASP D 26 -6.09 35.20 -18.36
CA ASP D 26 -5.24 35.11 -17.18
C ASP D 26 -4.80 36.48 -16.69
N GLY D 27 -4.04 37.21 -17.50
CA GLY D 27 -3.47 38.46 -17.05
C GLY D 27 -4.20 39.69 -17.53
N ASN D 28 -4.64 39.66 -18.79
CA ASN D 28 -5.31 40.81 -19.39
C ASN D 28 -6.75 40.91 -18.90
N PHE D 29 -6.96 41.42 -17.70
CA PHE D 29 -8.31 41.72 -17.24
C PHE D 29 -8.91 42.93 -17.93
N CYS D 30 -8.07 43.84 -18.43
CA CYS D 30 -8.53 45.05 -19.12
C CYS D 30 -7.59 45.30 -20.29
N GLY D 31 -8.03 44.93 -21.50
CA GLY D 31 -7.23 45.13 -22.69
C GLY D 31 -6.18 44.06 -22.91
N LEU D 89 -4.05 54.29 -19.05
CA LEU D 89 -4.46 53.06 -19.71
C LEU D 89 -5.33 52.20 -18.80
N GLU D 90 -5.34 52.51 -17.51
CA GLU D 90 -6.04 51.71 -16.52
C GLU D 90 -6.67 52.61 -15.47
N TYR D 91 -7.95 52.38 -15.18
CA TYR D 91 -8.66 53.03 -14.08
C TYR D 91 -8.71 52.01 -12.94
N ALA D 92 -7.64 51.99 -12.15
CA ALA D 92 -7.43 50.93 -11.16
C ALA D 92 -8.26 51.12 -9.89
N PHE D 93 -9.10 52.15 -9.81
CA PHE D 93 -9.97 52.29 -8.65
C PHE D 93 -11.11 51.27 -8.71
N TRP D 94 -11.85 51.25 -9.80
CA TRP D 94 -13.03 50.39 -9.90
C TRP D 94 -12.70 48.98 -10.37
N LEU D 95 -11.50 48.77 -10.92
CA LEU D 95 -11.15 47.47 -11.48
C LEU D 95 -10.99 46.39 -10.41
N ARG D 96 -10.66 46.79 -9.17
CA ARG D 96 -10.57 45.81 -8.10
C ARG D 96 -11.94 45.29 -7.69
N TYR D 97 -12.93 46.17 -7.56
CA TYR D 97 -14.21 45.82 -6.97
C TYR D 97 -15.20 45.26 -7.98
N ASP D 98 -14.72 44.72 -9.09
CA ASP D 98 -15.59 43.97 -9.98
C ASP D 98 -16.01 42.66 -9.31
N CYS D 99 -17.16 42.16 -9.72
CA CYS D 99 -17.54 40.81 -9.30
C CYS D 99 -16.74 39.75 -10.05
N LEU D 100 -16.25 40.09 -11.26
CA LEU D 100 -15.54 39.11 -12.06
C LEU D 100 -14.14 38.85 -11.51
N VAL D 101 -13.48 39.90 -10.98
CA VAL D 101 -12.14 39.74 -10.44
C VAL D 101 -12.17 38.92 -9.15
N LEU D 102 -13.13 39.22 -8.28
CA LEU D 102 -13.34 38.40 -7.10
C LEU D 102 -13.77 36.99 -7.46
N ASP D 103 -14.49 36.81 -8.57
CA ASP D 103 -14.81 35.46 -9.02
C ASP D 103 -13.57 34.71 -9.48
N CYS D 104 -12.66 35.42 -10.19
CA CYS D 104 -11.37 34.86 -10.58
C CYS D 104 -10.59 34.37 -9.37
N PHE D 105 -10.47 35.22 -8.35
CA PHE D 105 -9.68 34.82 -7.19
C PHE D 105 -10.37 33.79 -6.31
N LYS D 106 -11.72 33.76 -6.28
CA LYS D 106 -12.40 32.71 -5.53
C LYS D 106 -12.23 31.36 -6.20
N VAL D 107 -12.33 31.30 -7.53
CA VAL D 107 -12.09 30.03 -8.22
C VAL D 107 -10.63 29.63 -8.14
N ASN D 108 -9.72 30.61 -8.23
CA ASN D 108 -8.28 30.35 -8.18
C ASN D 108 -7.86 29.81 -6.82
N HIS D 109 -8.43 30.36 -5.74
CA HIS D 109 -8.24 29.74 -4.44
C HIS D 109 -8.96 28.41 -4.32
N LEU D 110 -10.05 28.22 -5.07
CA LEU D 110 -10.82 27.00 -4.90
C LEU D 110 -10.16 25.79 -5.55
N TYR D 111 -9.32 25.96 -6.58
CA TYR D 111 -8.69 24.74 -7.06
C TYR D 111 -7.45 24.34 -6.28
N ASP D 112 -6.32 24.99 -6.55
CA ASP D 112 -5.14 24.88 -5.71
C ASP D 112 -4.34 26.18 -5.82
N GLY D 113 -4.76 27.03 -6.75
CA GLY D 113 -3.88 28.05 -7.28
C GLY D 113 -3.33 27.74 -8.65
N THR D 114 -3.98 26.86 -9.42
CA THR D 114 -3.48 26.46 -10.74
C THR D 114 -3.73 27.49 -11.82
N LEU D 115 -4.39 28.59 -11.49
CA LEU D 115 -4.48 29.76 -12.33
C LEU D 115 -3.31 30.68 -11.96
N ILE D 116 -3.41 31.97 -12.30
CA ILE D 116 -2.35 32.98 -12.33
C ILE D 116 -1.33 32.97 -11.18
N ASP D 117 -1.80 32.81 -9.93
CA ASP D 117 -1.00 32.49 -8.75
C ASP D 117 0.09 33.50 -8.37
N ALA D 118 0.15 34.63 -9.06
CA ALA D 118 1.23 35.60 -8.89
C ALA D 118 0.79 36.63 -7.86
N LEU D 119 0.75 36.20 -6.60
CA LEU D 119 0.36 37.06 -5.50
C LEU D 119 1.62 37.44 -4.73
N GLU D 120 1.93 38.73 -4.71
CA GLU D 120 3.15 39.25 -4.11
C GLU D 120 2.82 40.02 -2.85
N TRP D 121 3.79 40.06 -1.94
CA TRP D 121 3.77 41.02 -0.85
C TRP D 121 4.56 42.25 -1.28
N THR D 122 3.94 43.42 -1.21
CA THR D 122 4.62 44.67 -1.52
C THR D 122 4.37 45.67 -0.41
N TYR D 123 5.18 46.73 -0.40
CA TYR D 123 5.05 47.82 0.54
C TYR D 123 4.73 49.07 -0.27
N LEU D 124 3.45 49.29 -0.53
CA LEU D 124 2.99 50.44 -1.30
C LEU D 124 2.08 51.30 -0.43
N ASP D 125 2.17 52.62 -0.65
CA ASP D 125 1.42 53.65 0.09
C ASP D 125 1.64 53.54 1.59
N ASN D 126 2.87 53.19 1.97
CA ASN D 126 3.29 52.90 3.34
C ASN D 126 2.41 51.81 3.97
N GLU D 127 2.20 50.73 3.23
CA GLU D 127 1.39 49.62 3.72
C GLU D 127 1.81 48.34 3.03
N LEU D 128 1.87 47.25 3.79
CA LEU D 128 2.15 45.93 3.25
C LEU D 128 0.85 45.32 2.74
N ARG D 129 0.82 45.02 1.45
CA ARG D 129 -0.39 44.53 0.80
C ARG D 129 -0.04 43.49 -0.27
N LEU D 130 -1.01 42.62 -0.55
CA LEU D 130 -0.91 41.68 -1.66
C LEU D 130 -1.11 42.42 -2.97
N ALA D 131 -0.45 41.93 -4.02
CA ALA D 131 -0.54 42.58 -5.32
C ALA D 131 -0.40 41.53 -6.41
N TYR D 132 -1.17 41.67 -7.47
CA TYR D 132 -1.02 40.83 -8.65
C TYR D 132 -0.46 41.66 -9.81
N PHE D 133 0.52 41.09 -10.50
CA PHE D 133 1.18 41.75 -11.61
C PHE D 133 0.79 41.04 -12.91
N ASN D 134 0.82 41.80 -14.01
CA ASN D 134 0.49 41.21 -15.30
C ASN D 134 1.64 40.37 -15.83
N LYS D 135 1.44 39.82 -17.04
CA LYS D 135 2.51 39.08 -17.69
C LYS D 135 3.66 40.00 -18.10
N ALA D 136 3.35 41.27 -18.37
CA ALA D 136 4.36 42.29 -18.62
C ALA D 136 4.69 43.08 -17.35
N SER D 137 4.38 42.52 -16.18
CA SER D 137 4.68 43.10 -14.87
C SER D 137 4.01 44.45 -14.66
N MET D 138 2.77 44.57 -15.10
CA MET D 138 1.93 45.72 -14.77
C MET D 138 0.97 45.33 -13.66
N LEU D 139 0.78 46.25 -12.71
CA LEU D 139 -0.04 45.95 -11.55
C LEU D 139 -1.51 45.93 -11.94
N GLU D 140 -2.19 44.82 -11.62
CA GLU D 140 -3.60 44.68 -11.95
C GLU D 140 -4.50 44.95 -10.74
N VAL D 141 -4.35 44.16 -9.67
CA VAL D 141 -5.12 44.34 -8.45
C VAL D 141 -4.18 44.33 -7.25
N TRP D 142 -4.72 44.77 -6.12
CA TRP D 142 -3.96 44.86 -4.88
C TRP D 142 -4.93 44.81 -3.70
N TYR D 143 -4.66 43.94 -2.74
CA TYR D 143 -5.56 43.67 -1.64
C TYR D 143 -4.88 43.92 -0.30
N THR D 144 -5.64 44.42 0.65
CA THR D 144 -5.24 44.36 2.05
C THR D 144 -5.50 42.93 2.54
N PHE D 145 -4.64 42.44 3.44
CA PHE D 145 -4.67 41.04 3.83
C PHE D 145 -5.94 40.68 4.60
N LYS D 146 -6.52 41.63 5.33
CA LYS D 146 -7.82 41.37 5.97
C LYS D 146 -8.93 41.24 4.94
N GLU D 147 -8.86 42.01 3.86
CA GLU D 147 -9.84 41.92 2.78
C GLU D 147 -9.76 40.57 2.08
N TYR D 148 -8.55 40.18 1.67
CA TYR D 148 -8.34 38.90 1.02
C TYR D 148 -8.67 37.73 1.93
N LYS D 149 -8.41 37.85 3.23
CA LYS D 149 -8.84 36.82 4.17
C LYS D 149 -10.35 36.73 4.26
N LYS D 150 -11.04 37.88 4.28
CA LYS D 150 -12.49 37.89 4.39
C LYS D 150 -13.16 37.28 3.16
N TRP D 151 -12.62 37.57 1.96
CA TRP D 151 -13.26 36.97 0.79
C TRP D 151 -12.74 35.58 0.43
N VAL D 152 -11.57 35.16 0.93
CA VAL D 152 -11.24 33.74 0.92
C VAL D 152 -12.18 32.97 1.85
N ILE D 153 -12.54 33.55 2.99
CA ILE D 153 -13.54 32.93 3.86
C ILE D 153 -14.92 32.92 3.19
N ASP D 154 -15.24 33.96 2.42
CA ASP D 154 -16.45 33.95 1.58
C ASP D 154 -16.42 32.82 0.57
N SER D 155 -15.26 32.53 -0.02
CA SER D 155 -15.15 31.44 -0.98
C SER D 155 -15.30 30.08 -0.32
N VAL D 156 -14.62 29.87 0.82
CA VAL D 156 -14.58 28.54 1.41
C VAL D 156 -15.77 28.27 2.31
N ALA D 157 -16.55 29.30 2.65
CA ALA D 157 -17.73 29.24 3.53
C ALA D 157 -17.46 28.58 4.89
N ASN D 165 -7.60 29.23 5.16
CA ASN D 165 -6.17 29.10 5.44
C ASN D 165 -5.35 29.18 4.16
N VAL D 166 -4.70 30.32 3.98
CA VAL D 166 -3.86 30.58 2.81
C VAL D 166 -2.46 30.09 3.12
N SER D 167 -1.80 29.44 2.15
CA SER D 167 -0.42 29.03 2.34
C SER D 167 0.47 29.22 1.11
N ASN D 168 -0.07 29.66 -0.02
CA ASN D 168 0.68 29.70 -1.29
C ASN D 168 0.71 31.13 -1.80
N ILE D 169 1.75 31.87 -1.42
CA ILE D 169 1.93 33.26 -1.83
C ILE D 169 3.37 33.45 -2.28
N GLN D 170 3.55 33.94 -3.51
CA GLN D 170 4.86 34.16 -4.10
C GLN D 170 5.57 35.34 -3.42
N PHE D 171 6.90 35.40 -3.56
CA PHE D 171 7.71 36.47 -2.98
C PHE D 171 8.85 36.80 -3.94
N ASN D 172 8.69 37.89 -4.70
CA ASN D 172 9.78 38.32 -5.57
C ASN D 172 10.88 39.00 -4.76
N ILE D 173 12.05 39.14 -5.39
CA ILE D 173 13.11 40.02 -4.93
C ILE D 173 13.44 40.93 -6.10
N ASP D 174 13.19 40.43 -7.32
CA ASP D 174 13.53 41.19 -8.51
C ASP D 174 12.57 42.35 -8.75
N ASN D 175 11.31 42.20 -8.36
CA ASN D 175 10.31 43.25 -8.54
C ASN D 175 10.18 44.16 -7.32
N LEU D 176 11.25 44.27 -6.53
CA LEU D 176 11.24 45.09 -5.32
C LEU D 176 12.59 45.79 -5.19
N THR D 177 12.66 46.73 -4.25
CA THR D 177 13.81 47.52 -3.83
C THR D 177 14.28 47.08 -2.45
N PRO D 178 15.60 47.01 -2.21
CA PRO D 178 16.09 46.43 -0.94
C PRO D 178 15.78 47.27 0.28
N GLN D 179 15.70 48.60 0.12
CA GLN D 179 15.33 49.48 1.23
C GLN D 179 13.90 49.26 1.68
N LEU D 180 13.05 48.72 0.80
CA LEU D 180 11.72 48.29 1.20
C LEU D 180 11.59 46.78 1.35
N VAL D 181 12.53 46.00 0.82
CA VAL D 181 12.59 44.57 1.15
C VAL D 181 12.89 44.37 2.64
N ASP D 182 13.81 45.18 3.19
CA ASP D 182 14.12 45.09 4.61
C ASP D 182 12.93 45.45 5.49
N LYS D 183 12.21 46.52 5.15
CA LYS D 183 11.02 46.91 5.90
C LYS D 183 9.87 45.92 5.71
N CYS D 184 9.71 45.38 4.50
CA CYS D 184 8.71 44.36 4.24
C CYS D 184 8.93 43.13 5.09
N LEU D 185 10.16 42.62 5.12
CA LEU D 185 10.48 41.46 5.94
C LEU D 185 10.37 41.76 7.42
N SER D 186 10.77 42.97 7.85
CA SER D 186 10.74 43.31 9.27
C SER D 186 9.32 43.43 9.81
N ILE D 187 8.47 44.21 9.13
CA ILE D 187 7.10 44.38 9.61
C ILE D 187 6.27 43.12 9.33
N LEU D 188 6.60 42.37 8.27
CA LEU D 188 5.90 41.12 8.01
C LEU D 188 6.27 40.05 9.04
N GLU D 189 7.48 40.13 9.60
CA GLU D 189 7.88 39.21 10.66
C GLU D 189 7.27 39.62 11.99
N GLN D 190 7.49 40.86 12.40
CA GLN D 190 7.08 41.31 13.72
C GLN D 190 5.59 41.59 13.84
N LYS D 191 4.85 41.64 12.73
CA LYS D 191 3.45 42.07 12.82
C LYS D 191 2.55 40.94 13.32
N ASP D 192 2.33 39.90 12.52
CA ASP D 192 1.52 38.80 13.01
C ASP D 192 2.04 37.41 12.68
N LEU D 193 2.50 37.19 11.44
CA LEU D 193 2.56 35.85 10.88
C LEU D 193 3.96 35.38 10.54
N PHE D 194 4.67 36.09 9.65
CA PHE D 194 5.88 35.61 8.94
C PHE D 194 5.69 34.18 8.42
N ALA D 195 4.55 33.93 7.78
CA ALA D 195 4.22 32.62 7.26
C ALA D 195 3.31 32.82 6.05
N THR D 196 2.64 31.74 5.64
CA THR D 196 1.67 31.72 4.52
C THR D 196 2.32 32.21 3.22
N ILE D 197 3.53 31.72 2.96
CA ILE D 197 4.32 32.20 1.83
C ILE D 197 5.13 31.05 1.23
N GLY D 198 4.79 30.68 -0.01
CA GLY D 198 5.31 29.45 -0.56
C GLY D 198 6.56 29.58 -1.42
N GLU D 199 6.52 30.45 -2.42
CA GLU D 199 7.63 30.57 -3.36
C GLU D 199 8.55 31.70 -2.94
N VAL D 200 9.84 31.53 -3.24
CA VAL D 200 10.86 32.55 -3.00
C VAL D 200 11.60 32.75 -4.31
N GLN D 201 11.58 33.96 -4.84
CA GLN D 201 12.05 34.26 -6.18
C GLN D 201 13.38 34.99 -6.08
N PHE D 202 14.48 34.26 -6.24
CA PHE D 202 15.79 34.90 -6.23
C PHE D 202 16.11 35.46 -7.63
N GLY D 203 17.31 36.00 -7.77
CA GLY D 203 17.75 36.57 -9.03
C GLY D 203 17.36 38.01 -9.23
N SER D 258 23.57 42.69 -3.75
CA SER D 258 23.35 41.36 -3.21
C SER D 258 23.00 41.42 -1.72
N ILE D 259 22.78 42.64 -1.22
CA ILE D 259 22.46 42.83 0.19
C ILE D 259 21.07 42.29 0.51
N SER D 260 20.13 42.49 -0.41
CA SER D 260 18.76 42.02 -0.21
C SER D 260 18.68 40.50 -0.22
N VAL D 261 19.54 39.85 -1.01
CA VAL D 261 19.56 38.39 -1.06
C VAL D 261 20.00 37.83 0.28
N ILE D 262 21.08 38.38 0.84
CA ILE D 262 21.59 37.91 2.14
C ILE D 262 20.61 38.27 3.26
N ARG D 263 19.88 39.38 3.09
CA ARG D 263 18.81 39.72 4.01
C ARG D 263 17.68 38.68 3.98
N THR D 264 17.36 38.18 2.78
CA THR D 264 16.33 37.14 2.68
C THR D 264 16.81 35.80 3.22
N ILE D 265 18.09 35.48 3.03
CA ILE D 265 18.64 34.18 3.45
C ILE D 265 18.60 34.05 4.97
N ARG D 266 18.86 35.16 5.69
CA ARG D 266 18.82 35.13 7.15
C ARG D 266 17.42 34.90 7.70
N SER D 267 16.40 35.17 6.90
CA SER D 267 15.01 35.06 7.34
C SER D 267 14.35 33.75 6.94
N MET D 268 14.96 32.95 6.06
CA MET D 268 14.34 31.73 5.59
C MET D 268 14.36 30.60 6.62
N GLU D 269 15.11 30.76 7.71
CA GLU D 269 15.09 29.75 8.75
C GLU D 269 13.75 29.73 9.49
N SER D 270 13.12 30.89 9.62
CA SER D 270 11.81 31.00 10.26
C SER D 270 10.66 30.88 9.27
N MET D 271 10.97 30.76 7.98
CA MET D 271 9.96 30.65 6.93
C MET D 271 9.33 29.27 6.90
N LYS D 272 8.29 29.00 7.70
CA LYS D 272 7.86 27.64 8.03
C LYS D 272 7.43 26.80 6.83
N SER D 273 6.57 27.33 5.97
CA SER D 273 5.99 26.54 4.88
C SER D 273 6.35 27.17 3.54
N LEU D 274 7.53 26.84 3.04
CA LEU D 274 7.89 27.13 1.66
C LEU D 274 8.09 25.81 0.91
N ARG D 275 7.86 25.85 -0.41
CA ARG D 275 7.97 24.64 -1.22
C ARG D 275 8.72 24.87 -2.52
N LYS D 276 9.02 26.13 -2.86
CA LYS D 276 9.61 26.45 -4.16
C LYS D 276 10.77 27.41 -4.02
N ILE D 277 11.73 27.29 -4.93
CA ILE D 277 12.83 28.23 -5.12
C ILE D 277 13.02 28.42 -6.62
N THR D 278 12.97 29.66 -7.08
CA THR D 278 13.36 29.95 -8.44
C THR D 278 14.66 30.77 -8.41
N VAL D 279 15.60 30.40 -9.27
CA VAL D 279 16.87 31.08 -9.35
C VAL D 279 17.07 31.55 -10.78
N ARG D 280 17.35 32.83 -10.96
CA ARG D 280 17.62 33.41 -12.27
C ARG D 280 19.06 33.18 -12.66
N GLY D 281 19.56 33.94 -13.64
CA GLY D 281 20.81 33.70 -14.35
C GLY D 281 22.09 33.42 -13.57
N GLU D 282 23.11 32.93 -14.29
CA GLU D 282 24.23 32.14 -13.77
C GLU D 282 25.07 32.76 -12.66
N LYS D 283 24.90 34.04 -12.37
CA LYS D 283 25.67 34.67 -11.30
C LYS D 283 25.23 34.21 -9.93
N LEU D 284 23.92 33.99 -9.75
CA LEU D 284 23.40 33.64 -8.42
C LEU D 284 23.29 32.13 -8.26
N TYR D 285 23.23 31.40 -9.38
CA TYR D 285 22.98 29.96 -9.35
C TYR D 285 24.13 29.18 -8.73
N GLU D 286 25.36 29.40 -9.22
CA GLU D 286 26.48 28.55 -8.86
C GLU D 286 26.92 28.80 -7.42
N LEU D 287 26.54 29.95 -6.86
CA LEU D 287 26.84 30.23 -5.46
C LEU D 287 25.93 29.44 -4.55
N LEU D 288 24.66 29.29 -4.93
CA LEU D 288 23.66 28.84 -3.97
C LEU D 288 23.27 27.37 -4.20
N ILE D 289 22.87 27.02 -5.42
CA ILE D 289 22.24 25.74 -5.68
C ILE D 289 23.23 24.58 -5.81
N ASN D 290 24.30 24.74 -6.60
CA ASN D 290 25.20 23.64 -6.91
C ASN D 290 26.04 23.26 -5.70
N PHE D 291 26.52 22.02 -5.69
CA PHE D 291 27.23 21.45 -4.55
C PHE D 291 28.73 21.80 -4.56
N HIS D 292 29.21 22.46 -5.62
CA HIS D 292 30.64 22.53 -5.91
C HIS D 292 31.43 23.32 -4.87
N GLY D 293 30.78 24.25 -4.17
CA GLY D 293 31.49 25.13 -3.26
C GLY D 293 32.02 24.45 -2.02
N PHE D 294 31.11 24.08 -1.10
CA PHE D 294 31.42 23.60 0.24
C PHE D 294 32.37 24.56 0.95
N ARG D 295 31.90 25.78 1.12
CA ARG D 295 32.70 26.88 1.64
C ARG D 295 32.53 26.97 3.16
N ASP D 296 33.01 28.06 3.76
CA ASP D 296 32.95 28.27 5.19
C ASP D 296 32.08 29.47 5.56
N ASN D 297 31.10 29.80 4.73
CA ASN D 297 30.21 30.93 4.99
C ASN D 297 28.81 30.41 5.29
N PRO D 298 28.42 30.30 6.56
CA PRO D 298 27.07 29.79 6.88
C PRO D 298 25.98 30.82 6.66
N GLY D 299 26.30 32.10 6.80
CA GLY D 299 25.31 33.14 6.62
C GLY D 299 24.98 33.42 5.17
N LYS D 300 25.90 33.09 4.26
CA LYS D 300 25.69 33.39 2.85
C LYS D 300 24.77 32.37 2.18
N THR D 301 24.94 31.08 2.51
CA THR D 301 24.20 30.00 1.88
C THR D 301 23.06 29.55 2.77
N ILE D 302 22.43 28.44 2.36
CA ILE D 302 21.26 27.90 3.06
C ILE D 302 21.67 27.34 4.43
N SER D 303 20.65 27.08 5.25
CA SER D 303 20.85 26.66 6.62
C SER D 303 20.39 25.23 6.88
N TYR D 304 20.13 24.46 5.82
CA TYR D 304 19.95 23.01 5.81
C TYR D 304 18.64 22.55 6.46
N ILE D 305 17.91 23.46 7.08
CA ILE D 305 16.55 23.18 7.51
C ILE D 305 15.58 23.66 6.43
N VAL D 306 15.97 24.67 5.66
CA VAL D 306 15.17 25.10 4.53
C VAL D 306 15.33 24.14 3.36
N LYS D 307 16.43 23.39 3.31
CA LYS D 307 16.67 22.45 2.21
C LYS D 307 15.87 21.16 2.38
N ARG D 308 15.28 20.92 3.56
CA ARG D 308 14.51 19.70 3.76
C ARG D 308 13.15 19.77 3.08
N ARG D 309 12.53 20.94 3.07
CA ARG D 309 11.23 21.16 2.43
C ARG D 309 11.47 22.12 1.27
N ILE D 310 11.88 21.57 0.13
CA ILE D 310 12.34 22.41 -0.96
C ILE D 310 11.71 21.94 -2.28
N ASN D 311 10.52 21.35 -2.16
CA ASN D 311 9.87 20.41 -3.08
C ASN D 311 9.99 20.70 -4.58
N GLU D 312 10.10 21.96 -5.00
CA GLU D 312 10.31 22.26 -6.41
C GLU D 312 11.39 23.30 -6.56
N ILE D 313 12.09 23.26 -7.70
CA ILE D 313 13.12 24.23 -8.05
C ILE D 313 12.97 24.61 -9.53
N ARG D 314 12.84 25.89 -9.83
CA ARG D 314 12.82 26.37 -11.20
C ARG D 314 14.08 27.17 -11.49
N LEU D 315 14.52 27.16 -12.75
CA LEU D 315 15.68 27.93 -13.18
C LEU D 315 15.32 28.74 -14.43
N SER D 316 15.91 29.92 -14.56
CA SER D 316 15.56 30.81 -15.66
C SER D 316 16.74 31.73 -15.99
N ARG D 317 16.69 32.28 -17.21
CA ARG D 317 17.52 33.40 -17.66
C ARG D 317 19.01 33.10 -17.66
N MET D 318 19.39 31.84 -17.82
CA MET D 318 20.81 31.50 -17.84
C MET D 318 21.17 30.88 -19.20
N ASN D 319 22.42 30.45 -19.34
CA ASN D 319 22.89 29.87 -20.59
C ASN D 319 23.40 28.44 -20.43
N GLN D 320 24.25 28.17 -19.42
CA GLN D 320 24.80 26.85 -19.20
C GLN D 320 24.70 26.50 -17.72
N ILE D 321 24.15 25.31 -17.45
CA ILE D 321 23.97 24.90 -16.06
C ILE D 321 25.21 24.20 -15.52
N SER D 322 26.01 23.57 -16.39
CA SER D 322 27.05 22.65 -15.95
C SER D 322 28.47 23.21 -16.12
N ARG D 323 28.62 24.43 -16.61
CA ARG D 323 29.94 24.99 -16.84
C ARG D 323 30.62 25.34 -15.53
N THR D 324 31.95 25.52 -15.61
CA THR D 324 32.85 25.82 -14.48
C THR D 324 32.70 24.83 -13.34
N GLY D 325 32.53 23.56 -13.66
CA GLY D 325 32.33 22.54 -12.64
C GLY D 325 31.39 21.44 -13.06
N LEU D 326 30.34 21.22 -12.27
CA LEU D 326 29.44 20.11 -12.49
C LEU D 326 28.11 20.46 -11.85
N ALA D 327 27.03 20.05 -12.51
CA ALA D 327 25.67 20.34 -12.04
C ALA D 327 25.19 19.14 -11.23
N ASP D 328 25.40 19.21 -9.92
CA ASP D 328 25.08 18.11 -9.01
C ASP D 328 24.08 18.60 -7.98
N PHE D 329 22.94 17.91 -7.90
CA PHE D 329 21.85 18.28 -7.00
C PHE D 329 21.77 17.39 -5.78
N THR D 330 22.87 16.72 -5.41
CA THR D 330 22.83 15.66 -4.42
C THR D 330 22.55 16.17 -3.01
N ARG D 331 22.86 17.44 -2.74
CA ARG D 331 22.62 18.01 -1.42
C ARG D 331 21.13 18.23 -1.18
N TRP D 332 20.42 18.73 -2.19
CA TRP D 332 19.00 19.04 -2.07
C TRP D 332 18.20 17.75 -2.03
N ASP D 333 17.80 17.31 -0.84
CA ASP D 333 16.86 16.21 -0.75
C ASP D 333 15.46 16.68 -1.11
N ASN D 334 14.59 15.71 -1.41
CA ASN D 334 13.14 15.88 -1.58
C ASN D 334 12.81 16.85 -2.72
N LEU D 335 13.16 16.42 -3.93
CA LEU D 335 12.75 17.10 -5.15
C LEU D 335 11.81 16.20 -5.92
N GLN D 336 10.57 16.63 -6.09
CA GLN D 336 9.62 15.92 -6.93
C GLN D 336 9.33 16.65 -8.23
N LYS D 337 9.95 17.81 -8.47
CA LYS D 337 9.80 18.48 -9.75
C LYS D 337 11.02 19.38 -9.96
N LEU D 338 11.16 19.85 -11.20
CA LEU D 338 12.28 20.69 -11.61
C LEU D 338 11.96 21.34 -12.94
N VAL D 339 12.29 22.63 -13.10
CA VAL D 339 11.94 23.38 -14.30
C VAL D 339 13.21 24.04 -14.83
N LEU D 340 13.54 23.76 -16.10
CA LEU D 340 14.66 24.41 -16.79
C LEU D 340 14.07 25.28 -17.89
N SER D 341 14.09 26.59 -17.70
CA SER D 341 13.45 27.53 -18.61
C SER D 341 14.45 28.51 -19.18
N ARG D 342 14.42 28.66 -20.51
CA ARG D 342 15.16 29.67 -21.26
C ARG D 342 16.66 29.60 -21.02
N VAL D 343 17.20 28.39 -21.21
CA VAL D 343 18.61 28.10 -20.99
C VAL D 343 19.21 27.72 -22.33
N ALA D 344 20.45 28.15 -22.59
CA ALA D 344 21.03 27.94 -23.91
C ALA D 344 21.51 26.50 -24.10
N TYR D 345 22.50 26.07 -23.33
CA TYR D 345 23.14 24.77 -23.54
C TYR D 345 23.24 24.04 -22.22
N ILE D 346 22.55 22.90 -22.10
CA ILE D 346 22.73 22.02 -20.96
C ILE D 346 23.25 20.68 -21.45
N ASP D 347 23.72 19.88 -20.51
CA ASP D 347 24.27 18.56 -20.80
C ASP D 347 23.74 17.59 -19.75
N LEU D 348 22.81 16.72 -20.17
CA LEU D 348 22.23 15.76 -19.23
C LEU D 348 23.24 14.71 -18.78
N ASN D 349 24.28 14.47 -19.59
CA ASN D 349 25.32 13.51 -19.22
C ASN D 349 26.11 13.96 -18.01
N SER D 350 26.24 15.27 -17.81
CA SER D 350 26.97 15.78 -16.66
C SER D 350 26.13 15.80 -15.40
N ILE D 351 24.82 15.96 -15.52
CA ILE D 351 23.95 16.21 -14.37
C ILE D 351 23.64 14.89 -13.68
N VAL D 352 23.81 14.85 -12.36
CA VAL D 352 23.32 13.76 -11.54
C VAL D 352 22.09 14.25 -10.79
N PHE D 353 21.40 13.31 -10.17
CA PHE D 353 20.09 13.62 -9.60
C PHE D 353 19.95 13.00 -8.22
N PRO D 354 19.12 13.59 -7.36
CA PRO D 354 18.98 13.07 -5.99
C PRO D 354 18.23 11.75 -5.93
N LYS D 355 18.20 11.19 -4.73
CA LYS D 355 17.25 10.15 -4.39
C LYS D 355 15.84 10.74 -4.41
N ASN D 356 14.88 9.92 -4.86
CA ASN D 356 13.44 10.23 -4.85
C ASN D 356 13.13 11.45 -5.72
N PHE D 357 13.70 11.46 -6.92
CA PHE D 357 13.49 12.50 -7.91
C PHE D 357 12.40 12.05 -8.87
N LYS D 358 11.49 12.96 -9.22
CA LYS D 358 10.30 12.56 -9.97
C LYS D 358 10.20 13.20 -11.35
N SER D 359 10.19 14.52 -11.46
CA SER D 359 9.79 15.16 -12.71
C SER D 359 10.96 15.86 -13.37
N LEU D 360 10.76 16.23 -14.64
CA LEU D 360 11.79 16.92 -15.41
C LEU D 360 11.07 17.70 -16.52
N THR D 361 11.04 19.01 -16.38
CA THR D 361 10.37 19.89 -17.34
C THR D 361 11.38 20.86 -17.91
N MET D 362 11.42 20.98 -19.24
CA MET D 362 12.34 21.89 -19.92
C MET D 362 11.56 22.75 -20.90
N LYS D 363 11.62 24.07 -20.69
CA LYS D 363 11.03 25.05 -21.60
C LYS D 363 11.95 25.30 -22.78
N ARG D 364 11.73 26.42 -23.50
CA ARG D 364 12.43 26.72 -24.74
C ARG D 364 13.95 26.84 -24.56
N VAL D 365 14.68 25.90 -25.15
CA VAL D 365 16.13 25.85 -25.06
C VAL D 365 16.71 25.77 -26.47
N SER D 366 18.02 25.89 -26.55
CA SER D 366 18.75 25.71 -27.80
C SER D 366 19.17 24.25 -27.91
N LYS D 367 20.12 23.96 -28.79
CA LYS D 367 20.67 22.60 -28.96
C LYS D 367 21.28 22.08 -27.67
N ILE D 368 20.78 20.94 -27.20
CA ILE D 368 21.23 20.34 -25.95
C ILE D 368 21.64 18.88 -26.21
N LYS D 369 22.45 18.35 -25.29
CA LYS D 369 22.83 16.95 -25.34
C LYS D 369 21.97 16.13 -24.38
N TRP D 370 21.69 14.90 -24.81
CA TRP D 370 20.87 13.96 -24.07
C TRP D 370 21.80 12.94 -23.41
N TRP D 371 21.20 11.89 -22.85
CA TRP D 371 21.95 10.83 -22.18
C TRP D 371 22.76 10.00 -23.19
N ASN D 372 23.63 9.15 -22.65
CA ASN D 372 24.50 8.30 -23.46
C ASN D 372 23.96 6.89 -23.62
N ILE D 373 22.65 6.76 -23.75
CA ILE D 373 22.01 5.45 -23.76
C ILE D 373 22.34 4.68 -25.03
N GLU D 374 22.29 5.35 -26.19
CA GLU D 374 22.54 4.69 -27.47
C GLU D 374 24.00 4.26 -27.61
N GLU D 375 24.92 5.03 -27.03
CA GLU D 375 26.32 4.62 -27.01
C GLU D 375 26.54 3.41 -26.09
N ASN D 376 25.65 3.20 -25.13
CA ASN D 376 25.74 2.04 -24.26
C ASN D 376 25.06 0.80 -24.84
N ILE D 377 24.02 0.98 -25.67
CA ILE D 377 23.52 -0.15 -26.45
C ILE D 377 24.52 -0.54 -27.54
N LEU D 378 25.15 0.46 -28.16
CA LEU D 378 26.17 0.18 -29.18
C LEU D 378 27.39 -0.52 -28.59
N LYS D 379 27.72 -0.22 -27.34
CA LYS D 379 28.80 -0.92 -26.66
C LYS D 379 28.34 -2.18 -25.94
N GLU D 380 27.08 -2.59 -26.13
CA GLU D 380 26.58 -3.83 -25.54
C GLU D 380 26.54 -4.96 -26.57
N LEU D 381 25.83 -4.73 -27.68
CA LEU D 381 25.68 -5.74 -28.71
C LEU D 381 26.93 -5.90 -29.56
N LYS D 382 27.89 -4.98 -29.44
CA LYS D 382 29.09 -4.89 -30.28
C LYS D 382 28.72 -4.85 -31.76
N VAL D 383 27.87 -3.87 -32.09
CA VAL D 383 27.32 -3.74 -33.43
C VAL D 383 27.53 -2.30 -33.87
N ASP D 384 27.67 -2.11 -35.19
CA ASP D 384 28.06 -0.82 -35.73
C ASP D 384 26.88 0.16 -35.75
N LYS D 385 27.17 1.40 -36.15
CA LYS D 385 26.15 2.44 -36.17
C LYS D 385 25.18 2.24 -37.33
N ARG D 386 25.71 1.99 -38.53
CA ARG D 386 24.86 1.83 -39.70
C ARG D 386 24.07 0.53 -39.65
N THR D 387 24.64 -0.51 -39.04
CA THR D 387 23.91 -1.75 -38.83
C THR D 387 22.87 -1.62 -37.73
N PHE D 388 23.07 -0.71 -36.77
CA PHE D 388 22.03 -0.43 -35.80
C PHE D 388 20.92 0.42 -36.40
N LYS D 389 21.24 1.25 -37.40
CA LYS D 389 20.22 2.01 -38.11
C LYS D 389 19.31 1.12 -38.95
N SER D 390 19.75 -0.10 -39.27
CA SER D 390 18.88 -1.12 -39.86
C SER D 390 18.36 -2.10 -38.81
N LEU D 391 18.69 -1.88 -37.53
CA LEU D 391 18.20 -2.70 -36.44
C LEU D 391 17.01 -2.08 -35.72
N TYR D 392 16.82 -0.77 -35.86
CA TYR D 392 15.73 -0.05 -35.23
C TYR D 392 14.49 -0.15 -36.11
N ILE D 393 13.55 -1.01 -35.70
CA ILE D 393 12.32 -1.21 -36.47
C ILE D 393 11.40 -0.01 -36.29
N LYS D 394 10.48 0.17 -37.23
CA LYS D 394 9.44 1.19 -37.15
C LYS D 394 8.07 0.56 -37.41
N GLU D 395 7.81 -0.56 -36.74
CA GLU D 395 6.63 -1.36 -37.02
C GLU D 395 5.39 -0.82 -36.33
N ASP D 396 5.41 -0.75 -35.01
CA ASP D 396 4.20 -0.46 -34.22
C ASP D 396 3.96 1.04 -34.08
N ASP D 397 3.88 1.76 -35.20
CA ASP D 397 3.72 3.21 -35.17
C ASP D 397 2.30 3.65 -35.50
N SER D 398 1.41 2.73 -35.87
CA SER D 398 0.07 3.07 -36.28
C SER D 398 -1.00 2.70 -35.26
N LYS D 399 -0.63 2.12 -34.12
CA LYS D 399 -1.62 1.73 -33.13
C LYS D 399 -2.03 2.91 -32.26
N PHE D 400 -1.09 3.45 -31.50
CA PHE D 400 -1.37 4.42 -30.46
C PHE D 400 -0.61 5.73 -30.65
N THR D 401 0.52 5.72 -31.34
CA THR D 401 1.32 6.93 -31.52
C THR D 401 0.64 7.92 -32.47
N LYS D 402 -0.35 7.47 -33.25
CA LYS D 402 -1.17 8.39 -34.03
C LYS D 402 -2.00 9.30 -33.15
N PHE D 403 -2.31 8.87 -31.92
CA PHE D 403 -2.96 9.76 -30.96
C PHE D 403 -2.01 10.84 -30.45
N PHE D 404 -0.71 10.59 -30.47
CA PHE D 404 0.25 11.56 -29.95
C PHE D 404 0.36 12.81 -30.80
N ASN D 405 -0.08 12.75 -32.07
CA ASN D 405 -0.19 13.91 -32.98
C ASN D 405 1.16 14.57 -33.19
N LEU D 406 2.20 13.75 -33.36
CA LEU D 406 3.55 14.27 -33.50
C LEU D 406 3.78 14.83 -34.90
N ARG D 407 3.63 13.97 -35.92
CA ARG D 407 3.68 14.27 -37.36
C ARG D 407 5.06 14.68 -37.87
N HIS D 408 6.04 14.79 -36.98
CA HIS D 408 7.42 15.09 -37.36
C HIS D 408 8.38 14.03 -36.87
N THR D 409 8.28 13.64 -35.61
CA THR D 409 9.10 12.58 -35.03
C THR D 409 8.36 11.27 -35.22
N ARG D 410 8.85 10.44 -36.15
CA ARG D 410 8.35 9.07 -36.29
C ARG D 410 9.13 8.19 -35.33
N ILE D 411 8.44 7.64 -34.33
CA ILE D 411 9.15 6.90 -33.29
C ILE D 411 9.51 5.52 -33.82
N LYS D 412 10.59 4.96 -33.29
CA LYS D 412 11.11 3.69 -33.76
C LYS D 412 11.46 2.81 -32.58
N GLU D 413 11.24 1.51 -32.71
CA GLU D 413 11.52 0.54 -31.66
C GLU D 413 12.54 -0.48 -32.15
N LEU D 414 12.80 -1.48 -31.32
CA LEU D 414 13.67 -2.59 -31.69
C LEU D 414 12.85 -3.78 -32.16
N ASP D 415 13.38 -4.49 -33.15
CA ASP D 415 12.69 -5.65 -33.70
C ASP D 415 12.69 -6.80 -32.70
N LYS D 416 11.56 -7.52 -32.64
CA LYS D 416 11.47 -8.65 -31.74
C LYS D 416 12.19 -9.87 -32.30
N SER D 417 12.18 -10.04 -33.61
CA SER D 417 12.86 -11.18 -34.22
C SER D 417 14.37 -11.00 -34.25
N GLU D 418 14.84 -9.76 -34.28
CA GLU D 418 16.26 -9.47 -34.37
C GLU D 418 16.94 -9.36 -33.01
N ILE D 419 16.32 -9.89 -31.94
CA ILE D 419 16.90 -9.84 -30.60
C ILE D 419 16.31 -11.00 -29.82
N ASN D 420 17.01 -11.42 -28.77
CA ASN D 420 16.50 -12.43 -27.87
C ASN D 420 15.61 -11.78 -26.80
N GLN D 421 15.11 -12.59 -25.88
CA GLN D 421 14.27 -12.05 -24.81
C GLN D 421 15.14 -11.44 -23.72
N ILE D 422 16.13 -12.20 -23.23
CA ILE D 422 16.96 -11.76 -22.12
C ILE D 422 17.84 -10.59 -22.54
N THR D 423 18.27 -10.57 -23.81
CA THR D 423 19.03 -9.44 -24.29
C THR D 423 18.16 -8.19 -24.38
N TYR D 424 16.86 -8.35 -24.66
CA TYR D 424 15.95 -7.21 -24.68
C TYR D 424 15.71 -6.67 -23.28
N LEU D 425 15.61 -7.57 -22.29
CA LEU D 425 15.50 -7.15 -20.89
C LEU D 425 16.77 -6.45 -20.42
N ARG D 426 17.93 -6.91 -20.89
CA ARG D 426 19.19 -6.24 -20.55
C ARG D 426 19.28 -4.87 -21.22
N CYS D 427 18.70 -4.74 -22.42
CA CYS D 427 18.61 -3.43 -23.08
C CYS D 427 17.76 -2.47 -22.28
N GLN D 428 16.63 -2.96 -21.75
CA GLN D 428 15.79 -2.14 -20.87
C GLN D 428 16.54 -1.75 -19.60
N ALA D 429 17.34 -2.67 -19.06
CA ALA D 429 18.12 -2.36 -17.87
C ALA D 429 19.20 -1.32 -18.15
N ILE D 430 19.78 -1.35 -19.34
CA ILE D 430 20.74 -0.31 -19.73
C ILE D 430 20.03 1.03 -19.89
N VAL D 431 18.80 1.02 -20.39
CA VAL D 431 18.02 2.25 -20.54
C VAL D 431 17.73 2.87 -19.18
N TRP D 432 17.34 2.04 -18.20
CA TRP D 432 16.99 2.60 -16.89
C TRP D 432 18.19 3.09 -16.11
N LEU D 433 19.39 2.62 -16.43
CA LEU D 433 20.60 3.22 -15.86
C LEU D 433 20.81 4.61 -16.43
N SER D 434 21.22 5.54 -15.55
CA SER D 434 21.23 7.00 -15.78
C SER D 434 19.84 7.54 -16.12
N PHE D 435 18.80 6.79 -15.74
CA PHE D 435 17.41 7.22 -15.94
C PHE D 435 16.57 6.75 -14.76
N ARG D 436 17.17 6.69 -13.57
CA ARG D 436 16.76 5.83 -12.45
C ARG D 436 15.34 6.06 -11.95
N THR D 437 15.08 7.24 -11.40
CA THR D 437 13.73 7.61 -10.97
C THR D 437 13.33 8.88 -11.71
N LEU D 438 12.41 8.74 -12.65
CA LEU D 438 11.81 9.85 -13.37
C LEU D 438 10.42 9.42 -13.78
N ASN D 439 9.44 10.32 -13.65
CA ASN D 439 8.11 9.97 -14.11
C ASN D 439 7.81 10.58 -15.47
N HIS D 440 7.91 11.89 -15.62
CA HIS D 440 7.57 12.48 -16.92
C HIS D 440 8.61 13.51 -17.31
N ILE D 441 8.86 13.58 -18.62
CA ILE D 441 9.74 14.58 -19.21
C ILE D 441 8.91 15.45 -20.12
N LYS D 442 8.82 16.72 -19.81
CA LYS D 442 8.04 17.66 -20.60
C LYS D 442 8.98 18.55 -21.40
N LEU D 443 8.68 18.72 -22.69
CA LEU D 443 9.51 19.49 -23.59
C LEU D 443 8.69 20.49 -24.38
N GLN D 444 9.06 21.76 -24.30
CA GLN D 444 8.65 22.76 -25.27
C GLN D 444 9.61 22.73 -26.45
N ASN D 445 9.59 23.77 -27.29
CA ASN D 445 10.48 23.83 -28.45
C ASN D 445 11.96 23.88 -28.08
N VAL D 446 12.69 22.82 -28.44
CA VAL D 446 14.11 22.73 -28.12
C VAL D 446 14.99 22.94 -29.36
N SER D 447 14.45 22.74 -30.57
CA SER D 447 14.99 23.09 -31.89
C SER D 447 16.16 22.24 -32.35
N GLU D 448 16.76 21.43 -31.46
CA GLU D 448 17.84 20.50 -31.78
C GLU D 448 18.14 19.65 -30.55
N VAL D 449 18.41 18.37 -30.78
CA VAL D 449 18.97 17.46 -29.78
C VAL D 449 20.09 16.68 -30.44
N PHE D 450 21.27 16.69 -29.83
CA PHE D 450 22.44 16.07 -30.46
C PHE D 450 22.35 14.55 -30.46
N ASN D 451 22.38 13.94 -29.27
CA ASN D 451 22.74 12.53 -29.16
C ASN D 451 21.52 11.64 -28.96
N ASN D 452 20.79 11.43 -30.06
CA ASN D 452 20.05 10.18 -30.32
C ASN D 452 19.03 9.76 -29.27
N ILE D 453 17.90 10.47 -29.17
CA ILE D 453 16.81 10.22 -28.21
C ILE D 453 16.36 8.76 -28.20
N ILE D 454 16.53 8.08 -27.07
CA ILE D 454 16.11 6.69 -26.93
C ILE D 454 15.53 6.44 -25.53
N VAL D 455 14.21 6.49 -25.42
CA VAL D 455 13.48 6.68 -24.16
C VAL D 455 12.79 5.36 -23.83
N PRO D 456 12.47 5.05 -22.57
CA PRO D 456 11.72 3.83 -22.29
C PRO D 456 10.23 3.97 -22.55
N ARG D 457 9.62 2.84 -22.90
CA ARG D 457 8.21 2.80 -23.23
C ARG D 457 7.33 2.96 -22.00
N ALA D 458 7.83 2.56 -20.83
CA ALA D 458 7.07 2.67 -19.59
C ALA D 458 6.75 4.13 -19.23
N LEU D 459 7.53 5.08 -19.72
CA LEU D 459 7.15 6.48 -19.65
C LEU D 459 6.64 7.01 -20.99
N PHE D 460 6.64 6.17 -22.03
CA PHE D 460 6.15 6.59 -23.34
C PHE D 460 4.79 6.00 -23.68
N ASP D 461 4.45 4.81 -23.15
CA ASP D 461 3.19 4.20 -23.50
C ASP D 461 2.03 4.90 -22.81
N SER D 462 2.18 5.24 -21.54
CA SER D 462 1.34 6.24 -20.92
C SER D 462 1.79 7.61 -21.41
N LYS D 463 0.96 8.63 -21.20
CA LYS D 463 1.31 9.97 -21.64
C LYS D 463 2.21 10.66 -20.63
N ARG D 464 3.42 10.15 -20.44
CA ARG D 464 4.35 10.81 -19.53
C ARG D 464 5.41 11.59 -20.31
N VAL D 465 6.13 10.93 -21.20
CA VAL D 465 7.10 11.63 -22.05
C VAL D 465 6.32 12.46 -23.06
N GLU D 466 6.29 13.77 -22.85
CA GLU D 466 5.45 14.67 -23.63
C GLU D 466 6.35 15.67 -24.34
N ILE D 467 6.47 15.55 -25.66
CA ILE D 467 7.04 16.58 -26.50
C ILE D 467 5.88 17.26 -27.22
N TYR D 468 5.93 18.60 -27.29
CA TYR D 468 4.76 19.35 -27.73
C TYR D 468 4.97 20.09 -29.04
N ARG D 469 5.94 20.98 -29.13
CA ARG D 469 6.17 21.74 -30.35
C ARG D 469 7.61 21.52 -30.80
N CYS D 470 7.84 20.43 -31.53
CA CYS D 470 9.18 20.10 -32.02
C CYS D 470 9.03 19.53 -33.42
N GLU D 471 9.08 20.40 -34.42
CA GLU D 471 9.18 19.95 -35.81
C GLU D 471 10.63 19.74 -36.22
N LYS D 472 11.58 20.36 -35.52
CA LYS D 472 12.98 20.22 -35.87
C LYS D 472 13.56 18.90 -35.38
N ILE D 473 13.03 18.38 -34.27
CA ILE D 473 13.39 17.04 -33.81
C ILE D 473 12.81 16.01 -34.78
N SER D 474 13.57 14.96 -35.05
CA SER D 474 13.10 13.96 -35.99
C SER D 474 13.14 12.54 -35.47
N GLN D 475 14.15 12.19 -34.68
CA GLN D 475 14.41 10.81 -34.29
C GLN D 475 14.04 10.61 -32.83
N VAL D 476 13.03 9.79 -32.58
CA VAL D 476 12.68 9.34 -31.23
C VAL D 476 12.67 7.82 -31.24
N LEU D 477 13.53 7.22 -30.43
CA LEU D 477 13.58 5.78 -30.25
C LEU D 477 12.88 5.46 -28.94
N VAL D 478 12.13 4.36 -28.91
CA VAL D 478 11.35 3.93 -27.75
C VAL D 478 11.61 2.45 -27.50
N ILE D 479 12.01 2.10 -26.28
CA ILE D 479 12.32 0.71 -25.94
C ILE D 479 11.33 0.21 -24.90
N GLY D 480 10.70 -0.91 -25.19
CA GLY D 480 9.81 -1.58 -24.26
C GLY D 480 8.75 -2.34 -25.02
N SER D 481 8.13 -3.29 -24.32
CA SER D 481 7.09 -4.10 -24.94
C SER D 481 5.75 -3.36 -24.88
N ARG D 482 5.06 -3.31 -26.01
CA ARG D 482 3.74 -2.68 -26.10
C ARG D 482 2.61 -3.69 -25.97
N SER D 483 2.85 -4.81 -25.29
CA SER D 483 1.85 -5.86 -25.16
C SER D 483 0.71 -5.45 -24.23
#